data_8TGV
#
_entry.id   8TGV
#
_cell.length_a   1.00
_cell.length_b   1.00
_cell.length_c   1.00
_cell.angle_alpha   90.00
_cell.angle_beta   90.00
_cell.angle_gamma   90.00
#
_symmetry.space_group_name_H-M   'P 1'
#
loop_
_entity.id
_entity.type
_entity.pdbx_description
1 polymer 'envelope glycoprotein E2'
2 polymer 'HC84.26 Heavy chain'
3 polymer 'HC84.26 Light chain'
4 branched beta-D-mannopyranose-(1-4)-2-acetamido-2-deoxy-beta-D-glucopyranose-(1-4)-2-acetamido-2-deoxy-beta-D-glucopyranose
5 branched 2-acetamido-2-deoxy-beta-D-glucopyranose-(1-4)-2-acetamido-2-deoxy-beta-D-glucopyranose
6 non-polymer 2-acetamido-2-deoxy-beta-D-glucopyranose
#
loop_
_entity_poly.entity_id
_entity_poly.type
_entity_poly.pdbx_seq_one_letter_code
_entity_poly.pdbx_strand_id
1 'polypeptide(L)'
;METDTLLLWVLLLWVPGSTGDSTHVTGGTASHTTRHFASLFSSGASQRVQLINTNGSWHINRTALNCNDSLHTGFLAALF
YTHKFNASGCPERMAHCRPIDEFAQGWGPITYAEGHGSDQRPYCWHYAPRQCGTIPASQVCGPVYCFTPSPVVVGTTDRF
GAPTYTWGENETDVLILNNTRPPQGNWFGCTWMNSTGFTKTCGGPPCNIGGVGNNTLTCPTDCFRKHPEATYTKCGSGPW
LTPRCLVDYPYRLWHYPCTVNFTIFKVRMYVGGVEHRLNAACNIGHHHHHH
;
A,D,G
2 'polypeptide(L)'
;METDTLLLWVLLLWVPGSTGDQVQPVQSGAEVKKPGSSVKVSCEASGGTHSNYVITWVRQAPGQGLEWMGGFIPDFRTAM
YAQGFQGRVTITADESTSLAYMELTNLRSEDTAVYYCARGPLSRGYYDYWGPGTLVTVSASTKGPSVFPLAPSSKSTSGG
TAALGCLVKDYFPEPVTVSWNSGALTSGVHTFPAVLQSSGLYSLSSVVTVPSSSLGTQTYICNVNHKPSNTKVDKRVEPK
SCDKTAGWSHPQFEK
;
E,B,I,K
3 'polypeptide(L)'
;METDTLLLWVLLLWVPGSTGDSYVLTQPPSVSVAPGQTASITCSGDKLGDKYVSWYQQRPGQSPVLVLYQDSKRPSGIPE
RFSGSNSGNTATLTISGTQAMDEADYYCQAWDSSALVFGGGTKLTVLRTVAAPSVFIFPPSDEQLKSGTASVVCLLNNFY
PREAKVQWKVDNALQSGNSQESVTEQDSKDSTYSLSSTLTLSKADYEKHKVYACEVTHQGLSSPVTKSFNRGEC
;
F,C,J,L
#
# COMPACT_ATOMS: atom_id res chain seq x y z
N ASN A 53 21.93 -75.85 -0.96
CA ASN A 53 20.81 -74.91 -0.81
C ASN A 53 21.29 -73.60 -0.23
N THR A 54 20.47 -72.55 -0.36
CA THR A 54 20.79 -71.22 0.16
C THR A 54 19.57 -70.68 0.89
N ASN A 55 19.66 -70.59 2.21
CA ASN A 55 18.60 -70.05 3.03
C ASN A 55 18.89 -68.59 3.36
N GLY A 56 17.98 -67.96 4.10
CA GLY A 56 18.13 -66.58 4.49
C GLY A 56 17.80 -65.57 3.41
N SER A 57 17.35 -66.02 2.24
CA SER A 57 16.98 -65.12 1.14
C SER A 57 18.17 -64.24 0.74
N TRP A 58 19.26 -64.90 0.36
CA TRP A 58 20.44 -64.19 -0.13
C TRP A 58 21.13 -65.07 -1.17
N HIS A 59 20.82 -64.84 -2.43
CA HIS A 59 21.48 -65.50 -3.55
C HIS A 59 22.14 -64.45 -4.43
N ILE A 60 23.25 -64.82 -5.07
CA ILE A 60 24.11 -63.80 -5.67
C ILE A 60 23.87 -63.70 -7.17
N ASN A 61 24.25 -64.73 -7.92
CA ASN A 61 23.99 -64.73 -9.36
C ASN A 61 23.70 -66.10 -9.95
N ARG A 62 23.61 -67.16 -9.16
CA ARG A 62 23.48 -68.49 -9.75
C ARG A 62 22.14 -68.74 -10.38
N THR A 63 21.24 -67.76 -10.45
CA THR A 63 19.99 -67.94 -11.15
C THR A 63 20.24 -68.16 -12.64
N ALA A 64 19.38 -68.97 -13.25
CA ALA A 64 19.48 -69.26 -14.69
C ALA A 64 18.65 -68.22 -15.45
N LEU A 65 19.33 -67.36 -16.21
CA LEU A 65 18.69 -66.26 -16.92
C LEU A 65 18.52 -66.65 -18.38
N ASN A 66 17.53 -67.51 -18.64
CA ASN A 66 17.18 -67.94 -19.98
C ASN A 66 15.67 -67.78 -20.14
N CYS A 67 15.24 -66.59 -20.56
CA CYS A 67 13.83 -66.27 -20.74
C CYS A 67 13.60 -65.84 -22.18
N ASN A 68 12.71 -66.54 -22.87
CA ASN A 68 12.43 -66.23 -24.27
C ASN A 68 11.60 -64.96 -24.37
N ASP A 69 11.79 -64.23 -25.48
CA ASP A 69 11.04 -63.03 -25.77
C ASP A 69 10.27 -63.11 -27.07
N SER A 70 10.36 -64.23 -27.80
CA SER A 70 9.65 -64.34 -29.07
C SER A 70 8.14 -64.24 -28.88
N LEU A 71 7.62 -64.89 -27.84
CA LEU A 71 6.19 -64.84 -27.59
C LEU A 71 5.76 -63.42 -27.22
N HIS A 72 4.53 -63.08 -27.61
CA HIS A 72 3.97 -61.76 -27.35
C HIS A 72 3.21 -61.70 -26.04
N THR A 73 3.18 -62.78 -25.27
CA THR A 73 2.42 -62.79 -24.03
C THR A 73 2.92 -61.74 -23.04
N GLY A 74 4.20 -61.38 -23.13
CA GLY A 74 4.74 -60.36 -22.25
C GLY A 74 4.69 -60.74 -20.77
N PHE A 75 4.95 -62.01 -20.47
CA PHE A 75 4.96 -62.44 -19.08
C PHE A 75 6.01 -61.68 -18.28
N LEU A 76 7.19 -61.49 -18.87
CA LEU A 76 8.22 -60.70 -18.21
C LEU A 76 7.78 -59.25 -18.07
N ALA A 77 7.17 -58.69 -19.11
CA ALA A 77 6.73 -57.29 -19.05
C ALA A 77 5.68 -57.10 -17.97
N ALA A 78 4.94 -58.15 -17.62
CA ALA A 78 3.91 -58.07 -16.60
C ALA A 78 4.47 -58.23 -15.19
N LEU A 79 5.75 -57.96 -14.99
CA LEU A 79 6.34 -58.03 -13.67
C LEU A 79 6.18 -56.73 -12.89
N PHE A 80 6.24 -55.58 -13.58
CA PHE A 80 6.08 -54.30 -12.89
C PHE A 80 4.71 -54.20 -12.23
N TYR A 81 3.67 -54.60 -12.93
CA TYR A 81 2.30 -54.46 -12.47
C TYR A 81 1.52 -55.73 -12.75
N THR A 82 0.56 -56.02 -11.88
CA THR A 82 -0.32 -57.18 -12.03
C THR A 82 -1.75 -56.71 -12.11
N HIS A 83 -2.57 -57.40 -12.90
CA HIS A 83 -3.93 -56.96 -13.15
C HIS A 83 -4.82 -57.28 -11.97
N LYS A 84 -6.06 -56.82 -12.06
CA LYS A 84 -7.06 -57.11 -11.04
C LYS A 84 -7.56 -58.54 -11.16
N PHE A 85 -8.26 -59.00 -10.12
CA PHE A 85 -8.76 -60.36 -10.11
C PHE A 85 -9.71 -60.62 -11.28
N ASN A 86 -10.61 -59.68 -11.54
CA ASN A 86 -11.64 -59.84 -12.56
C ASN A 86 -11.26 -59.25 -13.90
N ALA A 87 -10.02 -58.78 -14.05
CA ALA A 87 -9.57 -58.20 -15.30
C ALA A 87 -8.72 -59.14 -16.14
N SER A 88 -8.12 -60.16 -15.54
CA SER A 88 -7.25 -61.10 -16.24
C SER A 88 -7.94 -62.41 -16.57
N GLY A 89 -9.27 -62.48 -16.41
CA GLY A 89 -9.97 -63.72 -16.68
C GLY A 89 -9.60 -64.83 -15.72
N CYS A 90 -9.41 -64.52 -14.45
CA CYS A 90 -9.13 -65.56 -13.47
C CYS A 90 -10.28 -66.55 -13.30
N PRO A 91 -11.54 -66.12 -13.15
CA PRO A 91 -12.59 -67.09 -12.81
C PRO A 91 -12.78 -68.20 -13.83
N GLU A 92 -12.60 -67.92 -15.12
CA GLU A 92 -12.80 -68.97 -16.12
C GLU A 92 -11.75 -70.07 -15.96
N ARG A 93 -10.54 -69.72 -15.54
CA ARG A 93 -9.54 -70.73 -15.22
C ARG A 93 -9.84 -71.40 -13.89
N MET A 94 -10.32 -70.63 -12.91
CA MET A 94 -10.53 -71.15 -11.57
C MET A 94 -11.73 -72.09 -11.49
N ALA A 95 -12.65 -72.01 -12.44
CA ALA A 95 -13.86 -72.83 -12.41
C ALA A 95 -13.63 -74.26 -12.87
N HIS A 96 -12.37 -74.71 -12.96
CA HIS A 96 -12.09 -76.06 -13.40
C HIS A 96 -11.94 -77.05 -12.25
N CYS A 97 -11.70 -76.57 -11.03
CA CYS A 97 -11.56 -77.41 -9.86
C CYS A 97 -12.57 -76.98 -8.81
N ARG A 98 -13.25 -77.95 -8.21
CA ARG A 98 -14.25 -77.63 -7.19
C ARG A 98 -13.58 -77.02 -5.97
N PRO A 99 -14.20 -75.99 -5.36
CA PRO A 99 -13.53 -75.31 -4.24
C PRO A 99 -13.33 -76.19 -3.02
N ILE A 100 -14.42 -76.73 -2.47
CA ILE A 100 -14.36 -77.54 -1.26
C ILE A 100 -15.20 -78.80 -1.43
N ASP A 101 -15.64 -79.08 -2.65
CA ASP A 101 -16.50 -80.23 -2.94
C ASP A 101 -15.68 -81.26 -3.70
N GLU A 102 -15.59 -82.47 -3.15
CA GLU A 102 -14.84 -83.55 -3.77
C GLU A 102 -15.60 -84.86 -3.57
N PHE A 103 -15.20 -85.87 -4.34
CA PHE A 103 -15.81 -87.20 -4.25
C PHE A 103 -15.22 -87.92 -3.06
N ALA A 104 -15.88 -87.77 -1.91
CA ALA A 104 -15.42 -88.42 -0.67
C ALA A 104 -16.50 -88.32 0.40
N HIS A 116 -0.26 -89.21 -10.94
CA HIS A 116 0.68 -88.65 -11.88
C HIS A 116 -0.02 -87.74 -12.87
N GLY A 117 0.51 -86.52 -13.05
CA GLY A 117 -0.07 -85.58 -13.97
C GLY A 117 0.83 -84.38 -14.22
N SER A 118 1.02 -84.03 -15.49
CA SER A 118 1.87 -82.91 -15.87
C SER A 118 1.27 -82.12 -17.02
N ASP A 119 -0.05 -82.09 -17.13
CA ASP A 119 -0.75 -81.39 -18.21
C ASP A 119 -1.41 -80.12 -17.73
N GLN A 120 -2.27 -80.20 -16.72
CA GLN A 120 -2.95 -79.02 -16.22
C GLN A 120 -1.98 -78.09 -15.50
N ARG A 121 -2.28 -76.80 -15.55
CA ARG A 121 -1.46 -75.83 -14.84
C ARG A 121 -1.77 -75.86 -13.34
N PRO A 122 -0.78 -75.62 -12.49
CA PRO A 122 -1.00 -75.63 -11.03
C PRO A 122 -1.47 -74.27 -10.50
N TYR A 123 -2.67 -73.86 -10.94
CA TYR A 123 -3.21 -72.58 -10.52
C TYR A 123 -4.15 -72.69 -9.33
N CYS A 124 -4.66 -73.88 -9.03
CA CYS A 124 -5.48 -74.11 -7.86
C CYS A 124 -4.97 -75.34 -7.12
N TRP A 125 -5.31 -75.42 -5.84
CA TRP A 125 -4.65 -76.39 -4.96
C TRP A 125 -4.93 -77.83 -5.35
N HIS A 126 -5.91 -78.08 -6.19
CA HIS A 126 -6.17 -79.43 -6.70
C HIS A 126 -5.10 -79.77 -7.74
N TYR A 127 -4.08 -80.51 -7.33
CA TYR A 127 -3.02 -80.88 -8.26
C TYR A 127 -2.33 -82.14 -7.75
N ALA A 128 -1.64 -82.82 -8.67
CA ALA A 128 -0.89 -84.03 -8.38
C ALA A 128 0.51 -83.89 -8.97
N PRO A 129 1.37 -83.08 -8.35
CA PRO A 129 2.70 -82.88 -8.90
C PRO A 129 3.51 -84.18 -8.95
N ARG A 130 4.33 -84.30 -9.98
CA ARG A 130 5.19 -85.46 -10.15
C ARG A 130 6.50 -85.26 -9.38
N GLN A 131 7.46 -86.14 -9.60
CA GLN A 131 8.75 -86.08 -8.92
C GLN A 131 9.80 -85.56 -9.88
N CYS A 132 10.63 -84.63 -9.40
CA CYS A 132 11.69 -84.01 -10.19
C CYS A 132 13.03 -84.30 -9.55
N GLY A 133 13.94 -84.88 -10.33
CA GLY A 133 15.29 -85.11 -9.85
C GLY A 133 16.28 -84.06 -10.33
N THR A 134 16.31 -83.83 -11.64
CA THR A 134 17.20 -82.84 -12.24
C THR A 134 16.54 -82.28 -13.49
N ILE A 135 16.62 -80.97 -13.66
CA ILE A 135 15.97 -80.27 -14.76
C ILE A 135 17.02 -79.47 -15.53
N PRO A 136 16.96 -79.42 -16.86
CA PRO A 136 17.92 -78.58 -17.59
C PRO A 136 17.77 -77.12 -17.22
N ALA A 137 18.91 -76.43 -17.21
CA ALA A 137 18.92 -75.00 -16.91
C ALA A 137 18.58 -74.14 -18.11
N SER A 138 18.41 -74.73 -19.30
CA SER A 138 18.08 -73.95 -20.48
C SER A 138 16.65 -73.46 -20.48
N GLN A 139 15.80 -73.95 -19.58
CA GLN A 139 14.41 -73.55 -19.52
C GLN A 139 14.06 -72.69 -18.31
N VAL A 140 14.79 -72.85 -17.21
CA VAL A 140 14.46 -72.10 -16.00
C VAL A 140 14.61 -70.61 -16.27
N CYS A 141 13.61 -69.84 -15.86
CA CYS A 141 13.63 -68.38 -16.00
C CYS A 141 13.30 -67.77 -14.65
N GLY A 142 14.32 -67.22 -13.99
CA GLY A 142 14.15 -66.61 -12.69
C GLY A 142 14.53 -67.55 -11.57
N PRO A 143 14.59 -67.03 -10.34
CA PRO A 143 15.02 -67.87 -9.22
C PRO A 143 14.08 -69.05 -9.04
N VAL A 144 14.66 -70.18 -8.64
CA VAL A 144 13.90 -71.41 -8.40
C VAL A 144 13.69 -71.49 -6.89
N TYR A 145 12.58 -70.91 -6.42
CA TYR A 145 12.28 -70.98 -5.00
C TYR A 145 11.83 -72.38 -4.61
N CYS A 146 12.10 -72.75 -3.36
CA CYS A 146 11.60 -74.01 -2.84
C CYS A 146 11.27 -73.86 -1.36
N PHE A 147 10.36 -74.70 -0.89
CA PHE A 147 9.71 -74.55 0.41
C PHE A 147 10.14 -75.69 1.34
N THR A 148 10.90 -75.34 2.37
CA THR A 148 11.40 -76.27 3.37
C THR A 148 10.37 -76.76 4.39
N PRO A 149 9.32 -76.00 4.73
CA PRO A 149 8.60 -74.92 4.02
C PRO A 149 9.26 -73.54 3.98
N SER A 150 10.18 -73.21 4.87
CA SER A 150 10.78 -71.88 4.82
C SER A 150 11.43 -71.68 3.45
N PRO A 151 11.13 -70.58 2.75
CA PRO A 151 11.56 -70.47 1.35
C PRO A 151 13.07 -70.60 1.22
N VAL A 152 13.50 -71.32 0.19
CA VAL A 152 14.91 -71.55 -0.09
C VAL A 152 15.09 -71.59 -1.60
N VAL A 153 16.21 -71.06 -2.08
CA VAL A 153 16.50 -70.93 -3.50
C VAL A 153 17.66 -71.85 -3.85
N VAL A 154 17.47 -72.65 -4.90
CA VAL A 154 18.51 -73.56 -5.39
C VAL A 154 19.02 -73.04 -6.71
N GLY A 155 20.34 -72.87 -6.81
CA GLY A 155 20.97 -72.33 -7.99
C GLY A 155 21.54 -73.40 -8.90
N THR A 156 22.08 -72.93 -10.03
CA THR A 156 22.68 -73.83 -11.00
C THR A 156 23.93 -74.49 -10.42
N THR A 157 24.19 -75.72 -10.86
CA THR A 157 25.32 -76.47 -10.35
C THR A 157 25.88 -77.35 -11.46
N ASP A 158 27.18 -77.63 -11.36
CA ASP A 158 27.80 -78.58 -12.26
C ASP A 158 27.35 -80.00 -11.92
N ARG A 159 27.50 -80.90 -12.89
CA ARG A 159 26.99 -82.26 -12.72
C ARG A 159 27.66 -82.94 -11.53
N PHE A 160 28.98 -82.77 -11.38
CA PHE A 160 29.67 -83.32 -10.23
C PHE A 160 29.26 -82.65 -8.92
N GLY A 161 28.55 -81.53 -8.99
CA GLY A 161 28.15 -80.77 -7.82
C GLY A 161 28.91 -79.48 -7.63
N ALA A 162 29.81 -79.14 -8.55
CA ALA A 162 30.57 -77.90 -8.43
C ALA A 162 29.70 -76.71 -8.82
N PRO A 163 29.53 -75.70 -7.97
CA PRO A 163 28.75 -74.53 -8.37
C PRO A 163 29.34 -73.88 -9.62
N THR A 164 28.46 -73.43 -10.51
CA THR A 164 28.84 -72.76 -11.74
C THR A 164 28.28 -71.35 -11.74
N TYR A 165 28.99 -70.43 -12.40
CA TYR A 165 28.64 -69.02 -12.44
C TYR A 165 28.57 -68.61 -13.91
N THR A 166 27.41 -68.83 -14.53
CA THR A 166 27.21 -68.47 -15.92
C THR A 166 25.84 -67.86 -16.20
N TRP A 167 25.02 -67.63 -15.19
CA TRP A 167 23.66 -67.11 -15.38
C TRP A 167 22.84 -68.03 -16.28
N GLY A 168 23.19 -69.32 -16.31
CA GLY A 168 22.50 -70.28 -17.15
C GLY A 168 22.87 -70.23 -18.61
N GLU A 169 23.84 -69.39 -18.99
CA GLU A 169 24.25 -69.32 -20.39
C GLU A 169 24.83 -70.64 -20.88
N ASN A 170 25.67 -71.28 -20.06
CA ASN A 170 26.29 -72.53 -20.46
C ASN A 170 25.24 -73.62 -20.63
N GLU A 171 25.45 -74.49 -21.62
CA GLU A 171 24.45 -75.52 -21.92
C GLU A 171 24.50 -76.65 -20.91
N THR A 172 25.71 -77.04 -20.49
CA THR A 172 25.83 -78.16 -19.57
C THR A 172 25.26 -77.86 -18.18
N ASP A 173 25.07 -76.58 -17.87
CA ASP A 173 24.56 -76.23 -16.54
C ASP A 173 23.20 -76.88 -16.30
N VAL A 174 23.03 -77.50 -15.13
CA VAL A 174 21.80 -78.14 -14.74
C VAL A 174 21.49 -77.79 -13.29
N LEU A 175 20.23 -77.98 -12.92
CA LEU A 175 19.78 -77.82 -11.55
C LEU A 175 19.55 -79.19 -10.93
N ILE A 176 20.16 -79.43 -9.78
CA ILE A 176 20.08 -80.71 -9.08
C ILE A 176 19.13 -80.51 -7.90
N LEU A 177 17.88 -80.95 -8.07
CA LEU A 177 16.87 -80.87 -7.02
C LEU A 177 16.07 -82.17 -7.01
N ASN A 178 16.53 -83.13 -6.20
CA ASN A 178 15.83 -84.38 -5.98
C ASN A 178 15.04 -84.23 -4.69
N ASN A 179 13.71 -84.30 -4.81
CA ASN A 179 12.82 -83.96 -3.71
C ASN A 179 12.81 -85.07 -2.65
N THR A 180 12.69 -84.64 -1.39
CA THR A 180 12.58 -85.56 -0.26
C THR A 180 12.06 -84.76 0.93
N ARG A 181 11.33 -85.44 1.81
CA ARG A 181 10.74 -84.76 2.96
C ARG A 181 11.83 -84.34 3.94
N PRO A 182 11.66 -83.21 4.62
CA PRO A 182 12.69 -82.72 5.53
C PRO A 182 13.07 -83.75 6.57
N PRO A 183 12.11 -84.53 7.09
CA PRO A 183 12.51 -85.63 7.99
C PRO A 183 13.52 -86.57 7.36
N GLN A 184 13.39 -86.82 6.05
CA GLN A 184 14.38 -87.57 5.30
C GLN A 184 15.38 -86.67 4.57
N GLY A 185 15.24 -85.35 4.71
CA GLY A 185 16.14 -84.40 4.09
C GLY A 185 15.48 -83.70 2.90
N ASN A 186 16.06 -82.57 2.53
CA ASN A 186 15.61 -81.80 1.38
C ASN A 186 14.25 -81.14 1.63
N TRP A 187 13.39 -81.11 0.60
CA TRP A 187 12.17 -80.32 0.66
C TRP A 187 11.01 -81.13 0.07
N PHE A 188 9.79 -80.71 0.44
CA PHE A 188 8.60 -81.40 -0.06
C PHE A 188 8.51 -81.30 -1.58
N GLY A 189 8.79 -80.13 -2.11
CA GLY A 189 8.62 -79.85 -3.53
C GLY A 189 8.59 -78.35 -3.74
N CYS A 190 8.53 -77.97 -5.01
CA CYS A 190 8.55 -76.54 -5.31
C CYS A 190 8.29 -76.33 -6.79
N THR A 191 8.28 -75.06 -7.19
CA THR A 191 7.88 -74.60 -8.52
C THR A 191 8.94 -73.68 -9.09
N TRP A 192 8.72 -73.25 -10.33
CA TRP A 192 9.61 -72.31 -11.01
C TRP A 192 8.89 -71.84 -12.26
N MET A 193 9.58 -71.01 -13.05
CA MET A 193 9.04 -70.42 -14.27
C MET A 193 9.84 -70.91 -15.45
N ASN A 194 9.19 -71.63 -16.36
CA ASN A 194 9.89 -72.15 -17.53
C ASN A 194 9.83 -71.15 -18.68
N SER A 195 10.80 -71.25 -19.58
CA SER A 195 11.17 -70.13 -20.43
C SER A 195 9.98 -69.57 -21.20
N THR A 196 9.16 -70.44 -21.79
CA THR A 196 8.11 -69.97 -22.68
C THR A 196 7.14 -69.02 -22.01
N GLY A 197 7.05 -69.04 -20.68
CA GLY A 197 6.18 -68.12 -19.97
C GLY A 197 5.00 -68.79 -19.29
N PHE A 198 5.20 -70.01 -18.79
CA PHE A 198 4.21 -70.73 -18.01
C PHE A 198 4.88 -71.38 -16.81
N THR A 199 4.11 -71.56 -15.74
CA THR A 199 4.63 -72.12 -14.51
C THR A 199 4.69 -73.64 -14.58
N LYS A 200 5.55 -74.21 -13.74
CA LYS A 200 5.69 -75.66 -13.62
C LYS A 200 5.90 -76.02 -12.16
N THR A 201 5.56 -77.26 -11.82
CA THR A 201 5.62 -77.72 -10.44
C THR A 201 6.17 -79.14 -10.39
N CYS A 202 6.73 -79.49 -9.23
CA CYS A 202 7.21 -80.83 -8.98
C CYS A 202 7.35 -81.02 -7.47
N GLY A 203 7.04 -82.21 -6.99
CA GLY A 203 7.07 -82.46 -5.56
C GLY A 203 7.05 -83.94 -5.25
N GLY A 204 6.92 -84.24 -3.97
CA GLY A 204 6.91 -85.61 -3.50
C GLY A 204 5.60 -86.30 -3.77
N PRO A 205 5.42 -87.51 -3.25
CA PRO A 205 4.20 -88.27 -3.53
C PRO A 205 2.98 -87.54 -3.02
N PRO A 206 1.85 -87.59 -3.75
CA PRO A 206 0.62 -86.96 -3.25
C PRO A 206 0.03 -87.70 -2.05
N CYS A 207 0.67 -87.58 -0.90
CA CYS A 207 0.25 -88.25 0.33
C CYS A 207 0.39 -89.77 0.24
N ASN A 208 1.16 -90.26 -0.72
CA ASN A 208 1.39 -91.69 -0.88
C ASN A 208 0.09 -92.41 -1.23
N ILE A 209 0.10 -93.75 -1.14
CA ILE A 209 -1.07 -94.54 -1.48
C ILE A 209 -2.23 -94.33 -0.52
N GLY A 210 -2.00 -93.69 0.61
CA GLY A 210 -3.05 -93.46 1.58
C GLY A 210 -3.93 -92.28 1.24
N GLY A 211 -4.35 -92.20 -0.01
CA GLY A 211 -5.21 -91.09 -0.42
C GLY A 211 -6.56 -91.12 0.27
N VAL A 212 -7.14 -92.30 0.42
CA VAL A 212 -8.44 -92.45 1.07
C VAL A 212 -9.51 -91.75 0.25
N THR A 216 -13.14 -89.97 -6.91
CA THR A 216 -11.74 -89.95 -6.51
C THR A 216 -11.44 -88.72 -5.67
N LEU A 217 -10.35 -88.79 -4.90
CA LEU A 217 -9.95 -87.67 -4.05
C LEU A 217 -8.46 -87.78 -3.78
N THR A 218 -7.69 -86.85 -4.32
CA THR A 218 -6.25 -86.79 -4.12
C THR A 218 -5.93 -85.66 -3.16
N CYS A 219 -5.09 -85.93 -2.16
CA CYS A 219 -4.74 -84.94 -1.15
C CYS A 219 -3.27 -84.57 -1.27
N PRO A 220 -2.93 -83.47 -1.94
CA PRO A 220 -1.53 -83.02 -1.94
C PRO A 220 -1.13 -82.22 -0.71
N THR A 221 -2.09 -81.89 0.16
CA THR A 221 -1.83 -81.10 1.36
C THR A 221 -3.12 -81.00 2.14
N ASP A 222 -3.00 -80.60 3.40
CA ASP A 222 -4.16 -80.38 4.26
C ASP A 222 -5.04 -81.63 4.33
N CYS A 223 -6.22 -81.58 3.70
CA CYS A 223 -7.19 -82.66 3.75
C CYS A 223 -7.30 -83.25 5.15
N PHE A 224 -7.30 -82.37 6.16
CA PHE A 224 -7.33 -82.84 7.54
C PHE A 224 -8.64 -83.57 7.85
N ARG A 225 -9.77 -83.04 7.38
CA ARG A 225 -11.06 -83.61 7.72
C ARG A 225 -11.42 -84.83 6.87
N LYS A 226 -10.72 -85.04 5.75
CA LYS A 226 -11.02 -86.14 4.84
C LYS A 226 -10.08 -87.33 5.01
N HIS A 227 -9.23 -87.31 6.03
CA HIS A 227 -8.25 -88.37 6.23
C HIS A 227 -8.00 -88.52 7.72
N PRO A 228 -7.33 -89.60 8.14
CA PRO A 228 -7.07 -89.79 9.57
C PRO A 228 -6.05 -88.79 10.11
N GLU A 229 -6.50 -87.55 10.33
CA GLU A 229 -5.63 -86.49 10.84
C GLU A 229 -4.47 -86.23 9.87
N ALA A 230 -4.82 -86.05 8.60
CA ALA A 230 -3.83 -85.74 7.58
C ALA A 230 -3.38 -84.29 7.74
N THR A 231 -2.06 -84.08 7.76
CA THR A 231 -1.48 -82.76 7.94
C THR A 231 -0.43 -82.53 6.87
N TYR A 232 -0.02 -81.26 6.76
CA TYR A 232 1.03 -80.91 5.80
C TYR A 232 2.32 -81.64 6.14
N THR A 233 2.65 -81.74 7.44
CA THR A 233 3.88 -82.39 7.86
C THR A 233 3.95 -83.85 7.40
N LYS A 234 2.80 -84.46 7.10
CA LYS A 234 2.77 -85.85 6.66
C LYS A 234 2.54 -86.00 5.16
N CYS A 235 1.78 -85.11 4.54
CA CYS A 235 1.42 -85.24 3.13
C CYS A 235 1.59 -83.92 2.40
N GLY A 236 2.75 -83.29 2.58
CA GLY A 236 3.04 -82.04 1.90
C GLY A 236 3.71 -82.25 0.54
N SER A 237 3.23 -81.51 -0.45
CA SER A 237 3.82 -81.52 -1.78
C SER A 237 4.32 -80.15 -2.22
N GLY A 238 3.48 -79.12 -2.15
CA GLY A 238 3.80 -77.83 -2.69
C GLY A 238 3.63 -76.69 -1.69
N PRO A 239 3.52 -75.46 -2.19
CA PRO A 239 3.38 -74.30 -1.29
C PRO A 239 2.03 -74.20 -0.62
N TRP A 240 1.05 -74.98 -1.06
CA TRP A 240 -0.30 -74.90 -0.49
C TRP A 240 -0.32 -75.49 0.92
N LEU A 241 -0.14 -74.63 1.92
CA LEU A 241 -0.25 -75.11 3.30
C LEU A 241 -1.65 -75.62 3.59
N THR A 242 -2.67 -74.92 3.11
CA THR A 242 -4.06 -75.32 3.24
C THR A 242 -4.74 -75.12 1.89
N PRO A 243 -6.00 -75.49 1.74
CA PRO A 243 -6.68 -75.27 0.45
C PRO A 243 -6.76 -73.81 0.07
N ARG A 244 -6.61 -72.89 1.01
CA ARG A 244 -6.66 -71.45 0.74
C ARG A 244 -5.56 -70.72 1.48
N CYS A 245 -4.34 -71.28 1.48
CA CYS A 245 -3.21 -70.65 2.13
C CYS A 245 -1.93 -70.99 1.36
N LEU A 246 -1.13 -69.97 1.10
CA LEU A 246 0.13 -70.10 0.38
C LEU A 246 1.28 -69.61 1.26
N VAL A 247 2.47 -70.16 1.01
CA VAL A 247 3.69 -69.72 1.68
C VAL A 247 4.23 -68.55 0.88
N ASP A 248 4.05 -67.34 1.41
CA ASP A 248 4.38 -66.14 0.65
C ASP A 248 5.88 -66.01 0.46
N TYR A 249 6.29 -65.73 -0.77
CA TYR A 249 7.66 -65.38 -1.11
C TYR A 249 7.62 -64.22 -2.10
N PRO A 250 8.73 -63.50 -2.24
CA PRO A 250 8.68 -62.27 -3.06
C PRO A 250 8.13 -62.48 -4.45
N TYR A 251 8.46 -63.59 -5.10
CA TYR A 251 8.01 -63.86 -6.45
C TYR A 251 6.70 -64.64 -6.48
N ARG A 252 6.01 -64.78 -5.34
CA ARG A 252 4.75 -65.51 -5.32
C ARG A 252 3.73 -64.87 -6.24
N LEU A 253 3.62 -63.54 -6.21
CA LEU A 253 2.60 -62.87 -7.02
C LEU A 253 2.81 -63.14 -8.50
N TRP A 254 4.06 -63.14 -8.96
CA TRP A 254 4.36 -63.40 -10.36
C TRP A 254 3.97 -64.82 -10.75
N HIS A 255 4.26 -65.80 -9.89
CA HIS A 255 3.99 -67.19 -10.24
C HIS A 255 2.49 -67.50 -10.20
N TYR A 256 1.75 -66.89 -9.28
CA TYR A 256 0.32 -67.14 -9.10
C TYR A 256 -0.43 -65.82 -9.14
N PRO A 257 -0.54 -65.21 -10.32
CA PRO A 257 -1.24 -63.92 -10.40
C PRO A 257 -2.69 -63.99 -9.98
N CYS A 258 -3.30 -65.18 -9.98
CA CYS A 258 -4.68 -65.34 -9.56
C CYS A 258 -4.86 -65.28 -8.05
N THR A 259 -3.79 -64.94 -7.31
CA THR A 259 -3.88 -64.77 -5.86
C THR A 259 -3.50 -63.35 -5.44
N VAL A 260 -3.57 -62.39 -6.36
CA VAL A 260 -3.20 -61.01 -6.03
C VAL A 260 -4.09 -60.46 -4.93
N ASN A 261 -5.32 -60.95 -4.83
CA ASN A 261 -6.26 -60.44 -3.84
C ASN A 261 -6.09 -61.06 -2.46
N PHE A 262 -5.19 -62.03 -2.31
CA PHE A 262 -5.00 -62.67 -1.02
C PHE A 262 -4.44 -61.69 0.00
N THR A 263 -4.81 -61.90 1.26
CA THR A 263 -4.30 -61.09 2.36
C THR A 263 -3.00 -61.69 2.89
N ILE A 264 -2.46 -61.07 3.94
CA ILE A 264 -1.22 -61.51 4.55
C ILE A 264 -1.50 -61.96 5.97
N PHE A 265 -0.75 -62.96 6.42
CA PHE A 265 -0.89 -63.49 7.77
C PHE A 265 0.47 -63.93 8.28
N LYS A 266 0.57 -64.04 9.60
CA LYS A 266 1.76 -64.56 10.27
C LYS A 266 1.39 -65.87 10.95
N VAL A 267 2.13 -66.93 10.63
CA VAL A 267 1.85 -68.26 11.15
C VAL A 267 3.15 -68.91 11.59
N ARG A 268 3.12 -69.56 12.75
CA ARG A 268 4.23 -70.36 13.24
C ARG A 268 3.79 -71.81 13.30
N MET A 269 4.57 -72.69 12.67
CA MET A 269 4.21 -74.10 12.55
C MET A 269 5.40 -74.97 12.94
N TYR A 270 5.10 -76.18 13.39
CA TYR A 270 6.09 -77.16 13.81
C TYR A 270 6.12 -78.29 12.80
N VAL A 271 7.29 -78.57 12.24
CA VAL A 271 7.50 -79.67 11.30
C VAL A 271 8.49 -80.64 11.94
N GLY A 272 8.07 -81.91 12.04
CA GLY A 272 8.91 -82.90 12.69
C GLY A 272 9.23 -82.52 14.12
N GLY A 273 10.48 -82.17 14.38
CA GLY A 273 10.90 -81.74 15.70
C GLY A 273 11.58 -80.39 15.68
N VAL A 274 11.28 -79.58 14.67
CA VAL A 274 11.88 -78.27 14.50
C VAL A 274 10.78 -77.24 14.28
N GLU A 275 11.11 -75.98 14.54
CA GLU A 275 10.18 -74.87 14.41
C GLU A 275 10.61 -73.97 13.27
N HIS A 276 9.64 -73.57 12.44
CA HIS A 276 9.87 -72.69 11.32
C HIS A 276 8.94 -71.49 11.42
N ARG A 277 9.50 -70.29 11.25
CA ARG A 277 8.74 -69.05 11.28
C ARG A 277 8.50 -68.61 9.84
N LEU A 278 7.22 -68.51 9.45
CA LEU A 278 6.85 -68.19 8.08
C LEU A 278 5.70 -67.19 8.10
N ASN A 279 5.45 -66.60 6.93
CA ASN A 279 4.30 -65.75 6.71
C ASN A 279 3.48 -66.35 5.57
N ALA A 280 2.18 -66.54 5.82
CA ALA A 280 1.29 -67.16 4.86
C ALA A 280 0.21 -66.18 4.42
N ALA A 281 -0.23 -66.34 3.18
CA ALA A 281 -1.28 -65.50 2.60
C ALA A 281 -2.51 -66.36 2.38
N CYS A 282 -3.64 -65.94 2.94
CA CYS A 282 -4.89 -66.68 2.82
C CYS A 282 -6.01 -65.70 2.55
N ASN A 283 -6.92 -66.09 1.64
CA ASN A 283 -8.05 -65.24 1.31
C ASN A 283 -9.14 -65.38 2.36
N ILE A 284 -10.03 -64.38 2.39
CA ILE A 284 -11.11 -64.34 3.36
C ILE A 284 -11.97 -65.60 3.25
N GLU B 31 25.32 -26.08 -14.37
CA GLU B 31 26.04 -25.98 -15.63
C GLU B 31 25.15 -26.35 -16.80
N VAL B 32 25.19 -25.53 -17.84
CA VAL B 32 24.33 -25.72 -19.01
C VAL B 32 24.94 -26.80 -19.90
N LYS B 33 24.15 -27.82 -20.21
CA LYS B 33 24.58 -28.87 -21.13
C LYS B 33 24.39 -28.39 -22.56
N LYS B 34 25.45 -28.46 -23.36
CA LYS B 34 25.38 -27.98 -24.72
C LYS B 34 24.44 -28.86 -25.55
N PRO B 35 23.74 -28.28 -26.53
CA PRO B 35 22.87 -29.10 -27.37
C PRO B 35 23.65 -30.18 -28.10
N GLY B 36 23.01 -31.33 -28.28
CA GLY B 36 23.63 -32.47 -28.90
C GLY B 36 24.48 -33.32 -27.99
N SER B 37 24.60 -32.96 -26.72
CA SER B 37 25.38 -33.71 -25.76
C SER B 37 24.51 -34.79 -25.11
N SER B 38 25.01 -35.39 -24.04
CA SER B 38 24.27 -36.44 -23.33
C SER B 38 24.45 -36.25 -21.83
N VAL B 39 23.55 -36.87 -21.06
CA VAL B 39 23.56 -36.79 -19.61
C VAL B 39 23.41 -38.20 -19.05
N LYS B 40 23.78 -38.35 -17.79
CA LYS B 40 23.71 -39.64 -17.10
C LYS B 40 23.11 -39.43 -15.71
N VAL B 41 21.95 -40.03 -15.47
CA VAL B 41 21.29 -40.00 -14.18
C VAL B 41 21.57 -41.33 -13.48
N SER B 42 21.99 -41.26 -12.22
CA SER B 42 22.47 -42.42 -11.48
C SER B 42 21.51 -42.78 -10.36
N CYS B 43 21.24 -44.08 -10.21
CA CYS B 43 20.42 -44.60 -9.14
C CYS B 43 21.12 -45.78 -8.49
N GLU B 44 20.92 -45.95 -7.20
CA GLU B 44 21.51 -47.07 -6.49
C GLU B 44 20.97 -48.38 -7.04
N ALA B 45 21.85 -49.37 -7.17
CA ALA B 45 21.48 -50.68 -7.71
C ALA B 45 22.04 -51.77 -6.81
N SER B 46 21.41 -52.94 -6.87
CA SER B 46 21.86 -54.07 -6.07
C SER B 46 23.30 -54.43 -6.42
N GLY B 47 24.06 -54.85 -5.42
CA GLY B 47 25.44 -55.22 -5.61
C GLY B 47 25.65 -56.58 -6.22
N GLY B 48 24.57 -57.28 -6.57
CA GLY B 48 24.67 -58.61 -7.14
C GLY B 48 23.99 -59.65 -6.29
N THR B 49 22.98 -59.24 -5.54
CA THR B 49 22.21 -60.14 -4.68
C THR B 49 20.74 -59.84 -4.88
N HIS B 50 19.90 -60.43 -4.03
CA HIS B 50 18.47 -60.17 -4.10
C HIS B 50 18.21 -58.68 -3.87
N SER B 51 17.37 -58.09 -4.73
CA SER B 51 17.05 -56.67 -4.66
C SER B 51 15.69 -56.44 -4.02
N ASN B 52 14.64 -57.06 -4.55
CA ASN B 52 13.29 -56.89 -4.04
C ASN B 52 12.76 -55.48 -4.30
N TYR B 53 13.12 -54.90 -5.43
CA TYR B 53 12.60 -53.60 -5.82
C TYR B 53 12.97 -53.32 -7.26
N VAL B 54 12.09 -52.63 -7.97
CA VAL B 54 12.26 -52.31 -9.37
C VAL B 54 12.57 -50.82 -9.47
N ILE B 55 13.71 -50.49 -10.09
CA ILE B 55 14.10 -49.10 -10.27
C ILE B 55 13.34 -48.52 -11.45
N THR B 56 13.30 -47.18 -11.53
CA THR B 56 12.53 -46.51 -12.56
C THR B 56 13.17 -45.16 -12.85
N TRP B 57 12.48 -44.35 -13.66
CA TRP B 57 12.88 -42.97 -13.90
C TRP B 57 11.62 -42.16 -14.19
N VAL B 58 11.71 -40.86 -13.93
CA VAL B 58 10.59 -39.95 -14.14
C VAL B 58 11.14 -38.56 -14.41
N ARG B 59 10.53 -37.86 -15.35
CA ARG B 59 10.94 -36.52 -15.72
C ARG B 59 9.77 -35.58 -15.58
N GLN B 60 10.03 -34.36 -15.11
CA GLN B 60 8.97 -33.37 -14.88
C GLN B 60 9.43 -32.03 -15.43
N ALA B 61 8.91 -31.64 -16.59
CA ALA B 61 9.19 -30.32 -17.10
C ALA B 61 8.58 -29.28 -16.17
N PRO B 62 9.18 -28.08 -16.07
CA PRO B 62 8.73 -27.11 -15.06
C PRO B 62 7.23 -26.83 -15.15
N GLY B 63 6.49 -27.21 -14.10
CA GLY B 63 5.07 -26.99 -14.06
C GLY B 63 4.32 -27.63 -15.21
N GLN B 64 4.63 -28.90 -15.50
CA GLN B 64 4.00 -29.57 -16.64
C GLN B 64 3.64 -31.02 -16.36
N GLY B 65 3.69 -31.47 -15.12
CA GLY B 65 3.34 -32.84 -14.80
C GLY B 65 4.52 -33.78 -14.90
N LEU B 66 4.21 -35.07 -14.80
CA LEU B 66 5.21 -36.13 -14.75
C LEU B 66 5.08 -37.03 -15.96
N GLU B 67 6.22 -37.62 -16.35
CA GLU B 67 6.28 -38.52 -17.49
C GLU B 67 7.14 -39.72 -17.14
N TRP B 68 6.92 -40.82 -17.83
CA TRP B 68 7.68 -42.05 -17.62
C TRP B 68 8.81 -42.12 -18.63
N MET B 69 9.96 -42.66 -18.20
CA MET B 69 11.15 -42.73 -19.03
C MET B 69 11.56 -44.16 -19.34
N GLY B 70 11.79 -44.98 -18.31
CA GLY B 70 12.24 -46.34 -18.52
C GLY B 70 12.15 -47.13 -17.24
N GLY B 71 12.37 -48.45 -17.36
CA GLY B 71 12.29 -49.34 -16.24
C GLY B 71 13.55 -50.18 -16.12
N PHE B 72 13.61 -50.94 -15.03
CA PHE B 72 14.76 -51.80 -14.77
C PHE B 72 14.43 -52.70 -13.60
N ILE B 73 14.80 -53.97 -13.70
CA ILE B 73 14.54 -54.96 -12.66
C ILE B 73 15.86 -55.58 -12.22
N PRO B 74 16.53 -55.05 -11.19
CA PRO B 74 17.89 -55.51 -10.87
C PRO B 74 18.11 -57.01 -11.02
N ASP B 75 17.19 -57.82 -10.50
CA ASP B 75 17.36 -59.26 -10.56
C ASP B 75 17.50 -59.74 -12.00
N PHE B 76 16.61 -59.29 -12.88
CA PHE B 76 16.66 -59.63 -14.29
C PHE B 76 17.26 -58.44 -15.04
N ARG B 77 18.40 -58.66 -15.68
CA ARG B 77 19.12 -57.57 -16.32
C ARG B 77 18.24 -56.81 -17.32
N THR B 78 17.13 -57.40 -17.76
CA THR B 78 16.31 -56.77 -18.78
C THR B 78 15.88 -55.38 -18.36
N ALA B 79 15.41 -54.60 -19.33
CA ALA B 79 14.93 -53.25 -19.11
C ALA B 79 13.57 -53.06 -19.78
N MET B 80 13.08 -51.83 -19.81
CA MET B 80 11.79 -51.56 -20.44
C MET B 80 11.69 -50.06 -20.68
N TYR B 81 11.62 -49.66 -21.95
CA TYR B 81 11.63 -48.26 -22.35
C TYR B 81 10.25 -47.81 -22.78
N ALA B 82 9.97 -46.52 -22.60
CA ALA B 82 8.72 -45.94 -23.03
C ALA B 82 8.74 -45.70 -24.54
N GLN B 83 7.55 -45.50 -25.10
CA GLN B 83 7.44 -45.30 -26.55
C GLN B 83 8.01 -43.94 -26.96
N GLY B 84 7.70 -42.89 -26.19
CA GLY B 84 8.12 -41.56 -26.59
C GLY B 84 9.63 -41.40 -26.67
N PHE B 85 10.35 -41.93 -25.68
CA PHE B 85 11.79 -41.84 -25.61
C PHE B 85 12.47 -43.14 -26.07
N GLN B 86 11.87 -43.83 -27.05
CA GLN B 86 12.38 -45.13 -27.45
C GLN B 86 13.80 -45.06 -27.98
N GLY B 87 14.09 -44.05 -28.81
CA GLY B 87 15.35 -44.01 -29.52
C GLY B 87 16.48 -43.32 -28.80
N ARG B 88 16.18 -42.48 -27.81
CA ARG B 88 17.18 -41.63 -27.20
C ARG B 88 17.64 -42.11 -25.83
N VAL B 89 17.10 -43.21 -25.31
CA VAL B 89 17.40 -43.66 -23.97
C VAL B 89 18.14 -44.99 -24.03
N THR B 90 18.84 -45.30 -22.94
CA THR B 90 19.54 -46.58 -22.81
C THR B 90 19.86 -46.76 -21.34
N ILE B 91 19.36 -47.84 -20.74
CA ILE B 91 19.52 -48.10 -19.31
C ILE B 91 20.51 -49.24 -19.14
N THR B 92 21.59 -48.96 -18.41
CA THR B 92 22.60 -49.95 -18.09
C THR B 92 22.94 -49.84 -16.60
N ALA B 93 23.43 -50.95 -16.04
CA ALA B 93 23.75 -51.00 -14.63
C ALA B 93 25.06 -51.76 -14.43
N ASP B 94 25.76 -51.40 -13.36
CA ASP B 94 27.00 -52.07 -12.97
C ASP B 94 26.83 -52.63 -11.57
N GLU B 95 27.13 -53.92 -11.41
CA GLU B 95 26.95 -54.57 -10.12
C GLU B 95 28.16 -54.40 -9.21
N SER B 96 29.35 -54.19 -9.79
CA SER B 96 30.53 -53.99 -8.95
C SER B 96 30.40 -52.73 -8.12
N THR B 97 29.91 -51.65 -8.72
CA THR B 97 29.71 -50.39 -8.00
C THR B 97 28.34 -50.31 -7.34
N SER B 98 27.48 -51.30 -7.55
CA SER B 98 26.13 -51.28 -7.00
C SER B 98 25.39 -50.01 -7.45
N LEU B 99 25.60 -49.62 -8.70
CA LEU B 99 25.03 -48.40 -9.24
C LEU B 99 24.48 -48.68 -10.64
N ALA B 100 23.39 -47.99 -10.97
CA ALA B 100 22.80 -48.07 -12.30
C ALA B 100 22.47 -46.67 -12.78
N TYR B 101 22.47 -46.48 -14.10
CA TYR B 101 22.22 -45.17 -14.66
C TYR B 101 21.62 -45.31 -16.05
N MET B 102 20.99 -44.24 -16.51
CA MET B 102 20.42 -44.16 -17.85
C MET B 102 21.07 -43.02 -18.60
N GLU B 103 21.36 -43.26 -19.88
CA GLU B 103 22.05 -42.29 -20.73
C GLU B 103 21.07 -41.74 -21.75
N LEU B 104 20.89 -40.43 -21.76
CA LEU B 104 20.02 -39.74 -22.69
C LEU B 104 20.87 -38.87 -23.61
N THR B 105 20.73 -39.08 -24.92
CA THR B 105 21.56 -38.41 -25.91
C THR B 105 20.72 -37.51 -26.80
N ASN B 106 21.40 -36.55 -27.43
CA ASN B 106 20.77 -35.62 -28.35
C ASN B 106 19.77 -34.71 -27.63
N LEU B 107 20.24 -34.06 -26.57
CA LEU B 107 19.37 -33.18 -25.80
C LEU B 107 18.87 -32.03 -26.66
N ARG B 108 17.65 -31.60 -26.37
CA ARG B 108 17.02 -30.46 -27.03
C ARG B 108 16.39 -29.57 -25.97
N SER B 109 15.94 -28.39 -26.39
CA SER B 109 15.34 -27.45 -25.45
C SER B 109 14.18 -28.08 -24.71
N GLU B 110 13.47 -29.02 -25.33
CA GLU B 110 12.35 -29.69 -24.68
C GLU B 110 12.79 -30.61 -23.55
N ASP B 111 14.08 -30.90 -23.44
CA ASP B 111 14.61 -31.80 -22.42
C ASP B 111 15.22 -31.06 -21.25
N THR B 112 14.72 -29.89 -20.93
CA THR B 112 15.10 -29.13 -19.75
C THR B 112 14.04 -29.36 -18.68
N ALA B 113 14.37 -30.13 -17.65
CA ALA B 113 13.40 -30.55 -16.65
C ALA B 113 14.15 -31.08 -15.43
N VAL B 114 13.40 -31.64 -14.50
CA VAL B 114 13.95 -32.24 -13.28
C VAL B 114 13.74 -33.74 -13.35
N TYR B 115 14.82 -34.50 -13.17
CA TYR B 115 14.79 -35.94 -13.33
C TYR B 115 14.78 -36.60 -11.95
N TYR B 116 13.80 -37.45 -11.71
CA TYR B 116 13.65 -38.14 -10.44
C TYR B 116 14.15 -39.57 -10.56
N CYS B 117 14.00 -40.32 -9.47
CA CYS B 117 14.38 -41.73 -9.44
C CYS B 117 13.65 -42.40 -8.29
N ALA B 118 12.72 -43.28 -8.60
CA ALA B 118 11.89 -43.95 -7.60
C ALA B 118 12.21 -45.43 -7.56
N ARG B 119 11.72 -46.10 -6.51
CA ARG B 119 11.94 -47.52 -6.33
C ARG B 119 10.72 -48.12 -5.64
N GLY B 120 9.99 -48.96 -6.35
CA GLY B 120 8.79 -49.56 -5.80
C GLY B 120 8.97 -51.03 -5.45
N PRO B 121 7.94 -51.65 -4.88
CA PRO B 121 8.02 -53.08 -4.58
C PRO B 121 8.12 -53.91 -5.86
N LEU B 122 8.38 -55.19 -5.67
CA LEU B 122 8.80 -56.04 -6.79
C LEU B 122 7.68 -56.21 -7.82
N SER B 123 6.49 -56.59 -7.36
CA SER B 123 5.39 -56.90 -8.28
C SER B 123 4.09 -56.19 -7.94
N ARG B 124 4.12 -55.19 -7.06
CA ARG B 124 2.90 -54.48 -6.72
C ARG B 124 2.63 -53.32 -7.69
N GLY B 125 3.67 -52.57 -8.06
CA GLY B 125 3.57 -51.59 -9.12
C GLY B 125 3.35 -50.16 -8.68
N TYR B 126 3.29 -49.88 -7.38
CA TYR B 126 3.17 -48.52 -6.88
C TYR B 126 4.54 -48.04 -6.44
N TYR B 127 4.91 -46.83 -6.86
CA TYR B 127 6.27 -46.34 -6.71
C TYR B 127 6.38 -45.55 -5.42
N ASP B 128 7.43 -45.82 -4.65
CA ASP B 128 7.58 -45.27 -3.32
C ASP B 128 9.04 -44.93 -3.08
N TYR B 129 9.29 -44.06 -2.11
CA TYR B 129 10.64 -43.58 -1.80
C TYR B 129 11.25 -42.87 -3.01
N TRP B 130 10.63 -41.75 -3.35
CA TRP B 130 11.12 -40.93 -4.44
C TRP B 130 12.40 -40.21 -4.04
N GLY B 131 13.44 -40.35 -4.84
CA GLY B 131 14.73 -39.82 -4.50
C GLY B 131 14.83 -38.32 -4.75
N PRO B 132 15.92 -37.73 -4.29
CA PRO B 132 16.11 -36.29 -4.49
C PRO B 132 16.14 -35.94 -5.97
N GLY B 133 15.57 -34.80 -6.30
CA GLY B 133 15.49 -34.39 -7.69
C GLY B 133 16.84 -33.96 -8.24
N THR B 134 16.97 -34.10 -9.56
CA THR B 134 18.15 -33.65 -10.29
C THR B 134 17.71 -32.70 -11.38
N LEU B 135 18.36 -31.55 -11.47
CA LEU B 135 18.00 -30.51 -12.42
C LEU B 135 18.94 -30.54 -13.61
N VAL B 136 18.37 -30.67 -14.81
CA VAL B 136 19.14 -30.70 -16.05
C VAL B 136 18.63 -29.58 -16.94
N THR B 137 19.56 -28.79 -17.49
CA THR B 137 19.22 -27.64 -18.31
C THR B 137 20.02 -27.66 -19.60
N VAL B 138 19.41 -27.16 -20.67
CA VAL B 138 20.07 -26.96 -21.94
C VAL B 138 19.67 -25.58 -22.47
N SER B 139 20.51 -25.04 -23.35
CA SER B 139 20.33 -23.68 -23.85
C SER B 139 20.00 -23.72 -25.34
N ALA B 140 18.72 -23.94 -25.64
CA ALA B 140 18.16 -23.78 -26.98
C ALA B 140 19.15 -24.16 -28.08
N SER B 141 19.29 -23.30 -29.10
CA SER B 141 20.24 -23.50 -30.17
C SER B 141 20.70 -22.12 -30.65
N THR B 142 21.40 -22.08 -31.78
CA THR B 142 21.87 -20.84 -32.36
C THR B 142 21.32 -20.71 -33.77
N LYS B 143 20.68 -19.57 -34.06
CA LYS B 143 20.17 -19.30 -35.39
C LYS B 143 20.15 -17.80 -35.61
N GLY B 144 20.14 -17.40 -36.86
CA GLY B 144 20.19 -15.99 -37.22
C GLY B 144 18.86 -15.31 -37.06
N PRO B 145 18.88 -13.99 -37.12
CA PRO B 145 17.64 -13.22 -36.96
C PRO B 145 16.86 -13.15 -38.26
N SER B 146 15.63 -12.67 -38.14
CA SER B 146 14.77 -12.38 -39.29
C SER B 146 14.38 -10.91 -39.24
N VAL B 147 14.43 -10.26 -40.39
CA VAL B 147 14.23 -8.81 -40.50
C VAL B 147 12.91 -8.54 -41.20
N PHE B 148 12.08 -7.71 -40.57
CA PHE B 148 10.85 -7.25 -41.19
C PHE B 148 10.77 -5.73 -41.06
N PRO B 149 10.25 -5.04 -42.06
CA PRO B 149 10.20 -3.57 -41.99
C PRO B 149 8.92 -3.05 -41.38
N LEU B 150 9.05 -1.94 -40.66
CA LEU B 150 7.91 -1.23 -40.12
C LEU B 150 7.59 -0.07 -41.06
N ALA B 151 6.37 -0.05 -41.59
CA ALA B 151 6.02 0.94 -42.58
C ALA B 151 6.11 2.34 -41.99
N PRO B 152 6.55 3.33 -42.75
CA PRO B 152 6.54 4.70 -42.24
C PRO B 152 5.13 5.26 -42.12
N SER B 153 5.02 6.51 -41.70
CA SER B 153 3.70 7.12 -41.53
C SER B 153 2.94 7.11 -42.86
N SER B 154 1.68 6.69 -42.79
CA SER B 154 0.80 6.73 -43.96
C SER B 154 0.02 8.02 -44.02
N LYS B 155 -0.46 8.52 -42.88
CA LYS B 155 -1.13 9.81 -42.84
C LYS B 155 -0.11 10.93 -43.00
N SER B 156 -0.40 11.87 -43.90
CA SER B 156 0.52 12.96 -44.17
C SER B 156 0.76 13.80 -42.93
N THR B 157 1.97 13.77 -42.40
CA THR B 157 2.35 14.57 -41.22
C THR B 157 3.08 15.81 -41.72
N SER B 158 2.37 16.94 -41.72
CA SER B 158 2.95 18.19 -42.19
C SER B 158 4.06 18.71 -41.27
N GLY B 159 4.17 18.18 -40.05
CA GLY B 159 5.22 18.63 -39.16
C GLY B 159 6.61 18.35 -39.71
N GLY B 160 6.77 17.25 -40.43
CA GLY B 160 8.05 16.91 -41.03
C GLY B 160 8.85 15.94 -40.20
N THR B 161 8.21 14.85 -39.74
CA THR B 161 8.90 13.84 -38.96
C THR B 161 8.15 12.53 -39.15
N ALA B 162 8.71 11.64 -39.97
CA ALA B 162 8.17 10.31 -40.20
C ALA B 162 9.14 9.29 -39.63
N ALA B 163 8.63 8.37 -38.81
CA ALA B 163 9.45 7.43 -38.09
C ALA B 163 9.47 6.10 -38.82
N LEU B 164 10.67 5.66 -39.22
CA LEU B 164 10.89 4.39 -39.89
C LEU B 164 11.32 3.35 -38.85
N GLY B 165 11.77 2.19 -39.31
CA GLY B 165 12.34 1.22 -38.40
C GLY B 165 12.14 -0.21 -38.85
N CYS B 166 13.16 -1.04 -38.70
CA CYS B 166 13.10 -2.45 -39.02
C CYS B 166 13.16 -3.27 -37.74
N LEU B 167 12.47 -4.41 -37.76
CA LEU B 167 12.33 -5.28 -36.59
C LEU B 167 13.26 -6.47 -36.73
N VAL B 168 14.00 -6.76 -35.67
CA VAL B 168 14.91 -7.91 -35.62
C VAL B 168 14.47 -8.79 -34.47
N LYS B 169 14.14 -10.05 -34.77
CA LYS B 169 13.59 -10.92 -33.74
C LYS B 169 13.86 -12.38 -34.11
N ASP B 170 13.63 -13.26 -33.14
CA ASP B 170 13.81 -14.70 -33.29
C ASP B 170 15.27 -15.04 -33.61
N TYR B 171 16.15 -14.68 -32.68
CA TYR B 171 17.57 -14.96 -32.83
C TYR B 171 18.16 -15.33 -31.48
N PHE B 172 19.33 -15.96 -31.52
CA PHE B 172 20.04 -16.36 -30.31
C PHE B 172 21.46 -16.77 -30.70
N PRO B 173 22.48 -16.41 -29.91
CA PRO B 173 22.49 -15.63 -28.68
C PRO B 173 22.87 -14.17 -28.88
N GLU B 174 23.02 -13.42 -27.80
CA GLU B 174 23.46 -12.04 -27.88
C GLU B 174 24.86 -11.98 -28.49
N PRO B 175 25.21 -10.88 -29.20
CA PRO B 175 24.43 -9.71 -29.61
C PRO B 175 24.21 -9.61 -31.12
N VAL B 176 23.48 -8.59 -31.55
CA VAL B 176 23.33 -8.25 -32.96
C VAL B 176 23.50 -6.74 -33.10
N THR B 177 23.92 -6.31 -34.29
CA THR B 177 24.18 -4.90 -34.55
C THR B 177 23.38 -4.45 -35.76
N VAL B 178 22.75 -3.28 -35.65
CA VAL B 178 21.96 -2.69 -36.71
C VAL B 178 22.56 -1.33 -37.06
N SER B 179 22.78 -1.08 -38.35
CA SER B 179 23.26 0.20 -38.82
C SER B 179 22.49 0.58 -40.07
N TRP B 180 22.27 1.88 -40.24
CA TRP B 180 21.45 2.39 -41.33
C TRP B 180 22.32 2.94 -42.45
N ASN B 181 21.85 2.77 -43.69
CA ASN B 181 22.52 3.31 -44.86
C ASN B 181 24.03 3.03 -44.82
N SER B 182 24.36 1.78 -44.51
CA SER B 182 25.76 1.36 -44.43
C SER B 182 26.52 2.19 -43.40
N GLY B 183 25.83 2.55 -42.31
CA GLY B 183 26.45 3.29 -41.24
C GLY B 183 26.61 4.77 -41.48
N ALA B 184 26.08 5.29 -42.60
CA ALA B 184 26.23 6.70 -42.93
C ALA B 184 25.17 7.57 -42.27
N LEU B 185 24.17 7.00 -41.61
CA LEU B 185 23.10 7.75 -40.97
C LEU B 185 23.11 7.42 -39.48
N THR B 186 23.57 8.38 -38.66
CA THR B 186 23.61 8.21 -37.22
C THR B 186 23.03 9.42 -36.50
N SER B 187 22.26 10.24 -37.19
CA SER B 187 21.60 11.40 -36.60
C SER B 187 20.14 11.05 -36.33
N GLY B 188 19.83 10.73 -35.08
CA GLY B 188 18.49 10.38 -34.67
C GLY B 188 18.23 8.89 -34.52
N VAL B 189 19.18 8.05 -34.91
CA VAL B 189 18.96 6.61 -34.83
C VAL B 189 18.80 6.21 -33.37
N HIS B 190 17.80 5.37 -33.11
CA HIS B 190 17.58 4.78 -31.80
C HIS B 190 17.64 3.26 -31.94
N THR B 191 18.28 2.59 -30.98
CA THR B 191 18.41 1.14 -31.00
C THR B 191 18.11 0.63 -29.59
N PHE B 192 16.86 0.24 -29.35
CA PHE B 192 16.45 -0.16 -28.02
C PHE B 192 17.12 -1.48 -27.64
N PRO B 193 17.43 -1.68 -26.36
CA PRO B 193 18.11 -2.91 -25.95
C PRO B 193 17.23 -4.14 -26.19
N ALA B 194 17.90 -5.26 -26.44
CA ALA B 194 17.19 -6.50 -26.73
C ALA B 194 16.40 -6.98 -25.53
N VAL B 195 15.25 -7.58 -25.80
CA VAL B 195 14.33 -8.07 -24.77
C VAL B 195 14.15 -9.57 -24.96
N LEU B 196 14.13 -10.30 -23.85
CA LEU B 196 14.03 -11.76 -23.90
C LEU B 196 12.59 -12.15 -24.15
N GLN B 197 12.32 -12.76 -25.30
CA GLN B 197 10.97 -13.23 -25.62
C GLN B 197 10.58 -14.35 -24.66
N SER B 198 9.34 -14.82 -24.79
CA SER B 198 8.86 -15.91 -23.95
C SER B 198 9.49 -17.24 -24.36
N SER B 199 9.67 -17.46 -25.66
CA SER B 199 10.21 -18.73 -26.13
C SER B 199 11.62 -18.97 -25.61
N GLY B 200 12.45 -17.93 -25.59
CA GLY B 200 13.83 -18.06 -25.19
C GLY B 200 14.75 -17.29 -26.10
N LEU B 201 14.25 -16.92 -27.27
CA LEU B 201 15.02 -16.13 -28.24
C LEU B 201 14.98 -14.66 -27.82
N TYR B 202 15.40 -13.78 -28.72
CA TYR B 202 15.52 -12.36 -28.41
C TYR B 202 14.84 -11.53 -29.49
N SER B 203 14.47 -10.31 -29.11
CA SER B 203 13.89 -9.33 -30.02
C SER B 203 14.59 -8.00 -29.85
N LEU B 204 14.68 -7.24 -30.94
CA LEU B 204 15.36 -5.96 -30.92
C LEU B 204 14.79 -5.09 -32.04
N SER B 205 14.72 -3.79 -31.80
CA SER B 205 14.14 -2.85 -32.74
C SER B 205 15.13 -1.73 -33.01
N SER B 206 14.78 -0.87 -33.96
CA SER B 206 15.62 0.26 -34.34
C SER B 206 14.79 1.25 -35.12
N VAL B 207 14.80 2.51 -34.69
CA VAL B 207 13.88 3.52 -35.21
C VAL B 207 14.67 4.77 -35.55
N VAL B 208 14.42 5.32 -36.74
CA VAL B 208 15.05 6.56 -37.20
C VAL B 208 13.95 7.52 -37.61
N THR B 209 14.10 8.79 -37.23
CA THR B 209 13.15 9.83 -37.57
C THR B 209 13.75 10.72 -38.65
N VAL B 210 12.99 10.95 -39.72
CA VAL B 210 13.47 11.72 -40.85
C VAL B 210 12.38 12.69 -41.30
N PRO B 211 12.77 13.78 -41.97
CA PRO B 211 11.78 14.73 -42.48
C PRO B 211 10.81 14.07 -43.44
N SER B 212 9.56 14.53 -43.39
CA SER B 212 8.51 13.96 -44.23
C SER B 212 8.83 14.15 -45.71
N SER B 213 9.33 15.33 -46.09
CA SER B 213 9.56 15.63 -47.49
C SER B 213 10.63 14.76 -48.13
N SER B 214 11.43 14.05 -47.33
CA SER B 214 12.49 13.20 -47.84
C SER B 214 12.15 11.72 -47.68
N LEU B 215 10.88 11.38 -47.91
CA LEU B 215 10.42 10.00 -47.77
C LEU B 215 10.29 9.28 -49.11
N GLY B 216 10.22 10.01 -50.22
CA GLY B 216 10.10 9.39 -51.52
C GLY B 216 11.24 9.76 -52.45
N THR B 217 12.38 10.13 -51.87
CA THR B 217 13.55 10.54 -52.66
C THR B 217 14.86 9.92 -52.18
N GLN B 218 14.87 9.22 -51.06
CA GLN B 218 16.08 8.64 -50.50
C GLN B 218 15.88 7.15 -50.25
N THR B 219 16.97 6.40 -50.29
CA THR B 219 16.95 4.96 -50.11
C THR B 219 17.36 4.62 -48.69
N TYR B 220 16.44 4.03 -47.93
CA TYR B 220 16.69 3.65 -46.55
C TYR B 220 16.92 2.15 -46.50
N ILE B 221 18.03 1.73 -45.92
CA ILE B 221 18.42 0.33 -45.87
C ILE B 221 18.88 -0.01 -44.47
N CYS B 222 18.34 -1.08 -43.91
CA CYS B 222 18.82 -1.62 -42.65
C CYS B 222 20.00 -2.54 -42.92
N ASN B 223 20.93 -2.59 -41.97
CA ASN B 223 22.13 -3.43 -42.09
C ASN B 223 22.24 -4.25 -40.80
N VAL B 224 21.59 -5.41 -40.78
CA VAL B 224 21.57 -6.29 -39.62
C VAL B 224 22.67 -7.33 -39.78
N ASN B 225 23.54 -7.44 -38.78
CA ASN B 225 24.67 -8.37 -38.80
C ASN B 225 24.69 -9.19 -37.53
N HIS B 226 24.77 -10.51 -37.66
CA HIS B 226 24.82 -11.43 -36.53
C HIS B 226 26.05 -12.32 -36.72
N LYS B 227 27.10 -12.05 -35.96
CA LYS B 227 28.37 -12.74 -36.17
C LYS B 227 28.28 -14.24 -35.92
N PRO B 228 27.71 -14.71 -34.80
CA PRO B 228 27.75 -16.16 -34.52
C PRO B 228 27.15 -17.00 -35.65
N SER B 229 26.06 -16.54 -36.27
CA SER B 229 25.48 -17.25 -37.40
C SER B 229 25.96 -16.72 -38.74
N ASN B 230 26.87 -15.75 -38.74
CA ASN B 230 27.43 -15.21 -39.98
C ASN B 230 26.31 -14.73 -40.91
N THR B 231 25.31 -14.10 -40.34
CA THR B 231 24.15 -13.61 -41.07
C THR B 231 24.32 -12.12 -41.34
N LYS B 232 24.26 -11.75 -42.62
CA LYS B 232 24.33 -10.35 -43.05
C LYS B 232 23.20 -10.15 -44.06
N VAL B 233 22.20 -9.37 -43.68
CA VAL B 233 21.00 -9.19 -44.48
C VAL B 233 20.64 -7.71 -44.52
N ASP B 234 20.32 -7.23 -45.71
CA ASP B 234 19.78 -5.88 -45.90
C ASP B 234 18.27 -5.95 -46.07
N LYS B 235 17.63 -4.80 -45.91
CA LYS B 235 16.18 -4.73 -46.08
C LYS B 235 15.78 -3.28 -46.35
N ARG B 236 15.30 -3.02 -47.56
CA ARG B 236 14.78 -1.71 -47.89
C ARG B 236 13.48 -1.47 -47.13
N VAL B 237 13.26 -0.21 -46.74
CA VAL B 237 12.03 0.21 -46.07
C VAL B 237 11.47 1.38 -46.85
N GLU B 238 10.23 1.27 -47.29
CA GLU B 238 9.56 2.30 -48.08
C GLU B 238 8.13 2.41 -47.61
N PRO B 239 7.48 3.55 -47.86
CA PRO B 239 6.06 3.67 -47.52
C PRO B 239 5.23 2.63 -48.27
N LYS B 240 4.27 2.06 -47.57
CA LYS B 240 3.41 1.05 -48.18
C LYS B 240 2.55 1.68 -49.26
N SER B 241 2.36 0.94 -50.36
CA SER B 241 1.59 1.47 -51.48
C SER B 241 0.14 1.68 -51.09
N CYS B 242 -0.47 2.72 -51.64
CA CYS B 242 -1.86 3.05 -51.35
C CYS B 242 -2.53 3.65 -52.59
N SER C 22 -3.78 -44.22 -28.02
CA SER C 22 -3.08 -43.66 -26.83
C SER C 22 -3.98 -43.67 -25.61
N TYR C 23 -3.39 -43.86 -24.43
CA TYR C 23 -4.12 -43.88 -23.17
C TYR C 23 -3.85 -42.58 -22.43
N VAL C 24 -4.91 -41.91 -22.00
CA VAL C 24 -4.80 -40.61 -21.34
C VAL C 24 -5.75 -40.59 -20.15
N LEU C 25 -5.28 -40.02 -19.04
CA LEU C 25 -6.08 -39.76 -17.87
C LEU C 25 -6.31 -38.27 -17.73
N THR C 26 -7.43 -37.90 -17.10
CA THR C 26 -7.83 -36.51 -16.97
C THR C 26 -8.18 -36.19 -15.53
N GLN C 27 -7.89 -34.96 -15.13
CA GLN C 27 -8.26 -34.43 -13.83
C GLN C 27 -8.68 -32.97 -13.99
N PRO C 28 -9.51 -32.46 -13.09
CA PRO C 28 -9.85 -31.05 -13.11
C PRO C 28 -8.61 -30.19 -12.87
N PRO C 29 -8.39 -29.15 -13.68
CA PRO C 29 -7.18 -28.33 -13.47
C PRO C 29 -6.97 -27.88 -12.04
N SER C 30 -7.99 -27.32 -11.39
CA SER C 30 -7.83 -26.77 -10.05
C SER C 30 -9.10 -26.99 -9.25
N VAL C 31 -8.93 -27.06 -7.93
CA VAL C 31 -10.03 -27.20 -6.99
C VAL C 31 -9.76 -26.31 -5.80
N SER C 32 -10.79 -25.61 -5.33
CA SER C 32 -10.67 -24.69 -4.20
C SER C 32 -11.70 -25.04 -3.15
N VAL C 33 -11.30 -24.98 -1.88
CA VAL C 33 -12.18 -25.27 -0.76
C VAL C 33 -11.75 -24.43 0.44
N ALA C 34 -12.66 -24.29 1.40
CA ALA C 34 -12.38 -23.56 2.63
C ALA C 34 -12.09 -24.54 3.77
N PRO C 35 -11.30 -24.15 4.77
CA PRO C 35 -10.94 -25.09 5.83
C PRO C 35 -12.17 -25.67 6.51
N GLY C 36 -12.07 -26.94 6.87
CA GLY C 36 -13.17 -27.64 7.52
C GLY C 36 -14.12 -28.35 6.59
N GLN C 37 -13.99 -28.18 5.29
CA GLN C 37 -14.84 -28.83 4.30
C GLN C 37 -14.09 -29.97 3.63
N THR C 38 -14.83 -30.79 2.90
CA THR C 38 -14.30 -31.96 2.22
C THR C 38 -14.15 -31.67 0.74
N ALA C 39 -12.98 -31.97 0.18
CA ALA C 39 -12.69 -31.75 -1.23
C ALA C 39 -12.53 -33.08 -1.94
N SER C 40 -13.03 -33.16 -3.16
CA SER C 40 -12.97 -34.37 -3.97
C SER C 40 -12.18 -34.10 -5.24
N ILE C 41 -11.25 -34.99 -5.56
CA ILE C 41 -10.45 -34.92 -6.77
C ILE C 41 -10.65 -36.22 -7.54
N THR C 42 -10.93 -36.10 -8.83
CA THR C 42 -11.30 -37.24 -9.65
C THR C 42 -10.30 -37.42 -10.79
N CYS C 43 -9.84 -38.65 -10.97
CA CYS C 43 -8.98 -39.03 -12.10
C CYS C 43 -9.81 -39.97 -12.97
N SER C 44 -10.13 -39.53 -14.17
CA SER C 44 -11.11 -40.20 -15.03
C SER C 44 -10.43 -40.74 -16.28
N GLY C 45 -10.68 -42.01 -16.59
CA GLY C 45 -10.17 -42.63 -17.78
C GLY C 45 -11.19 -43.57 -18.42
N ASP C 46 -10.74 -44.46 -19.30
CA ASP C 46 -11.61 -45.41 -19.96
C ASP C 46 -11.50 -46.76 -19.25
N LYS C 47 -12.62 -47.26 -18.74
CA LYS C 47 -12.66 -48.51 -17.99
C LYS C 47 -11.62 -48.50 -16.87
N LEU C 48 -11.47 -47.34 -16.25
CA LEU C 48 -10.43 -47.14 -15.24
C LEU C 48 -10.69 -47.93 -13.96
N GLY C 49 -11.85 -48.53 -13.81
CA GLY C 49 -12.13 -49.30 -12.61
C GLY C 49 -11.36 -50.60 -12.52
N ASP C 50 -10.86 -51.11 -13.66
CA ASP C 50 -10.17 -52.39 -13.66
C ASP C 50 -8.72 -52.29 -13.22
N LYS C 51 -8.16 -51.09 -13.18
CA LYS C 51 -6.75 -50.91 -12.86
C LYS C 51 -6.58 -50.76 -11.35
N TYR C 52 -5.33 -50.50 -10.94
CA TYR C 52 -4.97 -50.28 -9.55
C TYR C 52 -4.35 -48.89 -9.46
N VAL C 53 -5.20 -47.87 -9.29
CA VAL C 53 -4.70 -46.49 -9.28
C VAL C 53 -3.96 -46.22 -7.98
N SER C 54 -3.00 -45.31 -8.05
CA SER C 54 -2.30 -44.80 -6.88
C SER C 54 -2.19 -43.30 -6.99
N TRP C 55 -2.11 -42.63 -5.84
CA TRP C 55 -2.12 -41.17 -5.77
C TRP C 55 -0.82 -40.67 -5.18
N TYR C 56 -0.30 -39.59 -5.75
CA TYR C 56 0.92 -38.96 -5.27
C TYR C 56 0.65 -37.51 -4.92
N GLN C 57 1.23 -37.05 -3.82
CA GLN C 57 1.14 -35.67 -3.37
C GLN C 57 2.51 -35.02 -3.52
N GLN C 58 2.56 -33.89 -4.21
CA GLN C 58 3.80 -33.16 -4.44
C GLN C 58 3.62 -31.72 -4.00
N ARG C 59 4.32 -31.32 -2.95
CA ARG C 59 4.42 -29.92 -2.59
C ARG C 59 5.44 -29.23 -3.48
N PRO C 60 5.37 -27.91 -3.61
CA PRO C 60 6.29 -27.21 -4.52
C PRO C 60 7.74 -27.47 -4.15
N GLY C 61 8.56 -27.65 -5.17
CA GLY C 61 10.00 -27.81 -4.97
C GLY C 61 10.39 -28.94 -4.06
N GLN C 62 9.70 -30.09 -4.17
CA GLN C 62 9.98 -31.24 -3.34
C GLN C 62 9.83 -32.49 -4.20
N SER C 63 9.80 -33.65 -3.54
CA SER C 63 9.61 -34.92 -4.23
C SER C 63 8.25 -35.52 -3.87
N PRO C 64 7.52 -36.07 -4.84
CA PRO C 64 6.22 -36.66 -4.51
C PRO C 64 6.38 -37.80 -3.51
N VAL C 65 5.39 -37.92 -2.63
CA VAL C 65 5.36 -38.97 -1.62
C VAL C 65 4.05 -39.75 -1.76
N LEU C 66 4.15 -41.08 -1.66
CA LEU C 66 2.97 -41.91 -1.82
C LEU C 66 1.92 -41.58 -0.76
N VAL C 67 0.66 -41.54 -1.18
CA VAL C 67 -0.44 -41.30 -0.26
C VAL C 67 -1.53 -42.36 -0.33
N LEU C 68 -1.66 -43.10 -1.43
CA LEU C 68 -2.65 -44.17 -1.52
C LEU C 68 -2.18 -45.16 -2.56
N TYR C 69 -2.25 -46.45 -2.23
CA TYR C 69 -1.91 -47.50 -3.17
C TYR C 69 -2.98 -48.57 -3.14
N GLN C 70 -3.33 -49.08 -4.32
CA GLN C 70 -4.41 -50.06 -4.47
C GLN C 70 -5.75 -49.45 -4.01
N ASP C 71 -6.09 -48.33 -4.64
CA ASP C 71 -7.36 -47.66 -4.42
C ASP C 71 -7.43 -47.02 -3.04
N SER C 72 -7.65 -47.82 -2.00
CA SER C 72 -7.96 -47.32 -0.67
C SER C 72 -6.83 -47.48 0.34
N LYS C 73 -6.12 -48.60 0.34
CA LYS C 73 -5.09 -48.85 1.33
C LYS C 73 -4.18 -47.62 1.46
N ARG C 74 -3.64 -47.43 2.67
CA ARG C 74 -2.84 -46.26 2.98
C ARG C 74 -1.56 -46.69 3.68
N PRO C 75 -0.43 -46.02 3.41
CA PRO C 75 0.82 -46.40 4.08
C PRO C 75 0.86 -45.97 5.54
N SER C 76 1.99 -46.20 6.19
CA SER C 76 2.18 -45.81 7.59
C SER C 76 2.91 -44.48 7.64
N GLY C 77 2.27 -43.49 8.26
CA GLY C 77 2.83 -42.15 8.34
C GLY C 77 1.96 -41.12 7.69
N ILE C 78 0.73 -41.50 7.35
CA ILE C 78 -0.23 -40.59 6.70
C ILE C 78 -1.44 -40.45 7.62
N PRO C 79 -1.99 -39.25 7.79
CA PRO C 79 -3.16 -39.10 8.66
C PRO C 79 -4.36 -39.85 8.11
N GLU C 80 -5.27 -40.22 9.02
CA GLU C 80 -6.45 -40.98 8.65
C GLU C 80 -7.42 -40.19 7.79
N ARG C 81 -7.22 -38.88 7.66
CA ARG C 81 -8.15 -38.06 6.87
C ARG C 81 -8.21 -38.53 5.43
N PHE C 82 -7.06 -38.83 4.84
CA PHE C 82 -7.01 -39.22 3.44
C PHE C 82 -7.82 -40.49 3.20
N SER C 83 -8.58 -40.49 2.11
CA SER C 83 -9.36 -41.66 1.73
C SER C 83 -9.70 -41.53 0.25
N GLY C 84 -9.76 -42.67 -0.43
CA GLY C 84 -10.04 -42.69 -1.85
C GLY C 84 -10.91 -43.87 -2.22
N SER C 85 -11.30 -43.89 -3.50
CA SER C 85 -12.14 -44.96 -4.02
C SER C 85 -11.97 -45.01 -5.53
N ASN C 86 -12.37 -46.12 -6.11
CA ASN C 86 -12.22 -46.35 -7.54
C ASN C 86 -13.31 -47.28 -8.02
N SER C 87 -14.19 -46.77 -8.88
CA SER C 87 -15.26 -47.59 -9.44
C SER C 87 -15.70 -46.96 -10.76
N GLY C 88 -16.37 -47.76 -11.58
CA GLY C 88 -16.89 -47.28 -12.84
C GLY C 88 -15.80 -46.75 -13.74
N ASN C 89 -15.77 -45.43 -13.93
CA ASN C 89 -14.80 -44.78 -14.80
C ASN C 89 -14.12 -43.60 -14.10
N THR C 90 -14.07 -43.63 -12.78
CA THR C 90 -13.49 -42.52 -12.03
C THR C 90 -12.88 -43.03 -10.73
N ALA C 91 -11.73 -42.49 -10.38
CA ALA C 91 -11.09 -42.72 -9.09
C ALA C 91 -11.08 -41.39 -8.34
N THR C 92 -11.64 -41.38 -7.14
CA THR C 92 -11.84 -40.14 -6.39
C THR C 92 -11.00 -40.17 -5.13
N LEU C 93 -10.28 -39.08 -4.87
CA LEU C 93 -9.54 -38.89 -3.64
C LEU C 93 -10.33 -37.98 -2.73
N THR C 94 -10.70 -38.48 -1.55
CA THR C 94 -11.53 -37.74 -0.60
C THR C 94 -10.64 -37.25 0.54
N ILE C 95 -10.61 -35.94 0.73
CA ILE C 95 -9.84 -35.30 1.78
C ILE C 95 -10.82 -34.68 2.77
N SER C 96 -10.64 -34.97 4.05
CA SER C 96 -11.54 -34.51 5.10
C SER C 96 -10.77 -33.67 6.10
N GLY C 97 -11.42 -32.60 6.57
CA GLY C 97 -10.78 -31.71 7.52
C GLY C 97 -9.58 -31.00 6.93
N THR C 98 -9.75 -30.46 5.72
CA THR C 98 -8.66 -29.77 5.06
C THR C 98 -8.11 -28.65 5.92
N GLN C 99 -6.79 -28.51 5.93
CA GLN C 99 -6.12 -27.45 6.66
C GLN C 99 -5.01 -26.88 5.78
N ALA C 100 -4.28 -25.91 6.32
CA ALA C 100 -3.35 -25.14 5.51
C ALA C 100 -2.18 -25.97 5.01
N MET C 101 -1.92 -27.14 5.58
CA MET C 101 -0.78 -27.95 5.20
C MET C 101 -1.10 -28.96 4.11
N ASP C 102 -2.29 -28.90 3.51
CA ASP C 102 -2.69 -29.82 2.47
C ASP C 102 -2.82 -29.14 1.12
N GLU C 103 -2.15 -28.01 0.92
CA GLU C 103 -2.11 -27.34 -0.38
C GLU C 103 -0.91 -27.87 -1.15
N ALA C 104 -1.17 -28.57 -2.24
CA ALA C 104 -0.12 -29.19 -3.05
C ALA C 104 -0.79 -29.79 -4.28
N ASP C 105 0.04 -30.39 -5.14
CA ASP C 105 -0.44 -30.99 -6.38
C ASP C 105 -0.59 -32.49 -6.19
N TYR C 106 -1.72 -33.03 -6.64
CA TYR C 106 -2.03 -34.45 -6.51
C TYR C 106 -2.11 -35.07 -7.90
N TYR C 107 -1.39 -36.18 -8.08
CA TYR C 107 -1.28 -36.83 -9.37
C TYR C 107 -1.83 -38.25 -9.29
N CYS C 108 -2.38 -38.70 -10.41
CA CYS C 108 -3.03 -40.01 -10.51
C CYS C 108 -2.20 -40.93 -11.37
N GLN C 109 -2.12 -42.20 -10.99
CA GLN C 109 -1.31 -43.18 -11.69
C GLN C 109 -2.16 -44.39 -12.07
N ALA C 110 -1.74 -45.08 -13.12
CA ALA C 110 -2.37 -46.33 -13.52
C ALA C 110 -1.53 -47.02 -14.58
N TRP C 111 -1.30 -48.32 -14.42
CA TRP C 111 -0.55 -49.09 -15.40
C TRP C 111 -1.48 -49.57 -16.50
N ASP C 112 -1.07 -49.40 -17.75
CA ASP C 112 -1.92 -49.78 -18.87
C ASP C 112 -1.06 -50.10 -20.08
N SER C 113 -1.38 -51.21 -20.75
CA SER C 113 -0.76 -51.58 -22.02
C SER C 113 0.76 -51.54 -21.93
N SER C 114 1.30 -52.04 -20.83
CA SER C 114 2.75 -52.11 -20.66
C SER C 114 3.38 -50.72 -20.77
N ALA C 115 2.75 -49.73 -20.15
CA ALA C 115 3.26 -48.36 -20.19
C ALA C 115 2.64 -47.58 -19.05
N LEU C 116 3.49 -46.97 -18.23
CA LEU C 116 3.03 -46.14 -17.13
C LEU C 116 2.32 -44.89 -17.66
N VAL C 117 1.34 -44.42 -16.91
CA VAL C 117 0.55 -43.26 -17.31
C VAL C 117 0.23 -42.43 -16.07
N PHE C 118 0.76 -41.22 -16.02
CA PHE C 118 0.49 -40.28 -14.94
C PHE C 118 -0.63 -39.33 -15.34
N GLY C 119 -1.50 -39.01 -14.40
CA GLY C 119 -2.61 -38.13 -14.68
C GLY C 119 -2.17 -36.69 -14.80
N GLY C 120 -3.14 -35.85 -15.13
CA GLY C 120 -2.87 -34.42 -15.22
C GLY C 120 -2.76 -33.79 -13.85
N GLY C 121 -1.95 -32.73 -13.77
CA GLY C 121 -1.71 -32.09 -12.49
C GLY C 121 -2.98 -31.42 -11.97
N THR C 122 -3.29 -31.68 -10.70
CA THR C 122 -4.39 -31.02 -10.01
C THR C 122 -3.82 -30.12 -8.92
N LYS C 123 -4.29 -28.88 -8.86
CA LYS C 123 -3.86 -27.92 -7.85
C LYS C 123 -5.00 -27.73 -6.86
N LEU C 124 -4.71 -27.98 -5.58
CA LEU C 124 -5.67 -27.80 -4.51
C LEU C 124 -5.25 -26.60 -3.67
N THR C 125 -6.16 -25.64 -3.51
CA THR C 125 -5.88 -24.42 -2.78
C THR C 125 -6.92 -24.24 -1.68
N VAL C 126 -6.45 -23.96 -0.46
CA VAL C 126 -7.31 -23.73 0.68
C VAL C 126 -7.49 -22.22 0.84
N LEU C 127 -8.73 -21.76 0.76
CA LEU C 127 -9.01 -20.34 0.86
C LEU C 127 -8.92 -19.87 2.31
N ARG C 128 -8.09 -18.86 2.55
CA ARG C 128 -7.90 -18.34 3.89
C ARG C 128 -9.04 -17.41 4.27
N THR C 129 -9.16 -17.14 5.56
CA THR C 129 -10.19 -16.28 6.12
C THR C 129 -9.55 -15.03 6.69
N VAL C 130 -10.14 -13.88 6.38
CA VAL C 130 -9.58 -12.61 6.83
C VAL C 130 -9.78 -12.47 8.34
N ALA C 131 -8.71 -12.12 9.05
CA ALA C 131 -8.75 -11.94 10.49
C ALA C 131 -8.19 -10.57 10.83
N ALA C 132 -8.97 -9.77 11.55
CA ALA C 132 -8.54 -8.43 11.91
C ALA C 132 -7.43 -8.49 12.95
N PRO C 133 -6.62 -7.44 13.04
CA PRO C 133 -5.49 -7.44 13.98
C PRO C 133 -5.90 -6.98 15.36
N SER C 134 -5.03 -7.25 16.32
CA SER C 134 -5.12 -6.72 17.68
C SER C 134 -3.98 -5.75 17.88
N VAL C 135 -4.30 -4.50 18.21
CA VAL C 135 -3.33 -3.41 18.22
C VAL C 135 -3.17 -2.88 19.63
N PHE C 136 -1.93 -2.80 20.09
CA PHE C 136 -1.61 -2.23 21.40
C PHE C 136 -0.49 -1.21 21.26
N ILE C 137 -0.38 -0.33 22.24
CA ILE C 137 0.68 0.68 22.28
C ILE C 137 1.25 0.73 23.69
N PHE C 138 2.58 0.63 23.80
CA PHE C 138 3.26 0.64 25.09
C PHE C 138 4.07 1.92 25.23
N PRO C 139 3.80 2.77 26.21
CA PRO C 139 4.58 4.00 26.35
C PRO C 139 6.04 3.70 26.65
N PRO C 140 6.90 4.72 26.63
CA PRO C 140 8.32 4.50 26.94
C PRO C 140 8.55 4.42 28.44
N SER C 141 9.34 3.44 28.85
CA SER C 141 9.58 3.21 30.27
C SER C 141 10.35 4.37 30.89
N ASP C 142 10.12 4.59 32.19
CA ASP C 142 10.73 5.73 32.86
C ASP C 142 12.25 5.61 32.88
N GLU C 143 12.77 4.42 33.13
CA GLU C 143 14.22 4.25 33.16
C GLU C 143 14.84 4.53 31.79
N GLN C 144 14.21 4.02 30.72
CA GLN C 144 14.71 4.32 29.38
C GLN C 144 14.64 5.81 29.10
N LEU C 145 13.59 6.47 29.57
CA LEU C 145 13.50 7.92 29.41
C LEU C 145 14.66 8.62 30.12
N LYS C 146 14.99 8.16 31.33
CA LYS C 146 16.15 8.71 32.03
C LYS C 146 17.42 8.50 31.22
N SER C 147 17.52 7.35 30.54
CA SER C 147 18.71 7.09 29.73
C SER C 147 18.92 8.15 28.66
N GLY C 148 17.86 8.83 28.23
CA GLY C 148 17.97 9.91 27.27
C GLY C 148 17.33 9.66 25.92
N THR C 149 16.72 8.50 25.71
CA THR C 149 16.03 8.19 24.46
C THR C 149 14.70 7.54 24.77
N ALA C 150 13.65 7.97 24.07
CA ALA C 150 12.31 7.47 24.27
C ALA C 150 11.88 6.65 23.06
N SER C 151 11.20 5.53 23.31
CA SER C 151 10.73 4.64 22.27
C SER C 151 9.28 4.28 22.51
N VAL C 152 8.49 4.27 21.44
CA VAL C 152 7.09 3.89 21.48
C VAL C 152 6.89 2.74 20.50
N VAL C 153 6.20 1.70 20.92
CA VAL C 153 6.07 0.46 20.16
C VAL C 153 4.60 0.14 19.99
N CYS C 154 4.22 -0.21 18.76
CA CYS C 154 2.87 -0.66 18.43
C CYS C 154 2.95 -2.09 17.89
N LEU C 155 2.00 -2.92 18.32
CA LEU C 155 2.03 -4.35 18.04
C LEU C 155 0.73 -4.76 17.36
N LEU C 156 0.86 -5.39 16.19
CA LEU C 156 -0.27 -6.05 15.53
C LEU C 156 0.07 -7.53 15.43
N ASN C 157 -0.77 -8.38 15.99
CA ASN C 157 -0.51 -9.82 16.02
C ASN C 157 -1.75 -10.59 15.57
N ASN C 158 -1.52 -11.75 14.95
CA ASN C 158 -2.57 -12.65 14.53
C ASN C 158 -3.56 -11.95 13.60
N PHE C 159 -3.05 -11.57 12.43
CA PHE C 159 -3.85 -10.91 11.41
C PHE C 159 -3.49 -11.45 10.04
N TYR C 160 -4.43 -11.27 9.10
CA TYR C 160 -4.29 -11.78 7.74
C TYR C 160 -5.26 -11.02 6.87
N PRO C 161 -4.93 -10.70 5.60
CA PRO C 161 -3.68 -10.99 4.86
C PRO C 161 -2.49 -10.18 5.35
N ARG C 162 -1.35 -10.36 4.68
CA ARG C 162 -0.11 -9.73 5.12
C ARG C 162 -0.21 -8.21 5.09
N GLU C 163 -0.83 -7.66 4.04
CA GLU C 163 -0.81 -6.23 3.83
C GLU C 163 -1.41 -5.50 5.04
N ALA C 164 -0.71 -4.47 5.51
CA ALA C 164 -1.14 -3.67 6.64
C ALA C 164 -0.25 -2.45 6.74
N LYS C 165 -0.83 -1.29 6.99
CA LYS C 165 -0.10 -0.03 7.04
C LYS C 165 -0.30 0.61 8.41
N VAL C 166 0.81 0.95 9.05
CA VAL C 166 0.82 1.61 10.35
C VAL C 166 1.25 3.05 10.15
N GLN C 167 0.46 3.99 10.68
CA GLN C 167 0.73 5.41 10.56
C GLN C 167 0.69 6.03 11.95
N TRP C 168 1.83 6.56 12.39
CA TRP C 168 1.92 7.19 13.70
C TRP C 168 1.32 8.59 13.64
N LYS C 169 1.16 9.19 14.82
CA LYS C 169 0.65 10.55 14.92
C LYS C 169 1.11 11.15 16.25
N VAL C 170 1.52 12.41 16.20
CA VAL C 170 1.97 13.14 17.38
C VAL C 170 1.27 14.49 17.34
N ASP C 171 0.12 14.60 18.01
CA ASP C 171 -0.68 15.82 18.00
C ASP C 171 -1.11 16.19 16.58
N ASN C 172 -1.79 15.24 15.94
CA ASN C 172 -2.31 15.43 14.59
C ASN C 172 -1.22 15.86 13.63
N ALA C 173 -0.05 15.21 13.73
CA ALA C 173 1.09 15.50 12.87
C ALA C 173 1.64 14.17 12.38
N LEU C 174 1.32 13.80 11.14
CA LEU C 174 1.76 12.53 10.61
C LEU C 174 3.28 12.45 10.64
N GLN C 175 3.80 11.28 11.00
CA GLN C 175 5.22 11.06 11.17
C GLN C 175 5.81 10.42 9.92
N SER C 176 6.91 10.98 9.42
CA SER C 176 7.62 10.45 8.27
C SER C 176 9.05 10.12 8.69
N GLY C 177 9.49 8.90 8.39
CA GLY C 177 10.79 8.45 8.83
C GLY C 177 10.81 8.11 10.31
N ASN C 178 12.02 7.90 10.82
CA ASN C 178 12.25 7.55 12.21
C ASN C 178 11.21 6.53 12.69
N SER C 179 11.21 5.37 12.01
CA SER C 179 10.32 4.28 12.36
C SER C 179 10.85 3.00 11.73
N GLN C 180 10.94 1.95 12.53
CA GLN C 180 11.39 0.65 12.07
C GLN C 180 10.23 -0.32 12.05
N GLU C 181 10.24 -1.23 11.08
CA GLU C 181 9.17 -2.19 10.87
C GLU C 181 9.74 -3.60 10.87
N SER C 182 9.05 -4.51 11.54
CA SER C 182 9.47 -5.90 11.63
C SER C 182 8.25 -6.79 11.56
N VAL C 183 8.38 -7.92 10.85
CA VAL C 183 7.30 -8.87 10.67
C VAL C 183 7.83 -10.28 10.93
N THR C 184 7.06 -11.07 11.68
CA THR C 184 7.44 -12.44 11.97
C THR C 184 7.03 -13.36 10.84
N GLU C 185 7.42 -14.63 10.96
CA GLU C 185 7.10 -15.61 9.94
C GLU C 185 5.64 -16.06 10.07
N GLN C 186 5.11 -16.59 8.98
CA GLN C 186 3.74 -17.06 8.97
C GLN C 186 3.60 -18.30 9.83
N ASP C 187 2.47 -18.40 10.54
CA ASP C 187 2.18 -19.55 11.38
C ASP C 187 1.41 -20.58 10.55
N SER C 188 1.96 -21.80 10.48
CA SER C 188 1.36 -22.83 9.63
C SER C 188 -0.05 -23.16 10.07
N LYS C 189 -0.26 -23.33 11.37
CA LYS C 189 -1.57 -23.76 11.86
C LYS C 189 -2.65 -22.73 11.54
N ASP C 190 -2.36 -21.45 11.77
CA ASP C 190 -3.35 -20.40 11.63
C ASP C 190 -3.17 -19.55 10.39
N SER C 191 -1.95 -19.40 9.88
CA SER C 191 -1.67 -18.55 8.72
C SER C 191 -1.94 -17.09 9.04
N THR C 192 -1.37 -16.63 10.15
CA THR C 192 -1.50 -15.24 10.60
C THR C 192 -0.13 -14.70 10.98
N TYR C 193 0.12 -13.46 10.57
CA TYR C 193 1.43 -12.84 10.78
C TYR C 193 1.44 -12.04 12.09
N SER C 194 2.51 -11.29 12.30
CA SER C 194 2.61 -10.34 13.40
C SER C 194 3.56 -9.24 12.97
N LEU C 195 3.30 -8.02 13.44
CA LEU C 195 4.06 -6.86 12.99
C LEU C 195 4.24 -5.89 14.15
N SER C 196 5.49 -5.48 14.37
CA SER C 196 5.82 -4.52 15.42
C SER C 196 6.44 -3.29 14.77
N SER C 197 5.91 -2.12 15.11
CA SER C 197 6.42 -0.84 14.62
C SER C 197 6.84 0.01 15.80
N THR C 198 8.12 0.33 15.86
CA THR C 198 8.70 1.05 16.99
C THR C 198 9.15 2.43 16.54
N LEU C 199 8.75 3.45 17.29
CA LEU C 199 9.09 4.83 17.01
C LEU C 199 10.13 5.31 18.01
N THR C 200 11.21 5.90 17.50
CA THR C 200 12.33 6.34 18.32
C THR C 200 12.48 7.86 18.20
N LEU C 201 12.57 8.53 19.34
CA LEU C 201 12.72 9.97 19.41
C LEU C 201 13.89 10.32 20.34
N SER C 202 14.14 11.60 20.47
CA SER C 202 15.06 12.11 21.49
C SER C 202 14.30 12.48 22.74
N LYS C 203 15.03 12.62 23.85
CA LYS C 203 14.38 12.87 25.13
C LYS C 203 13.55 14.15 25.08
N ALA C 204 14.14 15.25 24.64
CA ALA C 204 13.43 16.53 24.63
C ALA C 204 12.22 16.48 23.70
N ASP C 205 12.40 15.89 22.51
CA ASP C 205 11.30 15.83 21.56
C ASP C 205 10.13 15.07 22.14
N TYR C 206 10.40 13.94 22.80
CA TYR C 206 9.32 13.19 23.44
C TYR C 206 8.68 14.01 24.55
N GLU C 207 9.50 14.71 25.33
CA GLU C 207 8.95 15.50 26.44
C GLU C 207 7.99 16.55 25.93
N LYS C 208 8.32 17.22 24.83
CA LYS C 208 7.36 18.09 24.18
C LYS C 208 6.18 17.26 23.66
N HIS C 209 5.17 17.96 23.13
CA HIS C 209 3.98 17.27 22.64
C HIS C 209 3.26 16.59 23.79
N LYS C 210 2.00 16.18 23.59
CA LYS C 210 1.24 15.61 24.70
C LYS C 210 0.51 14.32 24.34
N VAL C 211 0.16 14.14 23.06
CA VAL C 211 -0.70 13.05 22.63
C VAL C 211 0.07 12.17 21.66
N TYR C 212 -0.11 10.86 21.79
CA TYR C 212 0.48 9.90 20.89
C TYR C 212 -0.57 8.88 20.47
N ALA C 213 -0.41 8.34 19.26
CA ALA C 213 -1.38 7.40 18.71
C ALA C 213 -0.70 6.52 17.69
N CYS C 214 -1.38 5.43 17.33
CA CYS C 214 -0.87 4.44 16.38
C CYS C 214 -2.03 4.02 15.49
N GLU C 215 -2.13 4.61 14.30
CA GLU C 215 -3.24 4.35 13.41
C GLU C 215 -2.96 3.12 12.55
N VAL C 216 -3.94 2.23 12.47
CA VAL C 216 -3.84 0.98 11.73
C VAL C 216 -4.95 0.94 10.69
N THR C 217 -4.59 0.62 9.45
CA THR C 217 -5.56 0.43 8.38
C THR C 217 -5.29 -0.91 7.72
N HIS C 218 -6.32 -1.76 7.65
CA HIS C 218 -6.13 -3.11 7.15
C HIS C 218 -7.49 -3.71 6.84
N GLN C 219 -7.52 -4.64 5.88
CA GLN C 219 -8.73 -5.38 5.56
C GLN C 219 -9.31 -5.99 6.83
N GLY C 220 -10.60 -6.29 6.81
CA GLY C 220 -11.25 -6.85 7.98
C GLY C 220 -11.61 -5.86 9.05
N LEU C 221 -11.25 -4.58 8.87
CA LEU C 221 -11.62 -3.51 9.78
C LEU C 221 -12.50 -2.53 9.01
N SER C 222 -13.72 -2.32 9.49
CA SER C 222 -14.63 -1.42 8.78
C SER C 222 -14.05 -0.01 8.70
N SER C 223 -13.47 0.48 9.78
CA SER C 223 -12.84 1.79 9.82
C SER C 223 -11.50 1.68 10.53
N PRO C 224 -10.55 2.55 10.22
CA PRO C 224 -9.24 2.48 10.90
C PRO C 224 -9.39 2.64 12.40
N VAL C 225 -8.54 1.94 13.13
CA VAL C 225 -8.58 1.91 14.59
C VAL C 225 -7.29 2.51 15.13
N THR C 226 -7.41 3.44 16.07
CA THR C 226 -6.27 4.13 16.68
C THR C 226 -6.26 3.86 18.17
N LYS C 227 -5.08 3.51 18.70
CA LYS C 227 -4.91 3.27 20.13
C LYS C 227 -3.98 4.36 20.67
N SER C 228 -4.57 5.41 21.24
CA SER C 228 -3.83 6.58 21.67
C SER C 228 -3.73 6.63 23.19
N PHE C 229 -2.70 7.34 23.66
CA PHE C 229 -2.50 7.55 25.09
C PHE C 229 -1.88 8.93 25.30
N ASN C 230 -2.16 9.52 26.45
CA ASN C 230 -1.65 10.83 26.80
C ASN C 230 -0.46 10.67 27.73
N ARG C 231 0.70 11.21 27.32
CA ARG C 231 1.90 11.05 28.12
C ARG C 231 1.80 11.82 29.42
N GLY C 232 2.48 11.31 30.44
CA GLY C 232 2.54 11.97 31.73
C GLY C 232 1.30 11.74 32.58
N GLU C 233 0.19 11.37 31.96
CA GLU C 233 -1.03 11.16 32.72
C GLU C 233 -0.87 10.04 33.73
N CYS C 234 -0.24 8.94 33.33
CA CYS C 234 -0.04 7.81 34.23
C CYS C 234 0.87 6.77 33.58
N THR D 54 73.95 24.16 -6.47
CA THR D 54 74.04 23.23 -7.59
C THR D 54 73.14 23.67 -8.74
N ASN D 55 73.61 23.45 -9.96
CA ASN D 55 72.84 23.81 -11.14
C ASN D 55 71.73 22.80 -11.38
N GLY D 56 70.70 23.24 -12.12
CA GLY D 56 69.57 22.41 -12.43
C GLY D 56 68.50 22.36 -11.35
N SER D 57 68.68 23.08 -10.25
CA SER D 57 67.70 23.10 -9.16
C SER D 57 67.43 21.70 -8.62
N TRP D 58 68.48 21.12 -8.03
CA TRP D 58 68.39 19.76 -7.50
C TRP D 58 69.33 19.65 -6.30
N HIS D 59 68.77 19.68 -5.10
CA HIS D 59 69.49 19.41 -3.87
C HIS D 59 68.92 18.17 -3.23
N ILE D 60 69.78 17.23 -2.85
CA ILE D 60 69.34 15.89 -2.47
C ILE D 60 69.03 15.80 -0.99
N ASN D 61 70.04 15.97 -0.14
CA ASN D 61 69.87 15.85 1.31
C ASN D 61 70.65 16.89 2.09
N ARG D 62 71.46 17.72 1.44
CA ARG D 62 72.47 18.50 2.13
C ARG D 62 71.90 19.68 2.91
N THR D 63 70.64 20.05 2.68
CA THR D 63 70.06 21.18 3.40
C THR D 63 70.11 20.93 4.91
N ALA D 64 70.48 21.97 5.66
CA ALA D 64 70.61 21.86 7.11
C ALA D 64 69.24 22.01 7.75
N LEU D 65 68.80 20.95 8.44
CA LEU D 65 67.50 20.96 9.11
C LEU D 65 67.64 21.42 10.56
N ASN D 66 68.25 22.57 10.76
CA ASN D 66 68.48 23.15 12.08
C ASN D 66 67.50 24.31 12.26
N CYS D 67 66.35 24.01 12.84
CA CYS D 67 65.30 25.01 13.07
C CYS D 67 64.80 24.89 14.50
N ASN D 68 64.44 26.04 15.07
CA ASN D 68 63.95 26.09 16.43
C ASN D 68 62.44 25.84 16.47
N ASP D 69 61.96 25.43 17.65
CA ASP D 69 60.54 25.17 17.85
C ASP D 69 59.99 25.77 19.14
N SER D 70 60.83 26.22 20.07
CA SER D 70 60.34 26.77 21.33
C SER D 70 59.48 28.01 21.09
N LEU D 71 59.91 28.88 20.18
CA LEU D 71 59.17 30.10 19.91
C LEU D 71 57.81 29.77 19.29
N HIS D 72 56.82 30.60 19.61
CA HIS D 72 55.45 30.41 19.16
C HIS D 72 55.14 31.18 17.89
N THR D 73 56.14 31.80 17.26
CA THR D 73 55.89 32.58 16.04
C THR D 73 55.30 31.71 14.93
N GLY D 74 55.66 30.44 14.89
CA GLY D 74 55.13 29.54 13.88
C GLY D 74 55.57 29.87 12.46
N PHE D 75 56.81 30.34 12.30
CA PHE D 75 57.31 30.60 10.96
C PHE D 75 57.33 29.32 10.13
N LEU D 76 57.79 28.22 10.71
CA LEU D 76 57.76 26.94 10.00
C LEU D 76 56.32 26.50 9.76
N ALA D 77 55.43 26.75 10.72
CA ALA D 77 54.04 26.36 10.55
C ALA D 77 53.33 27.19 9.48
N ALA D 78 53.91 28.32 9.09
CA ALA D 78 53.30 29.16 8.05
C ALA D 78 53.65 28.71 6.64
N LEU D 79 54.43 27.62 6.50
CA LEU D 79 54.83 27.18 5.17
C LEU D 79 53.62 26.79 4.32
N PHE D 80 52.66 26.09 4.91
CA PHE D 80 51.56 25.54 4.12
C PHE D 80 50.77 26.64 3.43
N TYR D 81 50.45 27.71 4.15
CA TYR D 81 49.57 28.76 3.65
C TYR D 81 50.17 30.12 3.96
N THR D 82 49.80 31.11 3.16
CA THR D 82 50.28 32.47 3.30
C THR D 82 49.09 33.41 3.41
N HIS D 83 49.24 34.45 4.25
CA HIS D 83 48.16 35.39 4.47
C HIS D 83 48.10 36.42 3.35
N LYS D 84 47.10 37.28 3.40
CA LYS D 84 46.92 38.32 2.39
C LYS D 84 47.87 39.48 2.65
N PHE D 85 47.91 40.40 1.68
CA PHE D 85 48.80 41.56 1.79
C PHE D 85 48.49 42.39 3.02
N ASN D 86 47.22 42.72 3.22
CA ASN D 86 46.79 43.55 4.35
C ASN D 86 46.46 42.74 5.58
N ALA D 87 46.52 41.42 5.51
CA ALA D 87 46.17 40.57 6.64
C ALA D 87 47.35 40.24 7.54
N SER D 88 48.57 40.67 7.17
CA SER D 88 49.77 40.39 7.95
C SER D 88 50.48 41.66 8.39
N GLY D 89 49.80 42.81 8.35
CA GLY D 89 50.42 44.06 8.75
C GLY D 89 51.63 44.42 7.94
N CYS D 90 51.63 44.11 6.64
CA CYS D 90 52.77 44.43 5.79
C CYS D 90 53.07 45.92 5.73
N PRO D 91 52.10 46.80 5.49
CA PRO D 91 52.45 48.22 5.27
C PRO D 91 53.18 48.86 6.44
N GLU D 92 52.90 48.43 7.66
CA GLU D 92 53.59 49.01 8.81
C GLU D 92 55.09 48.88 8.67
N ARG D 93 55.57 47.69 8.31
CA ARG D 93 57.00 47.48 8.08
C ARG D 93 57.44 48.05 6.75
N MET D 94 56.58 48.00 5.72
CA MET D 94 56.96 48.47 4.40
C MET D 94 57.19 49.98 4.37
N ALA D 95 56.58 50.72 5.29
CA ALA D 95 56.72 52.18 5.30
C ALA D 95 58.09 52.63 5.82
N HIS D 96 59.00 51.72 6.13
CA HIS D 96 60.32 52.09 6.62
C HIS D 96 61.25 52.61 5.52
N CYS D 97 60.91 52.39 4.25
CA CYS D 97 61.72 52.85 3.14
C CYS D 97 60.83 53.59 2.13
N ARG D 98 61.42 54.60 1.49
CA ARG D 98 60.66 55.42 0.56
C ARG D 98 60.28 54.60 -0.67
N PRO D 99 59.17 54.94 -1.32
CA PRO D 99 58.74 54.19 -2.51
C PRO D 99 59.69 54.36 -3.68
N ILE D 100 60.02 55.61 -4.00
CA ILE D 100 60.91 55.91 -5.11
C ILE D 100 62.36 55.88 -4.64
N PRO D 122 65.13 42.65 5.81
CA PRO D 122 65.14 43.02 4.39
C PRO D 122 63.76 42.91 3.75
N TYR D 123 62.89 43.89 4.04
CA TYR D 123 61.53 43.88 3.52
C TYR D 123 61.40 44.56 2.17
N CYS D 124 62.31 45.48 1.83
CA CYS D 124 62.28 46.19 0.57
C CYS D 124 63.70 46.28 0.01
N TRP D 125 63.82 46.87 -1.18
CA TRP D 125 65.13 46.97 -1.82
C TRP D 125 66.09 47.84 -1.05
N HIS D 126 65.61 48.68 -0.14
CA HIS D 126 66.48 49.58 0.61
C HIS D 126 67.26 48.81 1.67
N TYR D 127 68.46 48.36 1.31
CA TYR D 127 69.27 47.55 2.23
C TYR D 127 70.73 47.75 1.88
N ALA D 128 71.59 47.40 2.83
CA ALA D 128 73.04 47.48 2.69
C ALA D 128 73.66 46.16 3.11
N PRO D 129 73.43 45.10 2.34
CA PRO D 129 73.98 43.78 2.72
C PRO D 129 75.50 43.82 2.77
N ARG D 130 76.06 43.07 3.72
CA ARG D 130 77.50 42.98 3.90
C ARG D 130 78.04 41.72 3.23
N GLN D 131 79.36 41.63 3.17
CA GLN D 131 80.02 40.49 2.54
C GLN D 131 80.09 39.32 3.51
N CYS D 132 79.69 38.14 3.04
CA CYS D 132 79.70 36.92 3.84
C CYS D 132 80.55 35.88 3.14
N GLY D 133 81.56 35.37 3.83
CA GLY D 133 82.42 34.34 3.28
C GLY D 133 82.00 32.95 3.67
N THR D 134 81.78 32.74 4.97
CA THR D 134 81.33 31.45 5.49
C THR D 134 80.36 31.69 6.64
N ILE D 135 79.49 30.72 6.87
CA ILE D 135 78.49 30.81 7.93
C ILE D 135 78.34 29.46 8.60
N PRO D 136 78.32 29.37 9.93
CA PRO D 136 78.09 28.07 10.58
C PRO D 136 76.73 27.52 10.20
N ALA D 137 76.67 26.18 10.08
CA ALA D 137 75.43 25.51 9.71
C ALA D 137 74.49 25.31 10.89
N SER D 138 74.93 25.60 12.12
CA SER D 138 74.08 25.39 13.28
C SER D 138 72.89 26.34 13.31
N GLN D 139 72.92 27.41 12.52
CA GLN D 139 71.83 28.38 12.48
C GLN D 139 71.01 28.32 11.21
N VAL D 140 71.50 27.65 10.16
CA VAL D 140 70.78 27.60 8.89
C VAL D 140 69.54 26.73 9.04
N CYS D 141 68.40 27.25 8.60
CA CYS D 141 67.12 26.53 8.64
C CYS D 141 66.56 26.50 7.23
N GLY D 142 66.73 25.38 6.54
CA GLY D 142 66.24 25.24 5.19
C GLY D 142 67.37 25.40 4.18
N PRO D 143 67.08 25.10 2.92
CA PRO D 143 68.11 25.27 1.88
C PRO D 143 68.50 26.73 1.71
N VAL D 144 69.75 26.96 1.34
CA VAL D 144 70.26 28.30 1.08
C VAL D 144 70.24 28.52 -0.42
N TYR D 145 69.32 29.36 -0.88
CA TYR D 145 69.16 29.67 -2.30
C TYR D 145 69.95 30.92 -2.65
N CYS D 146 70.69 30.86 -3.76
CA CYS D 146 71.48 31.99 -4.20
C CYS D 146 71.28 32.21 -5.69
N PHE D 147 71.52 33.44 -6.13
CA PHE D 147 71.19 33.90 -7.47
C PHE D 147 72.48 34.21 -8.22
N THR D 148 72.68 33.53 -9.35
CA THR D 148 73.82 33.74 -10.23
C THR D 148 73.77 35.02 -11.06
N PRO D 149 72.59 35.59 -11.41
CA PRO D 149 71.23 35.50 -10.81
C PRO D 149 70.43 34.20 -11.00
N SER D 150 70.77 33.30 -11.90
CA SER D 150 69.99 32.07 -12.00
C SER D 150 70.08 31.32 -10.67
N PRO D 151 68.96 30.81 -10.15
CA PRO D 151 68.99 30.25 -8.79
C PRO D 151 69.98 29.09 -8.68
N VAL D 152 70.68 29.05 -7.54
CA VAL D 152 71.65 28.00 -7.26
C VAL D 152 71.61 27.71 -5.77
N VAL D 153 71.84 26.44 -5.41
CA VAL D 153 71.77 25.96 -4.04
C VAL D 153 73.17 25.50 -3.64
N VAL D 154 73.60 25.88 -2.44
CA VAL D 154 74.90 25.53 -1.88
C VAL D 154 74.66 24.75 -0.59
N GLY D 155 75.37 23.64 -0.42
CA GLY D 155 75.19 22.79 0.74
C GLY D 155 76.19 23.10 1.85
N THR D 156 76.04 22.35 2.95
CA THR D 156 77.06 22.38 3.98
C THR D 156 78.37 21.88 3.41
N THR D 157 79.47 22.16 4.11
CA THR D 157 80.77 21.71 3.64
C THR D 157 81.72 21.68 4.82
N ASP D 158 82.66 20.74 4.76
CA ASP D 158 83.68 20.63 5.79
C ASP D 158 84.63 21.82 5.74
N ARG D 159 85.10 22.23 6.90
CA ARG D 159 86.01 23.37 7.00
C ARG D 159 87.30 23.08 6.23
N PRO D 163 82.79 16.36 1.51
CA PRO D 163 81.35 16.60 1.67
C PRO D 163 80.72 15.77 2.78
N THR D 164 80.21 16.44 3.80
CA THR D 164 79.59 15.79 4.94
C THR D 164 78.08 15.66 4.70
N TYR D 165 77.56 14.46 4.86
CA TYR D 165 76.13 14.16 4.70
C TYR D 165 75.54 13.95 6.08
N THR D 166 75.13 15.05 6.72
CA THR D 166 74.59 14.99 8.07
C THR D 166 73.34 15.85 8.27
N TRP D 167 72.82 16.49 7.23
CA TRP D 167 71.66 17.36 7.34
C TRP D 167 71.89 18.53 8.30
N GLY D 168 73.15 18.92 8.49
CA GLY D 168 73.47 19.99 9.41
C GLY D 168 73.45 19.61 10.87
N GLU D 169 73.28 18.32 11.19
CA GLU D 169 73.23 17.91 12.58
C GLU D 169 74.55 18.19 13.29
N ASN D 170 75.66 17.90 12.62
CA ASN D 170 76.99 18.10 13.22
C ASN D 170 77.28 19.59 13.38
N THR D 180 81.24 36.89 -4.47
CA THR D 180 82.03 37.41 -5.57
C THR D 180 81.16 37.58 -6.81
N ARG D 181 81.42 38.64 -7.57
CA ARG D 181 80.59 38.95 -8.72
C ARG D 181 80.72 37.86 -9.78
N PRO D 182 79.67 37.60 -10.55
CA PRO D 182 79.72 36.51 -11.54
C PRO D 182 80.87 36.67 -12.52
N PRO D 183 81.17 37.90 -12.96
CA PRO D 183 82.35 38.07 -13.82
C PRO D 183 83.63 37.55 -13.17
N GLN D 184 83.78 37.73 -11.87
CA GLN D 184 84.92 37.21 -11.13
C GLN D 184 84.65 35.85 -10.50
N GLY D 185 83.47 35.28 -10.74
CA GLY D 185 83.12 33.99 -10.19
C GLY D 185 82.18 34.11 -9.00
N ASN D 186 81.52 33.00 -8.68
CA ASN D 186 80.61 32.94 -7.54
C ASN D 186 79.36 33.78 -7.79
N TRP D 187 78.77 34.31 -6.72
CA TRP D 187 77.52 35.06 -6.79
C TRP D 187 77.67 36.36 -6.00
N PHE D 188 76.96 37.39 -6.45
CA PHE D 188 77.02 38.69 -5.79
C PHE D 188 76.51 38.61 -4.36
N GLY D 189 75.40 37.91 -4.16
CA GLY D 189 74.82 37.80 -2.83
C GLY D 189 73.53 37.01 -2.90
N CYS D 190 72.98 36.72 -1.72
CA CYS D 190 71.76 35.93 -1.62
C CYS D 190 71.27 35.96 -0.18
N THR D 191 70.19 35.23 0.06
CA THR D 191 69.49 35.25 1.35
C THR D 191 69.22 33.82 1.82
N TRP D 192 69.02 33.68 3.12
CA TRP D 192 68.69 32.40 3.73
C TRP D 192 67.81 32.64 4.95
N MET D 193 67.37 31.54 5.56
CA MET D 193 66.46 31.58 6.70
C MET D 193 67.16 30.88 7.86
N ASN D 194 67.23 31.56 9.00
CA ASN D 194 68.03 31.10 10.13
C ASN D 194 67.22 30.22 11.07
N SER D 195 67.93 29.57 12.01
CA SER D 195 67.25 28.72 12.97
C SER D 195 66.33 29.53 13.87
N THR D 196 66.75 30.74 14.27
CA THR D 196 65.93 31.55 15.16
C THR D 196 64.60 31.91 14.55
N GLY D 197 64.54 32.02 13.22
CA GLY D 197 63.28 32.29 12.55
C GLY D 197 63.18 33.70 12.01
N PHE D 198 64.31 34.25 11.53
CA PHE D 198 64.34 35.57 10.94
C PHE D 198 65.16 35.53 9.66
N THR D 199 64.84 36.41 8.73
CA THR D 199 65.47 36.44 7.42
C THR D 199 66.64 37.40 7.43
N LYS D 200 67.81 36.90 7.02
CA LYS D 200 69.03 37.70 6.94
C LYS D 200 69.65 37.53 5.55
N THR D 201 70.24 38.61 5.04
CA THR D 201 70.80 38.63 3.71
C THR D 201 72.23 39.17 3.75
N CYS D 202 73.06 38.66 2.84
CA CYS D 202 74.42 39.13 2.68
C CYS D 202 74.80 39.09 1.21
N GLY D 203 75.74 39.94 0.83
CA GLY D 203 76.14 40.02 -0.56
C GLY D 203 77.29 40.98 -0.76
N GLY D 204 77.45 41.42 -2.00
CA GLY D 204 78.52 42.32 -2.36
C GLY D 204 78.28 43.72 -1.84
N PRO D 205 79.31 44.57 -1.91
CA PRO D 205 79.19 45.93 -1.39
C PRO D 205 78.48 46.83 -2.38
N PRO D 206 77.69 47.80 -1.91
CA PRO D 206 77.08 48.75 -2.83
C PRO D 206 78.14 49.58 -3.55
N CYS D 207 77.81 49.98 -4.78
CA CYS D 207 78.71 50.77 -5.61
C CYS D 207 78.36 52.25 -5.51
N ASN D 208 79.38 53.08 -5.35
CA ASN D 208 79.20 54.52 -5.26
C ASN D 208 78.32 54.87 -4.05
N ALA D 230 70.54 51.01 -11.29
CA ALA D 230 71.17 51.66 -12.43
C ALA D 230 71.73 50.63 -13.40
N THR D 231 71.98 49.42 -12.91
CA THR D 231 72.51 48.35 -13.74
C THR D 231 72.06 47.02 -13.18
N TYR D 232 72.12 45.99 -14.01
CA TYR D 232 71.68 44.65 -13.64
C TYR D 232 72.79 43.62 -13.65
N THR D 233 74.04 44.02 -13.96
CA THR D 233 75.14 43.08 -13.99
C THR D 233 76.43 43.63 -13.38
N LYS D 234 76.39 44.82 -12.78
CA LYS D 234 77.57 45.44 -12.19
C LYS D 234 77.44 45.61 -10.68
N CYS D 235 76.37 46.26 -10.22
CA CYS D 235 76.17 46.54 -8.80
C CYS D 235 75.13 45.62 -8.16
N GLY D 236 74.55 44.70 -8.92
CA GLY D 236 73.56 43.80 -8.36
C GLY D 236 74.13 42.95 -7.24
N SER D 237 73.48 42.96 -6.08
CA SER D 237 73.92 42.20 -4.92
C SER D 237 72.93 41.10 -4.55
N GLY D 238 71.67 41.44 -4.34
CA GLY D 238 70.67 40.50 -3.94
C GLY D 238 69.70 40.17 -5.07
N PRO D 239 68.54 39.62 -4.74
CA PRO D 239 67.54 39.31 -5.77
C PRO D 239 66.84 40.53 -6.33
N TRP D 240 67.08 41.72 -5.75
CA TRP D 240 66.41 42.95 -6.20
C TRP D 240 67.04 43.40 -7.52
N LEU D 241 66.63 42.72 -8.60
CA LEU D 241 67.10 43.10 -9.92
C LEU D 241 66.68 44.52 -10.27
N THR D 242 65.45 44.87 -9.92
CA THR D 242 64.89 46.20 -10.13
C THR D 242 64.21 46.64 -8.84
N PRO D 243 63.73 47.89 -8.78
CA PRO D 243 63.05 48.34 -7.56
C PRO D 243 61.86 47.49 -7.19
N ARG D 244 61.14 46.94 -8.17
CA ARG D 244 59.94 46.15 -7.95
C ARG D 244 59.98 44.88 -8.78
N CYS D 245 61.11 44.19 -8.76
CA CYS D 245 61.26 42.94 -9.48
C CYS D 245 62.18 42.02 -8.71
N LEU D 246 61.76 40.77 -8.53
CA LEU D 246 62.50 39.77 -7.76
C LEU D 246 62.74 38.54 -8.63
N VAL D 247 63.84 37.84 -8.33
CA VAL D 247 64.15 36.59 -9.01
C VAL D 247 63.32 35.49 -8.35
N ASP D 248 62.42 34.90 -9.11
CA ASP D 248 61.49 33.92 -8.56
C ASP D 248 62.18 32.56 -8.38
N TYR D 249 62.04 32.00 -7.19
CA TYR D 249 62.53 30.66 -6.89
C TYR D 249 61.49 29.96 -6.02
N PRO D 250 61.52 28.63 -5.97
CA PRO D 250 60.42 27.90 -5.31
C PRO D 250 60.13 28.35 -3.89
N TYR D 251 61.16 28.68 -3.11
CA TYR D 251 61.00 29.11 -1.74
C TYR D 251 60.91 30.62 -1.60
N ARG D 252 60.61 31.33 -2.69
CA ARG D 252 60.62 32.79 -2.65
C ARG D 252 59.58 33.32 -1.66
N LEU D 253 58.40 32.71 -1.64
CA LEU D 253 57.34 33.21 -0.77
C LEU D 253 57.76 33.17 0.69
N TRP D 254 58.42 32.08 1.09
CA TRP D 254 58.76 31.90 2.50
C TRP D 254 59.61 33.06 3.02
N HIS D 255 60.68 33.40 2.30
CA HIS D 255 61.54 34.49 2.74
C HIS D 255 60.91 35.85 2.51
N TYR D 256 59.99 35.98 1.54
CA TYR D 256 59.39 37.25 1.18
C TYR D 256 57.87 37.09 1.18
N PRO D 257 57.26 36.91 2.36
CA PRO D 257 55.81 36.76 2.41
C PRO D 257 55.05 38.00 1.97
N CYS D 258 55.70 39.17 1.97
CA CYS D 258 55.03 40.41 1.61
C CYS D 258 54.97 40.65 0.11
N THR D 259 55.53 39.74 -0.70
CA THR D 259 55.49 39.84 -2.15
C THR D 259 54.53 38.83 -2.76
N VAL D 260 53.50 38.43 -2.01
CA VAL D 260 52.55 37.44 -2.51
C VAL D 260 51.74 38.03 -3.67
N ASN D 261 51.38 39.31 -3.58
CA ASN D 261 50.55 39.93 -4.61
C ASN D 261 51.29 40.17 -5.91
N PHE D 262 52.62 40.00 -5.93
CA PHE D 262 53.38 40.25 -7.15
C PHE D 262 53.01 39.26 -8.25
N THR D 263 53.08 39.73 -9.49
CA THR D 263 52.80 38.90 -10.64
C THR D 263 54.04 38.12 -11.06
N ILE D 264 53.85 37.17 -11.98
CA ILE D 264 54.91 36.34 -12.51
C ILE D 264 55.23 36.79 -13.92
N PHE D 265 56.50 37.11 -14.18
CA PHE D 265 56.95 37.57 -15.48
C PHE D 265 58.19 36.81 -15.89
N LYS D 266 58.32 36.57 -17.20
CA LYS D 266 59.46 35.88 -17.77
C LYS D 266 60.37 36.89 -18.44
N VAL D 267 61.65 36.87 -18.06
CA VAL D 267 62.64 37.81 -18.58
C VAL D 267 63.92 37.06 -18.94
N ARG D 268 64.70 37.67 -19.82
CA ARG D 268 66.01 37.16 -20.21
C ARG D 268 67.04 38.25 -19.97
N MET D 269 68.15 37.88 -19.34
CA MET D 269 69.19 38.83 -18.96
C MET D 269 70.52 38.42 -19.60
N TYR D 270 71.33 39.43 -19.91
CA TYR D 270 72.64 39.20 -20.51
C TYR D 270 73.76 39.58 -19.55
N VAL D 274 77.38 36.49 -20.70
CA VAL D 274 76.52 35.34 -20.92
C VAL D 274 75.06 35.76 -20.87
N GLU D 275 74.18 34.87 -21.30
CA GLU D 275 72.74 35.11 -21.32
C GLU D 275 72.07 34.16 -20.33
N HIS D 276 71.21 34.71 -19.47
CA HIS D 276 70.51 33.95 -18.45
C HIS D 276 69.01 34.05 -18.68
N ARG D 277 68.34 32.90 -18.66
CA ARG D 277 66.88 32.82 -18.79
C ARG D 277 66.31 32.41 -17.44
N LEU D 278 65.52 33.30 -16.84
CA LEU D 278 64.96 33.04 -15.51
C LEU D 278 63.62 33.76 -15.40
N ASN D 279 62.82 33.31 -14.44
CA ASN D 279 61.50 33.87 -14.18
C ASN D 279 61.58 34.82 -12.99
N ALA D 280 61.10 36.04 -13.18
CA ALA D 280 61.13 37.07 -12.16
C ALA D 280 59.72 37.47 -11.77
N ALA D 281 59.57 37.96 -10.55
CA ALA D 281 58.28 38.39 -10.01
C ALA D 281 58.29 39.90 -9.83
N CYS D 282 57.30 40.57 -10.42
CA CYS D 282 57.18 42.02 -10.33
C CYS D 282 55.71 42.38 -10.14
N ASN D 283 55.47 43.54 -9.52
CA ASN D 283 54.13 44.00 -9.23
C ASN D 283 53.72 45.06 -10.25
N ILE D 284 52.50 45.57 -10.09
CA ILE D 284 51.97 46.61 -10.97
C ILE D 284 52.44 47.98 -10.50
N ALA E 30 38.58 -7.33 0.85
CA ALA E 30 37.63 -6.73 1.77
C ALA E 30 37.64 -7.46 3.11
N GLU E 31 37.53 -6.70 4.20
CA GLU E 31 37.52 -7.27 5.54
C GLU E 31 37.24 -6.15 6.52
N VAL E 32 36.92 -6.54 7.75
CA VAL E 32 36.64 -5.59 8.83
C VAL E 32 37.90 -5.42 9.64
N LYS E 33 38.36 -4.18 9.76
CA LYS E 33 39.52 -3.86 10.60
C LYS E 33 39.08 -3.92 12.05
N LYS E 34 39.62 -4.88 12.81
CA LYS E 34 39.12 -5.11 14.15
C LYS E 34 39.27 -3.86 15.00
N PRO E 35 38.29 -3.55 15.86
CA PRO E 35 38.43 -2.36 16.71
C PRO E 35 39.68 -2.43 17.57
N GLY E 36 40.32 -1.30 17.76
CA GLY E 36 41.58 -1.24 18.46
C GLY E 36 42.79 -1.56 17.60
N SER E 37 42.58 -1.93 16.34
CA SER E 37 43.68 -2.22 15.43
C SER E 37 44.25 -0.92 14.89
N SER E 38 45.11 -1.02 13.87
CA SER E 38 45.70 0.15 13.23
C SER E 38 45.65 -0.02 11.72
N VAL E 39 45.57 1.09 11.01
CA VAL E 39 45.55 1.11 9.55
C VAL E 39 46.54 2.16 9.06
N LYS E 40 46.99 1.97 7.82
CA LYS E 40 47.95 2.86 7.21
C LYS E 40 47.50 3.22 5.80
N VAL E 41 47.81 4.44 5.39
CA VAL E 41 47.52 4.94 4.05
C VAL E 41 48.82 5.47 3.46
N SER E 42 49.08 5.12 2.20
CA SER E 42 50.34 5.42 1.55
C SER E 42 50.15 6.46 0.45
N CYS E 43 51.10 7.38 0.35
CA CYS E 43 51.11 8.41 -0.69
C CYS E 43 52.50 8.51 -1.28
N GLU E 44 52.56 8.84 -2.57
CA GLU E 44 53.84 9.04 -3.23
C GLU E 44 54.56 10.24 -2.62
N ALA E 45 55.87 10.08 -2.41
CA ALA E 45 56.68 11.13 -1.78
C ALA E 45 58.03 11.20 -2.47
N SER E 46 58.74 12.29 -2.21
CA SER E 46 60.06 12.47 -2.79
C SER E 46 61.01 11.39 -2.31
N GLY E 47 61.93 11.00 -3.19
CA GLY E 47 62.94 10.01 -2.88
C GLY E 47 64.16 10.56 -2.18
N GLY E 48 64.11 11.80 -1.70
CA GLY E 48 65.25 12.42 -1.06
C GLY E 48 65.84 13.53 -1.89
N THR E 49 64.99 14.31 -2.55
CA THR E 49 65.41 15.45 -3.35
C THR E 49 64.37 16.55 -3.22
N HIS E 50 64.55 17.63 -3.97
CA HIS E 50 63.59 18.73 -3.92
C HIS E 50 62.20 18.22 -4.28
N SER E 51 61.21 18.62 -3.48
CA SER E 51 59.85 18.11 -3.62
C SER E 51 58.99 19.01 -4.50
N ASN E 52 58.83 20.27 -4.10
CA ASN E 52 57.94 21.22 -4.77
C ASN E 52 56.49 20.70 -4.67
N TYR E 53 56.08 20.40 -3.44
CA TYR E 53 54.69 20.10 -3.11
C TYR E 53 54.60 19.76 -1.63
N VAL E 54 53.39 19.86 -1.09
CA VAL E 54 53.09 19.51 0.28
C VAL E 54 52.00 18.44 0.27
N ILE E 55 52.25 17.33 0.94
CA ILE E 55 51.32 16.21 0.95
C ILE E 55 50.44 16.31 2.18
N THR E 56 49.13 16.17 1.97
CA THR E 56 48.16 16.20 3.06
C THR E 56 47.13 15.11 2.82
N TRP E 57 46.45 14.72 3.89
CA TRP E 57 45.45 13.67 3.86
C TRP E 57 44.12 14.23 4.31
N VAL E 58 43.04 13.80 3.64
CA VAL E 58 41.69 14.22 3.98
C VAL E 58 40.79 13.00 3.91
N ARG E 59 39.90 12.87 4.90
CA ARG E 59 38.95 11.77 4.98
C ARG E 59 37.54 12.30 4.80
N GLN E 60 36.63 11.40 4.41
CA GLN E 60 35.25 11.77 4.14
C GLN E 60 34.34 10.64 4.61
N ALA E 61 33.59 10.88 5.68
CA ALA E 61 32.51 9.98 6.02
C ALA E 61 31.44 10.07 4.94
N PRO E 62 30.67 9.00 4.73
CA PRO E 62 29.75 8.99 3.58
C PRO E 62 28.81 10.18 3.56
N GLY E 63 29.02 11.10 2.61
CA GLY E 63 28.16 12.25 2.41
C GLY E 63 28.18 13.29 3.51
N GLN E 64 29.10 13.19 4.47
CA GLN E 64 29.18 14.11 5.60
C GLN E 64 30.23 15.20 5.43
N GLY E 65 30.77 15.39 4.23
CA GLY E 65 31.76 16.43 4.01
C GLY E 65 33.17 15.96 4.27
N LEU E 66 34.10 16.90 4.14
CA LEU E 66 35.53 16.61 4.24
C LEU E 66 36.08 17.14 5.56
N GLU E 67 37.12 16.46 6.06
CA GLU E 67 37.82 16.87 7.27
C GLU E 67 39.32 16.72 7.03
N TRP E 68 40.10 17.53 7.74
CA TRP E 68 41.55 17.55 7.59
C TRP E 68 42.22 16.79 8.72
N MET E 69 43.35 16.16 8.40
CA MET E 69 44.12 15.39 9.38
C MET E 69 45.49 15.98 9.63
N GLY E 70 46.30 16.16 8.60
CA GLY E 70 47.65 16.70 8.79
C GLY E 70 48.38 16.78 7.47
N GLY E 71 49.56 17.40 7.52
CA GLY E 71 50.40 17.57 6.36
C GLY E 71 51.84 17.21 6.67
N PHE E 72 52.63 17.06 5.61
CA PHE E 72 54.02 16.63 5.74
C PHE E 72 54.79 17.09 4.52
N ILE E 73 55.73 18.01 4.72
CA ILE E 73 56.59 18.49 3.64
C ILE E 73 57.72 17.49 3.43
N PRO E 74 57.87 16.90 2.24
CA PRO E 74 58.99 15.95 2.06
C PRO E 74 60.34 16.58 2.32
N ASP E 75 60.55 17.84 1.93
CA ASP E 75 61.85 18.47 2.12
C ASP E 75 62.19 18.61 3.60
N PHE E 76 61.23 19.02 4.42
CA PHE E 76 61.46 19.27 5.84
C PHE E 76 60.88 18.11 6.65
N ARG E 77 61.67 17.61 7.60
CA ARG E 77 61.23 16.48 8.41
C ARG E 77 60.01 16.82 9.26
N THR E 78 59.70 18.10 9.44
CA THR E 78 58.59 18.47 10.31
C THR E 78 57.26 18.05 9.70
N ALA E 79 56.24 18.02 10.54
CA ALA E 79 54.90 17.61 10.14
C ALA E 79 53.89 18.52 10.84
N MET E 80 52.62 18.22 10.67
CA MET E 80 51.54 18.98 11.31
C MET E 80 50.38 18.05 11.58
N TYR E 81 49.79 18.18 12.78
CA TYR E 81 48.71 17.32 13.23
C TYR E 81 47.48 18.15 13.56
N ALA E 82 46.32 17.62 13.20
CA ALA E 82 45.06 18.27 13.55
C ALA E 82 44.78 18.10 15.03
N GLN E 83 44.01 19.04 15.58
CA GLN E 83 43.71 19.01 17.01
C GLN E 83 42.89 17.78 17.38
N GLY E 84 41.89 17.44 16.56
CA GLY E 84 40.98 16.36 16.92
C GLY E 84 41.68 15.02 17.04
N PHE E 85 42.53 14.70 16.06
CA PHE E 85 43.20 13.40 16.00
C PHE E 85 44.61 13.44 16.57
N GLN E 86 44.84 14.27 17.58
CA GLN E 86 46.20 14.45 18.10
C GLN E 86 46.78 13.16 18.66
N GLY E 87 45.93 12.30 19.23
CA GLY E 87 46.38 11.12 19.93
C GLY E 87 46.24 9.80 19.18
N ARG E 88 45.98 9.83 17.87
CA ARG E 88 45.79 8.60 17.12
C ARG E 88 46.53 8.55 15.79
N VAL E 89 47.09 9.66 15.29
CA VAL E 89 47.73 9.69 14.00
C VAL E 89 49.24 9.63 14.18
N THR E 90 49.93 9.29 13.10
CA THR E 90 51.39 9.28 13.09
C THR E 90 51.84 9.29 11.64
N ILE E 91 52.63 10.28 11.25
CA ILE E 91 53.08 10.46 9.87
C ILE E 91 54.57 10.19 9.82
N THR E 92 54.96 9.20 9.00
CA THR E 92 56.36 8.90 8.77
C THR E 92 56.52 8.46 7.32
N ALA E 93 57.70 8.70 6.76
CA ALA E 93 57.98 8.39 5.37
C ALA E 93 59.40 7.86 5.24
N ASP E 94 59.63 7.11 4.17
CA ASP E 94 60.95 6.54 3.86
C ASP E 94 61.40 7.05 2.51
N GLU E 95 62.62 7.59 2.46
CA GLU E 95 63.17 8.08 1.20
C GLU E 95 63.68 6.97 0.30
N SER E 96 63.95 5.79 0.85
CA SER E 96 64.46 4.69 0.02
C SER E 96 63.44 4.27 -1.01
N THR E 97 62.18 4.13 -0.60
CA THR E 97 61.10 3.74 -1.51
C THR E 97 60.36 4.95 -2.09
N SER E 98 60.73 6.16 -1.69
CA SER E 98 60.05 7.37 -2.15
C SER E 98 58.56 7.32 -1.84
N LEU E 99 58.20 6.69 -0.72
CA LEU E 99 56.81 6.50 -0.32
C LEU E 99 56.62 7.02 1.09
N ALA E 100 55.55 7.80 1.30
CA ALA E 100 55.17 8.30 2.60
C ALA E 100 53.83 7.72 3.00
N TYR E 101 53.66 7.45 4.28
CA TYR E 101 52.41 6.88 4.76
C TYR E 101 52.10 7.41 6.15
N MET E 102 50.81 7.38 6.49
CA MET E 102 50.31 7.79 7.80
C MET E 102 49.76 6.56 8.52
N GLU E 103 49.97 6.51 9.83
CA GLU E 103 49.50 5.40 10.66
C GLU E 103 48.41 5.91 11.58
N LEU E 104 47.24 5.27 11.50
CA LEU E 104 46.11 5.57 12.37
C LEU E 104 45.87 4.37 13.26
N THR E 105 45.76 4.61 14.57
CA THR E 105 45.64 3.55 15.56
C THR E 105 44.33 3.66 16.32
N ASN E 106 43.87 2.53 16.83
CA ASN E 106 42.66 2.46 17.63
C ASN E 106 41.44 2.90 16.81
N LEU E 107 41.20 2.17 15.73
CA LEU E 107 40.06 2.46 14.87
C LEU E 107 38.76 2.19 15.61
N ARG E 108 37.77 3.05 15.35
CA ARG E 108 36.46 2.95 15.97
C ARG E 108 35.38 3.08 14.89
N SER E 109 34.13 2.86 15.30
CA SER E 109 33.02 2.97 14.37
C SER E 109 32.98 4.34 13.71
N GLU E 110 33.35 5.39 14.44
CA GLU E 110 33.32 6.74 13.90
C GLU E 110 34.39 7.00 12.85
N ASP E 111 35.38 6.13 12.73
CA ASP E 111 36.48 6.34 11.80
C ASP E 111 36.27 5.68 10.44
N THR E 112 35.13 5.00 10.24
CA THR E 112 34.85 4.45 8.92
C THR E 112 34.63 5.58 7.93
N ALA E 113 35.35 5.54 6.82
CA ALA E 113 35.29 6.63 5.85
C ALA E 113 36.13 6.32 4.62
N VAL E 114 36.14 7.22 3.65
CA VAL E 114 36.97 7.11 2.47
C VAL E 114 38.13 8.09 2.62
N TYR E 115 39.35 7.60 2.42
CA TYR E 115 40.55 8.38 2.67
C TYR E 115 41.16 8.84 1.35
N TYR E 116 41.45 10.14 1.26
CA TYR E 116 41.98 10.74 0.06
C TYR E 116 43.41 11.22 0.31
N CYS E 117 44.13 11.42 -0.79
CA CYS E 117 45.49 11.96 -0.77
C CYS E 117 45.57 13.08 -1.79
N ALA E 118 46.22 14.19 -1.40
CA ALA E 118 46.28 15.38 -2.24
C ALA E 118 47.71 15.92 -2.26
N ARG E 119 48.01 16.65 -3.33
CA ARG E 119 49.34 17.24 -3.51
C ARG E 119 49.18 18.59 -4.21
N GLY E 120 49.45 19.67 -3.49
CA GLY E 120 49.30 21.00 -4.03
C GLY E 120 50.63 21.74 -4.12
N PRO E 121 50.59 23.00 -4.55
CA PRO E 121 51.82 23.80 -4.62
C PRO E 121 52.41 24.03 -3.24
N LEU E 122 53.67 24.47 -3.23
CA LEU E 122 54.42 24.56 -1.97
C LEU E 122 53.76 25.52 -1.00
N SER E 123 53.34 26.69 -1.47
CA SER E 123 52.84 27.71 -0.55
C SER E 123 51.61 28.44 -1.06
N ARG E 124 50.86 27.85 -1.99
CA ARG E 124 49.66 28.50 -2.50
C ARG E 124 48.42 28.22 -1.67
N GLY E 125 48.52 27.33 -0.68
CA GLY E 125 47.39 27.08 0.21
C GLY E 125 46.18 26.50 -0.48
N TYR E 126 46.37 25.70 -1.52
CA TYR E 126 45.27 25.02 -2.18
C TYR E 126 45.77 23.71 -2.74
N TYR E 127 45.02 22.64 -2.50
CA TYR E 127 45.44 21.30 -2.87
C TYR E 127 44.83 20.90 -4.21
N ASP E 128 45.65 20.29 -5.06
CA ASP E 128 45.28 19.89 -6.41
C ASP E 128 45.69 18.44 -6.61
N TYR E 129 45.15 17.83 -7.67
CA TYR E 129 45.48 16.45 -8.03
C TYR E 129 45.13 15.50 -6.88
N TRP E 130 43.83 15.42 -6.62
CA TRP E 130 43.33 14.49 -5.61
C TRP E 130 43.41 13.06 -6.13
N GLY E 131 43.99 12.18 -5.32
CA GLY E 131 44.22 10.81 -5.73
C GLY E 131 42.97 9.96 -5.62
N PRO E 132 43.11 8.66 -5.84
CA PRO E 132 41.95 7.77 -5.75
C PRO E 132 41.51 7.59 -4.29
N GLY E 133 40.24 7.22 -4.14
CA GLY E 133 39.69 7.03 -2.81
C GLY E 133 40.06 5.67 -2.25
N THR E 134 40.34 5.65 -0.95
CA THR E 134 40.63 4.43 -0.21
C THR E 134 39.58 4.27 0.88
N LEU E 135 38.94 3.10 0.93
CA LEU E 135 37.85 2.84 1.85
C LEU E 135 38.36 2.02 3.03
N VAL E 136 37.99 2.44 4.24
CA VAL E 136 38.32 1.70 5.47
C VAL E 136 37.03 1.56 6.27
N THR E 137 36.77 0.36 6.76
CA THR E 137 35.54 0.04 7.46
C THR E 137 35.83 -0.77 8.71
N VAL E 138 34.94 -0.66 9.69
CA VAL E 138 35.00 -1.44 10.91
C VAL E 138 33.60 -1.96 11.22
N SER E 139 33.47 -2.67 12.34
CA SER E 139 32.21 -3.31 12.72
C SER E 139 31.87 -3.00 14.17
N ALA E 140 32.11 -1.76 14.60
CA ALA E 140 31.77 -1.35 15.96
C ALA E 140 32.43 -2.26 16.99
N SER E 141 32.00 -2.16 18.24
CA SER E 141 32.57 -2.93 19.34
C SER E 141 31.51 -3.86 19.90
N THR E 142 31.96 -5.01 20.41
CA THR E 142 31.07 -6.01 20.98
C THR E 142 30.46 -5.44 22.27
N LYS E 143 29.19 -5.07 22.21
CA LYS E 143 28.50 -4.43 23.32
C LYS E 143 27.36 -5.32 23.81
N GLY E 144 27.12 -5.30 25.11
CA GLY E 144 26.05 -6.05 25.71
C GLY E 144 24.70 -5.40 25.50
N PRO E 145 23.63 -6.16 25.73
CA PRO E 145 22.29 -5.61 25.50
C PRO E 145 21.75 -4.84 26.70
N SER E 146 20.58 -4.24 26.53
CA SER E 146 19.85 -3.61 27.62
C SER E 146 18.39 -4.01 27.52
N VAL E 147 17.74 -4.12 28.68
CA VAL E 147 16.35 -4.55 28.77
C VAL E 147 15.52 -3.41 29.33
N PHE E 148 14.38 -3.14 28.71
CA PHE E 148 13.47 -2.09 29.15
C PHE E 148 12.07 -2.69 29.24
N PRO E 149 11.40 -2.63 30.39
CA PRO E 149 10.06 -3.22 30.50
C PRO E 149 9.07 -2.52 29.57
N LEU E 150 8.08 -3.29 29.13
CA LEU E 150 6.93 -2.77 28.39
C LEU E 150 5.69 -3.03 29.24
N ALA E 151 5.19 -1.99 29.88
CA ALA E 151 4.06 -2.16 30.77
C ALA E 151 2.81 -2.55 29.98
N PRO E 152 1.87 -3.24 30.59
CA PRO E 152 0.62 -3.57 29.92
C PRO E 152 -0.34 -2.38 29.96
N SER E 153 -1.55 -2.60 29.46
CA SER E 153 -2.56 -1.54 29.44
C SER E 153 -2.90 -1.12 30.87
N SER E 154 -3.26 0.15 31.02
CA SER E 154 -3.53 0.70 32.34
C SER E 154 -4.51 -0.16 33.11
N LYS E 155 -5.73 -0.30 32.59
CA LYS E 155 -6.76 -1.12 33.22
C LYS E 155 -7.17 -2.28 32.33
N SER E 156 -7.68 -2.00 31.13
CA SER E 156 -8.12 -3.04 30.20
C SER E 156 -8.88 -4.14 30.93
N THR E 157 -9.82 -3.71 31.78
CA THR E 157 -10.58 -4.63 32.63
C THR E 157 -11.72 -5.23 31.79
N SER E 158 -11.38 -6.29 31.08
CA SER E 158 -12.34 -7.02 30.25
C SER E 158 -11.69 -8.34 29.84
N GLY E 159 -12.35 -9.06 28.93
CA GLY E 159 -11.78 -10.27 28.38
C GLY E 159 -10.73 -10.05 27.32
N GLY E 160 -10.38 -8.80 27.06
CA GLY E 160 -9.35 -8.48 26.09
C GLY E 160 -7.96 -8.70 26.65
N THR E 161 -7.50 -9.94 26.61
CA THR E 161 -6.19 -10.31 27.14
C THR E 161 -5.15 -9.26 26.78
N ALA E 162 -4.45 -8.77 27.79
CA ALA E 162 -3.41 -7.75 27.58
C ALA E 162 -2.12 -8.40 27.11
N ALA E 163 -1.15 -7.56 26.76
CA ALA E 163 0.14 -8.02 26.28
C ALA E 163 1.25 -7.27 27.01
N LEU E 164 2.38 -7.96 27.18
CA LEU E 164 3.55 -7.37 27.81
C LEU E 164 4.79 -7.97 27.18
N GLY E 165 5.89 -7.23 27.25
CA GLY E 165 7.11 -7.70 26.63
C GLY E 165 8.32 -6.93 27.12
N CYS E 166 9.49 -7.43 26.74
CA CYS E 166 10.77 -6.83 27.08
C CYS E 166 11.49 -6.47 25.78
N LEU E 167 12.02 -5.26 25.71
CA LEU E 167 12.70 -4.76 24.53
C LEU E 167 14.20 -4.83 24.73
N VAL E 168 14.90 -5.35 23.73
CA VAL E 168 16.35 -5.48 23.76
C VAL E 168 16.92 -4.54 22.70
N LYS E 169 17.76 -3.60 23.13
CA LYS E 169 18.27 -2.56 22.25
C LYS E 169 19.77 -2.38 22.44
N ASP E 170 20.44 -1.97 21.36
CA ASP E 170 21.84 -1.59 21.38
C ASP E 170 22.71 -2.75 21.88
N TYR E 171 22.72 -3.81 21.07
CA TYR E 171 23.62 -4.94 21.27
C TYR E 171 24.28 -5.31 19.95
N PHE E 172 25.47 -5.88 20.05
CA PHE E 172 26.21 -6.33 18.89
C PHE E 172 27.37 -7.22 19.32
N PRO E 173 27.66 -8.30 18.60
CA PRO E 173 26.97 -8.83 17.41
C PRO E 173 25.77 -9.70 17.78
N GLU E 174 24.92 -10.02 16.81
CA GLU E 174 23.79 -10.88 17.04
C GLU E 174 24.26 -12.33 17.22
N PRO E 175 23.39 -13.22 17.75
CA PRO E 175 22.02 -13.02 18.22
C PRO E 175 21.88 -13.08 19.74
N VAL E 176 20.66 -12.96 20.24
CA VAL E 176 20.34 -13.20 21.64
C VAL E 176 19.12 -14.12 21.71
N THR E 177 18.99 -14.81 22.83
CA THR E 177 17.89 -15.73 23.07
C THR E 177 17.04 -15.20 24.22
N VAL E 178 15.73 -15.20 24.02
CA VAL E 178 14.78 -14.67 24.99
C VAL E 178 13.99 -15.85 25.54
N SER E 179 14.02 -16.02 26.86
CA SER E 179 13.29 -17.08 27.54
C SER E 179 12.44 -16.46 28.64
N TRP E 180 11.17 -16.84 28.70
CA TRP E 180 10.27 -16.35 29.75
C TRP E 180 10.51 -17.13 31.04
N ASN E 181 9.59 -17.04 31.99
CA ASN E 181 9.83 -17.58 33.33
C ASN E 181 10.43 -18.97 33.25
N SER E 182 11.67 -19.10 33.73
CA SER E 182 12.40 -20.37 33.71
C SER E 182 12.40 -21.01 32.32
N GLY E 183 12.15 -20.23 31.28
CA GLY E 183 12.04 -20.80 29.95
C GLY E 183 10.94 -21.84 29.83
N ALA E 184 9.82 -21.62 30.51
CA ALA E 184 8.72 -22.56 30.56
C ALA E 184 7.41 -21.87 30.18
N LEU E 185 7.43 -21.10 29.11
CA LEU E 185 6.23 -20.45 28.60
C LEU E 185 6.34 -20.41 27.08
N THR E 186 5.36 -21.02 26.40
CA THR E 186 5.38 -21.08 24.95
C THR E 186 4.00 -20.82 24.34
N SER E 187 3.03 -20.39 25.13
CA SER E 187 1.69 -20.12 24.63
C SER E 187 1.61 -18.65 24.21
N GLY E 188 1.50 -18.41 22.91
CA GLY E 188 1.36 -17.05 22.41
C GLY E 188 2.56 -16.17 22.71
N VAL E 189 3.76 -16.69 22.47
CA VAL E 189 5.00 -15.94 22.65
C VAL E 189 5.61 -15.67 21.28
N HIS E 190 5.96 -14.41 21.03
CA HIS E 190 6.55 -14.00 19.78
C HIS E 190 7.90 -13.34 20.02
N THR E 191 8.82 -13.51 19.07
CA THR E 191 10.13 -12.89 19.11
C THR E 191 10.45 -12.41 17.70
N PHE E 192 10.24 -11.12 17.46
CA PHE E 192 10.35 -10.59 16.11
C PHE E 192 11.81 -10.61 15.65
N PRO E 193 12.04 -10.66 14.33
CA PRO E 193 13.41 -10.62 13.83
C PRO E 193 14.10 -9.33 14.26
N ALA E 194 15.40 -9.44 14.53
CA ALA E 194 16.17 -8.27 14.95
C ALA E 194 16.37 -7.31 13.79
N VAL E 195 16.14 -6.03 14.04
CA VAL E 195 16.30 -5.00 13.04
C VAL E 195 17.65 -4.33 13.24
N LEU E 196 18.14 -3.68 12.20
CA LEU E 196 19.43 -3.00 12.23
C LEU E 196 19.19 -1.53 12.56
N GLN E 197 19.61 -1.10 13.75
CA GLN E 197 19.40 0.26 14.17
C GLN E 197 20.16 1.21 13.25
N SER E 198 19.91 2.51 13.42
CA SER E 198 20.53 3.50 12.54
C SER E 198 22.04 3.49 12.68
N SER E 199 22.54 3.48 13.92
CA SER E 199 23.98 3.60 14.17
C SER E 199 24.66 2.24 14.25
N GLY E 200 24.43 1.40 13.25
CA GLY E 200 25.14 0.14 13.15
C GLY E 200 24.93 -0.81 14.31
N LEU E 201 23.86 -0.62 15.09
CA LEU E 201 23.53 -1.50 16.20
C LEU E 201 22.24 -2.26 15.87
N TYR E 202 21.78 -3.05 16.83
CA TYR E 202 20.63 -3.93 16.65
C TYR E 202 19.59 -3.64 17.71
N SER E 203 18.34 -4.01 17.38
CA SER E 203 17.24 -3.95 18.33
C SER E 203 16.35 -5.16 18.10
N LEU E 204 15.70 -5.60 19.18
CA LEU E 204 14.83 -6.77 19.12
C LEU E 204 13.88 -6.71 20.29
N SER E 205 12.64 -7.15 20.06
CA SER E 205 11.60 -7.12 21.09
C SER E 205 10.88 -8.45 21.14
N SER E 206 10.51 -8.86 22.35
CA SER E 206 9.75 -10.08 22.58
C SER E 206 8.48 -9.71 23.34
N VAL E 207 7.39 -10.41 23.04
CA VAL E 207 6.08 -10.08 23.61
C VAL E 207 5.25 -11.35 23.71
N VAL E 208 4.40 -11.39 24.74
CA VAL E 208 3.50 -12.50 24.98
C VAL E 208 2.11 -11.94 25.29
N THR E 209 1.11 -12.78 25.07
CA THR E 209 -0.28 -12.44 25.36
C THR E 209 -0.74 -13.26 26.56
N VAL E 210 -1.34 -12.59 27.55
CA VAL E 210 -1.71 -13.23 28.80
C VAL E 210 -3.15 -12.87 29.16
N PRO E 211 -3.90 -13.77 29.79
CA PRO E 211 -5.25 -13.39 30.24
C PRO E 211 -5.20 -12.22 31.21
N SER E 212 -6.22 -11.37 31.12
CA SER E 212 -6.22 -10.13 31.90
C SER E 212 -6.23 -10.41 33.39
N SER E 213 -7.04 -11.37 33.84
CA SER E 213 -7.23 -11.58 35.27
C SER E 213 -5.98 -12.09 35.97
N SER E 214 -5.04 -12.68 35.24
CA SER E 214 -3.85 -13.25 35.86
C SER E 214 -2.83 -12.21 36.29
N LEU E 215 -2.94 -10.98 35.78
CA LEU E 215 -1.96 -9.95 36.13
C LEU E 215 -2.01 -9.58 37.60
N GLY E 216 -3.13 -9.81 38.28
CA GLY E 216 -3.24 -9.41 39.67
C GLY E 216 -2.22 -10.10 40.56
N THR E 217 -2.03 -11.40 40.36
CA THR E 217 -1.18 -12.22 41.22
C THR E 217 0.05 -12.75 40.52
N GLN E 218 -0.12 -13.38 39.37
CA GLN E 218 1.00 -14.02 38.69
C GLN E 218 2.06 -12.98 38.33
N THR E 219 3.33 -13.40 38.40
CA THR E 219 4.46 -12.56 38.06
C THR E 219 5.14 -13.09 36.81
N TYR E 220 5.65 -12.17 36.00
CA TYR E 220 6.31 -12.51 34.73
C TYR E 220 7.71 -11.93 34.71
N ILE E 221 8.66 -12.72 34.23
CA ILE E 221 10.06 -12.36 34.20
C ILE E 221 10.60 -12.63 32.80
N CYS E 222 11.40 -11.70 32.30
CA CYS E 222 12.03 -11.82 30.99
C CYS E 222 13.50 -12.16 31.17
N ASN E 223 13.94 -13.23 30.51
CA ASN E 223 15.33 -13.68 30.58
C ASN E 223 15.96 -13.59 29.20
N VAL E 224 17.12 -12.95 29.12
CA VAL E 224 17.84 -12.74 27.87
C VAL E 224 19.27 -13.21 28.05
N ASN E 225 19.86 -13.73 26.97
CA ASN E 225 21.23 -14.21 26.98
C ASN E 225 21.95 -13.72 25.73
N HIS E 226 23.19 -13.27 25.91
CA HIS E 226 24.05 -12.86 24.81
C HIS E 226 25.35 -13.64 24.91
N LYS E 227 25.70 -14.38 23.86
CA LYS E 227 26.84 -15.28 23.91
C LYS E 227 28.15 -14.50 23.84
N PRO E 228 28.41 -13.73 22.77
CA PRO E 228 29.71 -13.04 22.68
C PRO E 228 29.98 -12.14 23.87
N SER E 229 28.95 -11.48 24.40
CA SER E 229 29.12 -10.65 25.59
C SER E 229 29.10 -11.46 26.88
N ASN E 230 28.68 -12.72 26.83
CA ASN E 230 28.58 -13.56 28.03
C ASN E 230 27.75 -12.86 29.10
N THR E 231 26.62 -12.29 28.70
CA THR E 231 25.76 -11.52 29.57
C THR E 231 24.38 -12.15 29.63
N LYS E 232 23.93 -12.46 30.85
CA LYS E 232 22.56 -12.92 31.10
C LYS E 232 21.86 -11.87 31.96
N VAL E 233 20.75 -11.35 31.47
CA VAL E 233 20.03 -10.26 32.13
C VAL E 233 18.59 -10.69 32.35
N ASP E 234 18.07 -10.41 33.54
CA ASP E 234 16.70 -10.72 33.89
C ASP E 234 16.02 -9.47 34.42
N LYS E 235 14.70 -9.39 34.20
CA LYS E 235 13.93 -8.23 34.64
C LYS E 235 12.52 -8.68 34.97
N ARG E 236 11.83 -7.85 35.74
CA ARG E 236 10.44 -8.08 36.11
C ARG E 236 9.56 -7.06 35.40
N VAL E 237 8.68 -7.54 34.54
CA VAL E 237 7.81 -6.67 33.74
C VAL E 237 6.48 -6.61 34.49
N GLU E 238 6.38 -5.66 35.41
CA GLU E 238 5.22 -5.51 36.28
C GLU E 238 4.30 -4.42 35.77
N PRO E 239 2.98 -4.55 35.99
CA PRO E 239 2.08 -3.45 35.62
C PRO E 239 2.46 -2.16 36.34
N LYS E 240 2.32 -1.05 35.63
CA LYS E 240 2.66 0.25 36.18
C LYS E 240 1.54 0.75 37.09
N SER E 241 1.93 1.53 38.10
CA SER E 241 0.96 2.03 39.08
C SER E 241 -0.06 2.93 38.40
N CYS E 242 -1.30 2.86 38.89
CA CYS E 242 -2.40 3.65 38.34
C CYS E 242 -2.57 5.00 39.02
N ASP E 243 -1.72 5.34 39.98
CA ASP E 243 -1.81 6.61 40.67
C ASP E 243 -0.74 6.73 41.75
N SER F 22 37.33 27.76 18.16
CA SER F 22 37.15 27.00 16.89
C SER F 22 36.55 27.89 15.81
N TYR F 23 36.84 27.57 14.55
CA TYR F 23 36.35 28.32 13.41
C TYR F 23 35.46 27.42 12.55
N VAL F 24 34.39 28.01 12.01
CA VAL F 24 33.41 27.27 11.23
C VAL F 24 33.01 28.11 10.03
N LEU F 25 32.91 27.46 8.87
CA LEU F 25 32.38 28.07 7.65
C LEU F 25 31.04 27.42 7.32
N THR F 26 30.05 28.23 6.97
CA THR F 26 28.70 27.77 6.73
C THR F 26 28.33 27.97 5.27
N GLN F 27 27.66 26.97 4.69
CA GLN F 27 27.13 27.07 3.34
C GLN F 27 25.69 26.57 3.32
N PRO F 28 24.86 27.08 2.41
CA PRO F 28 23.48 26.59 2.32
C PRO F 28 23.46 25.11 1.97
N PRO F 29 22.56 24.34 2.58
CA PRO F 29 22.54 22.89 2.28
C PRO F 29 22.37 22.57 0.81
N SER F 30 21.53 23.32 0.08
CA SER F 30 21.26 22.98 -1.31
C SER F 30 20.77 24.23 -2.04
N VAL F 31 20.77 24.13 -3.37
CA VAL F 31 20.31 25.20 -4.24
C VAL F 31 19.68 24.56 -5.47
N SER F 32 18.67 25.24 -6.04
CA SER F 32 17.97 24.74 -7.22
C SER F 32 17.89 25.86 -8.26
N VAL F 33 18.11 25.48 -9.53
CA VAL F 33 18.04 26.40 -10.66
C VAL F 33 17.60 25.62 -11.89
N ALA F 34 17.29 26.34 -12.95
CA ALA F 34 16.88 25.77 -14.22
C ALA F 34 17.96 25.98 -15.28
N PRO F 35 17.97 25.16 -16.33
CA PRO F 35 19.02 25.29 -17.34
C PRO F 35 19.04 26.69 -17.96
N GLY F 36 20.23 27.19 -18.22
CA GLY F 36 20.41 28.50 -18.81
C GLY F 36 20.40 29.65 -17.83
N GLN F 37 20.15 29.40 -16.55
CA GLN F 37 20.13 30.43 -15.54
C GLN F 37 21.49 30.50 -14.85
N THR F 38 21.57 31.30 -13.78
CA THR F 38 22.78 31.46 -13.00
C THR F 38 22.49 31.14 -11.53
N ALA F 39 23.42 30.42 -10.91
CA ALA F 39 23.29 30.02 -9.51
C ALA F 39 24.43 30.62 -8.70
N SER F 40 24.09 31.12 -7.51
CA SER F 40 25.06 31.73 -6.61
C SER F 40 25.22 30.87 -5.38
N ILE F 41 26.46 30.48 -5.08
CA ILE F 41 26.79 29.67 -3.91
C ILE F 41 27.71 30.51 -3.03
N THR F 42 27.37 30.62 -1.74
CA THR F 42 28.06 31.50 -0.81
C THR F 42 28.72 30.69 0.28
N CYS F 43 29.99 30.99 0.56
CA CYS F 43 30.75 30.41 1.66
C CYS F 43 31.09 31.58 2.59
N SER F 44 30.19 31.86 3.53
CA SER F 44 30.35 33.01 4.41
C SER F 44 31.00 32.61 5.73
N GLY F 45 31.50 33.61 6.44
CA GLY F 45 32.16 33.36 7.70
C GLY F 45 32.49 34.66 8.41
N ASP F 46 33.30 34.55 9.46
CA ASP F 46 33.70 35.69 10.27
C ASP F 46 34.97 36.30 9.68
N LYS F 47 34.86 37.53 9.18
CA LYS F 47 36.00 38.23 8.60
C LYS F 47 36.70 37.36 7.55
N LEU F 48 35.88 36.67 6.74
CA LEU F 48 36.41 35.74 5.74
C LEU F 48 37.02 36.45 4.54
N GLY F 49 36.81 37.76 4.41
CA GLY F 49 37.36 38.48 3.27
C GLY F 49 38.85 38.74 3.34
N ASP F 50 39.49 38.42 4.46
CA ASP F 50 40.92 38.63 4.63
C ASP F 50 41.70 37.33 4.46
N LYS F 51 41.12 36.33 3.80
CA LYS F 51 41.78 35.05 3.60
C LYS F 51 41.59 34.61 2.16
N TYR F 52 42.51 33.76 1.69
CA TYR F 52 42.44 33.20 0.35
C TYR F 52 41.59 31.93 0.40
N VAL F 53 40.49 31.92 -0.34
CA VAL F 53 39.59 30.78 -0.38
C VAL F 53 39.81 30.01 -1.68
N SER F 54 39.29 28.79 -1.73
CA SER F 54 39.39 27.96 -2.92
C SER F 54 38.25 26.95 -2.89
N TRP F 55 37.64 26.72 -4.04
CA TRP F 55 36.43 25.92 -4.13
C TRP F 55 36.72 24.59 -4.83
N TYR F 56 36.11 23.53 -4.33
CA TYR F 56 36.30 22.18 -4.84
C TYR F 56 34.96 21.63 -5.33
N GLN F 57 34.96 21.05 -6.52
CA GLN F 57 33.78 20.42 -7.10
C GLN F 57 33.96 18.91 -7.07
N GLN F 58 32.95 18.21 -6.57
CA GLN F 58 33.02 16.76 -6.41
C GLN F 58 31.76 16.14 -6.99
N ARG F 59 31.91 15.39 -8.07
CA ARG F 59 30.79 14.61 -8.57
C ARG F 59 30.64 13.33 -7.74
N PRO F 60 29.43 12.79 -7.64
CA PRO F 60 29.26 11.57 -6.84
C PRO F 60 30.13 10.43 -7.35
N GLY F 61 30.82 9.77 -6.42
CA GLY F 61 31.66 8.64 -6.75
C GLY F 61 33.03 8.98 -7.31
N GLN F 62 33.35 10.27 -7.43
CA GLN F 62 34.63 10.70 -7.99
C GLN F 62 35.38 11.54 -6.97
N SER F 63 36.70 11.57 -7.12
CA SER F 63 37.51 12.38 -6.24
C SER F 63 37.30 13.87 -6.52
N PRO F 64 37.47 14.73 -5.52
CA PRO F 64 37.29 16.16 -5.76
C PRO F 64 38.28 16.68 -6.79
N VAL F 65 37.82 17.61 -7.63
CA VAL F 65 38.65 18.28 -8.62
C VAL F 65 38.61 19.77 -8.33
N LEU F 66 39.79 20.39 -8.27
CA LEU F 66 39.87 21.82 -8.03
C LEU F 66 39.17 22.58 -9.14
N VAL F 67 38.46 23.64 -8.77
CA VAL F 67 37.75 24.46 -9.75
C VAL F 67 38.17 25.92 -9.61
N LEU F 68 38.65 26.30 -8.43
CA LEU F 68 39.07 27.68 -8.19
C LEU F 68 40.14 27.70 -7.10
N TYR F 69 41.22 28.44 -7.36
CA TYR F 69 42.27 28.65 -6.39
C TYR F 69 42.57 30.15 -6.31
N GLN F 70 42.73 30.65 -5.08
CA GLN F 70 42.96 32.08 -4.84
C GLN F 70 41.78 32.91 -5.33
N ASP F 71 40.60 32.56 -4.83
CA ASP F 71 39.37 33.29 -5.09
C ASP F 71 38.91 33.14 -6.54
N SER F 72 39.55 33.87 -7.46
CA SER F 72 39.05 33.99 -8.83
C SER F 72 39.97 33.42 -9.89
N LYS F 73 41.26 33.26 -9.61
CA LYS F 73 42.19 32.76 -10.62
C LYS F 73 41.88 31.29 -10.89
N ARG F 74 41.22 31.02 -12.01
CA ARG F 74 40.82 29.67 -12.35
C ARG F 74 41.98 28.89 -12.95
N PRO F 75 41.96 27.56 -12.85
CA PRO F 75 43.00 26.75 -13.49
C PRO F 75 42.76 26.60 -14.99
N SER F 76 43.59 25.80 -15.66
CA SER F 76 43.47 25.58 -17.09
C SER F 76 42.61 24.34 -17.34
N GLY F 77 41.61 24.49 -18.22
CA GLY F 77 40.73 23.40 -18.57
C GLY F 77 39.30 23.64 -18.16
N ILE F 78 39.10 24.24 -17.00
CA ILE F 78 37.74 24.51 -16.52
C ILE F 78 37.10 25.57 -17.42
N PRO F 79 35.85 25.38 -17.84
CA PRO F 79 35.22 26.38 -18.73
C PRO F 79 35.09 27.73 -18.05
N GLU F 80 35.07 28.78 -18.86
CA GLU F 80 35.03 30.15 -18.35
C GLU F 80 33.75 30.47 -17.60
N ARG F 81 32.71 29.64 -17.72
CA ARG F 81 31.46 29.93 -17.03
C ARG F 81 31.69 30.17 -15.54
N PHE F 82 32.49 29.32 -14.90
CA PHE F 82 32.73 29.45 -13.48
C PHE F 82 33.42 30.77 -13.17
N SER F 83 32.98 31.43 -12.10
CA SER F 83 33.59 32.67 -11.66
C SER F 83 33.21 32.90 -10.21
N GLY F 84 34.16 33.44 -9.44
CA GLY F 84 33.94 33.67 -8.03
C GLY F 84 34.62 34.95 -7.57
N SER F 85 34.32 35.33 -6.33
CA SER F 85 34.88 36.53 -5.74
C SER F 85 34.92 36.36 -4.22
N ASN F 86 35.75 37.18 -3.58
CA ASN F 86 35.88 37.17 -2.14
C ASN F 86 35.90 38.61 -1.64
N SER F 87 35.00 38.93 -0.72
CA SER F 87 34.92 40.29 -0.16
C SER F 87 34.06 40.25 1.08
N GLY F 88 34.32 41.18 1.99
CA GLY F 88 33.54 41.27 3.22
C GLY F 88 33.57 39.96 3.98
N ASN F 89 32.41 39.54 4.45
CA ASN F 89 32.26 38.28 5.18
C ASN F 89 31.62 37.18 4.36
N THR F 90 31.44 37.40 3.06
CA THR F 90 30.83 36.42 2.17
C THR F 90 31.67 36.28 0.90
N ALA F 91 31.97 35.04 0.54
CA ALA F 91 32.63 34.72 -0.72
C ALA F 91 31.67 33.90 -1.56
N THR F 92 31.54 34.25 -2.83
CA THR F 92 30.52 33.67 -3.70
C THR F 92 31.17 33.01 -4.91
N LEU F 93 30.56 31.91 -5.36
CA LEU F 93 30.89 31.27 -6.61
C LEU F 93 29.71 31.41 -7.56
N THR F 94 29.96 31.93 -8.75
CA THR F 94 28.91 32.24 -9.71
C THR F 94 29.04 31.32 -10.92
N ILE F 95 27.94 30.71 -11.32
CA ILE F 95 27.86 29.86 -12.50
C ILE F 95 26.84 30.48 -13.45
N SER F 96 27.19 30.56 -14.73
CA SER F 96 26.31 31.11 -15.76
C SER F 96 26.08 30.05 -16.82
N GLY F 97 24.85 30.01 -17.34
CA GLY F 97 24.50 28.99 -18.32
C GLY F 97 24.62 27.58 -17.79
N THR F 98 24.13 27.36 -16.57
CA THR F 98 24.24 26.03 -15.97
C THR F 98 23.55 24.99 -16.83
N GLN F 99 24.17 23.82 -16.93
CA GLN F 99 23.67 22.71 -17.74
C GLN F 99 23.57 21.46 -16.87
N ALA F 100 23.14 20.37 -17.48
CA ALA F 100 22.96 19.12 -16.76
C ALA F 100 24.27 18.51 -16.29
N MET F 101 25.41 19.01 -16.76
CA MET F 101 26.71 18.49 -16.36
C MET F 101 27.28 19.21 -15.15
N ASP F 102 26.58 20.22 -14.63
CA ASP F 102 27.09 21.02 -13.51
C ASP F 102 26.62 20.52 -12.15
N GLU F 103 25.85 19.44 -12.11
CA GLU F 103 25.37 18.90 -10.84
C GLU F 103 26.53 18.25 -10.10
N ALA F 104 26.85 18.79 -8.93
CA ALA F 104 27.91 18.24 -8.09
C ALA F 104 27.98 19.04 -6.81
N ASP F 105 28.54 18.44 -5.77
CA ASP F 105 28.74 19.13 -4.51
C ASP F 105 29.89 20.13 -4.64
N TYR F 106 29.78 21.24 -3.92
CA TYR F 106 30.79 22.28 -3.92
C TYR F 106 31.27 22.52 -2.50
N TYR F 107 32.59 22.55 -2.32
CA TYR F 107 33.21 22.67 -1.01
C TYR F 107 34.08 23.91 -0.96
N CYS F 108 34.05 24.60 0.18
CA CYS F 108 34.83 25.80 0.40
C CYS F 108 36.03 25.49 1.28
N GLN F 109 37.08 26.29 1.14
CA GLN F 109 38.34 26.06 1.82
C GLN F 109 38.88 27.39 2.36
N ALA F 110 39.69 27.29 3.40
CA ALA F 110 40.34 28.46 3.99
C ALA F 110 41.29 27.98 5.08
N TRP F 111 42.24 28.82 5.42
CA TRP F 111 43.20 28.55 6.49
C TRP F 111 42.95 29.50 7.65
N ASP F 112 43.00 28.96 8.87
CA ASP F 112 42.81 29.77 10.07
C ASP F 112 43.56 29.14 11.23
N SER F 113 44.29 29.97 11.96
CA SER F 113 45.01 29.54 13.17
C SER F 113 45.78 28.25 12.90
N SER F 114 46.42 28.17 11.74
CA SER F 114 47.17 26.98 11.34
C SER F 114 46.28 25.73 11.40
N ALA F 115 45.05 25.87 10.92
CA ALA F 115 44.10 24.76 10.93
C ALA F 115 43.20 24.86 9.71
N LEU F 116 43.28 23.87 8.82
CA LEU F 116 42.41 23.83 7.66
C LEU F 116 40.96 23.67 8.08
N VAL F 117 40.05 24.27 7.31
CA VAL F 117 38.63 24.20 7.59
C VAL F 117 37.88 24.06 6.28
N PHE F 118 37.08 23.01 6.16
CA PHE F 118 36.27 22.75 4.98
C PHE F 118 34.82 23.07 5.29
N GLY F 119 34.19 23.85 4.41
CA GLY F 119 32.80 24.21 4.63
C GLY F 119 31.85 23.06 4.41
N GLY F 120 30.64 23.21 4.94
CA GLY F 120 29.63 22.19 4.77
C GLY F 120 29.27 21.98 3.32
N GLY F 121 28.93 20.75 2.98
CA GLY F 121 28.61 20.40 1.61
C GLY F 121 27.44 21.18 1.05
N THR F 122 27.61 21.74 -0.15
CA THR F 122 26.56 22.45 -0.85
C THR F 122 26.16 21.63 -2.08
N LYS F 123 24.89 21.28 -2.17
CA LYS F 123 24.37 20.45 -3.24
C LYS F 123 23.69 21.35 -4.27
N LEU F 124 24.27 21.41 -5.46
CA LEU F 124 23.71 22.21 -6.55
C LEU F 124 22.97 21.29 -7.51
N THR F 125 21.67 21.51 -7.65
CA THR F 125 20.82 20.69 -8.51
C THR F 125 20.24 21.55 -9.62
N VAL F 126 20.11 20.96 -10.80
CA VAL F 126 19.50 21.61 -11.95
C VAL F 126 18.22 20.86 -12.30
N LEU F 127 17.10 21.58 -12.30
CA LEU F 127 15.80 20.98 -12.54
C LEU F 127 15.52 21.01 -14.04
N ARG F 128 15.38 19.83 -14.63
CA ARG F 128 15.22 19.69 -16.07
C ARG F 128 13.76 19.82 -16.46
N THR F 129 13.52 20.50 -17.59
CA THR F 129 12.16 20.81 -18.01
C THR F 129 11.42 19.55 -18.44
N VAL F 130 10.09 19.67 -18.52
CA VAL F 130 9.21 18.57 -18.89
C VAL F 130 8.87 18.68 -20.37
N ALA F 131 9.04 17.59 -21.11
CA ALA F 131 8.75 17.53 -22.53
C ALA F 131 7.78 16.40 -22.80
N ALA F 132 6.74 16.67 -23.57
CA ALA F 132 5.73 15.68 -23.87
C ALA F 132 6.23 14.67 -24.90
N PRO F 133 5.73 13.45 -24.87
CA PRO F 133 6.20 12.43 -25.80
C PRO F 133 5.50 12.51 -27.15
N SER F 134 6.20 12.07 -28.19
CA SER F 134 5.65 11.89 -29.52
C SER F 134 5.46 10.41 -29.77
N VAL F 135 4.25 10.03 -30.17
CA VAL F 135 3.85 8.63 -30.20
C VAL F 135 3.44 8.24 -31.62
N PHE F 136 3.88 7.06 -32.06
CA PHE F 136 3.53 6.51 -33.36
C PHE F 136 3.12 5.05 -33.18
N ILE F 137 2.33 4.55 -34.13
CA ILE F 137 1.93 3.14 -34.17
C ILE F 137 2.23 2.58 -35.55
N PHE F 138 2.90 1.44 -35.60
CA PHE F 138 3.29 0.79 -36.84
C PHE F 138 2.54 -0.52 -37.02
N PRO F 139 1.86 -0.75 -38.14
CA PRO F 139 1.19 -2.04 -38.35
C PRO F 139 2.20 -3.16 -38.46
N PRO F 140 1.74 -4.40 -38.61
CA PRO F 140 2.67 -5.52 -38.81
C PRO F 140 3.01 -5.72 -40.27
N SER F 141 4.27 -6.05 -40.53
CA SER F 141 4.75 -6.26 -41.89
C SER F 141 3.88 -7.29 -42.59
N ASP F 142 3.85 -7.26 -43.92
CA ASP F 142 3.08 -8.24 -44.67
C ASP F 142 3.73 -9.62 -44.58
N GLU F 143 5.06 -9.67 -44.54
CA GLU F 143 5.76 -10.94 -44.58
C GLU F 143 5.50 -11.76 -43.33
N GLN F 144 5.47 -11.11 -42.16
CA GLN F 144 5.33 -11.85 -40.91
C GLN F 144 4.04 -12.65 -40.90
N LEU F 145 2.95 -12.08 -41.42
CA LEU F 145 1.69 -12.81 -41.45
C LEU F 145 1.82 -14.12 -42.19
N LYS F 146 2.71 -14.20 -43.18
CA LYS F 146 2.95 -15.46 -43.87
C LYS F 146 3.59 -16.50 -42.97
N SER F 147 4.14 -16.10 -41.81
CA SER F 147 4.74 -17.02 -40.86
C SER F 147 3.86 -17.24 -39.63
N GLY F 148 2.60 -16.78 -39.66
CA GLY F 148 1.70 -17.02 -38.56
C GLY F 148 2.06 -16.29 -37.28
N THR F 149 2.32 -14.99 -37.37
CA THR F 149 2.61 -14.20 -36.19
C THR F 149 2.48 -12.72 -36.54
N ALA F 150 1.73 -11.98 -35.73
CA ALA F 150 1.56 -10.55 -35.90
C ALA F 150 2.08 -9.83 -34.66
N SER F 151 2.75 -8.70 -34.88
CA SER F 151 3.38 -7.94 -33.79
C SER F 151 3.20 -6.45 -34.06
N VAL F 152 2.26 -5.84 -33.36
CA VAL F 152 2.00 -4.41 -33.49
C VAL F 152 2.83 -3.66 -32.46
N VAL F 153 3.58 -2.66 -32.91
CA VAL F 153 4.57 -1.96 -32.08
C VAL F 153 4.17 -0.49 -31.99
N CYS F 154 4.08 0.01 -30.75
CA CYS F 154 3.79 1.41 -30.48
C CYS F 154 5.00 2.04 -29.80
N LEU F 155 5.38 3.23 -30.27
CA LEU F 155 6.63 3.86 -29.87
C LEU F 155 6.35 5.20 -29.21
N LEU F 156 7.19 5.55 -28.22
CA LEU F 156 7.13 6.85 -27.56
C LEU F 156 8.50 7.50 -27.70
N ASN F 157 8.55 8.62 -28.41
CA ASN F 157 9.82 9.28 -28.69
C ASN F 157 10.25 10.12 -27.48
N ASN F 158 11.24 11.00 -27.69
CA ASN F 158 11.85 11.77 -26.62
C ASN F 158 10.83 12.25 -25.60
N PHE F 159 11.11 11.99 -24.32
CA PHE F 159 10.26 12.43 -23.23
C PHE F 159 10.99 12.29 -21.90
N TYR F 160 11.07 13.36 -21.10
CA TYR F 160 11.93 13.30 -19.92
C TYR F 160 11.31 12.51 -18.77
N PRO F 161 10.14 12.90 -18.27
CA PRO F 161 9.63 12.24 -17.05
C PRO F 161 9.44 10.75 -17.29
N ARG F 162 10.20 9.94 -16.55
CA ARG F 162 10.26 8.51 -16.84
C ARG F 162 8.90 7.84 -16.67
N GLU F 163 8.05 8.37 -15.79
CA GLU F 163 6.75 7.75 -15.53
C GLU F 163 5.91 7.79 -16.79
N ALA F 164 5.64 6.63 -17.38
CA ALA F 164 4.80 6.54 -18.56
C ALA F 164 4.03 5.24 -18.53
N LYS F 165 2.88 5.21 -19.19
CA LYS F 165 2.01 4.05 -19.20
C LYS F 165 1.40 3.91 -20.58
N VAL F 166 1.50 2.71 -21.15
CA VAL F 166 0.93 2.39 -22.44
C VAL F 166 -0.07 1.26 -22.24
N GLN F 167 -1.21 1.35 -22.94
CA GLN F 167 -2.28 0.37 -22.79
C GLN F 167 -2.83 0.02 -24.17
N TRP F 168 -2.57 -1.20 -24.62
CA TRP F 168 -3.10 -1.67 -25.89
C TRP F 168 -4.55 -2.09 -25.71
N LYS F 169 -5.42 -1.56 -26.56
CA LYS F 169 -6.84 -1.92 -26.56
C LYS F 169 -7.26 -2.22 -27.99
N VAL F 170 -7.54 -3.49 -28.26
CA VAL F 170 -7.95 -3.93 -29.59
C VAL F 170 -9.48 -4.00 -29.62
N ASP F 171 -10.07 -3.27 -30.56
CA ASP F 171 -11.53 -3.22 -30.68
C ASP F 171 -12.16 -2.73 -29.38
N ASN F 172 -11.48 -1.81 -28.69
CA ASN F 172 -11.97 -1.25 -27.44
C ASN F 172 -12.19 -2.35 -26.39
N ALA F 173 -11.09 -3.02 -26.05
CA ALA F 173 -11.10 -4.08 -25.04
C ALA F 173 -9.72 -4.16 -24.44
N LEU F 174 -9.55 -3.64 -23.23
CA LEU F 174 -8.24 -3.56 -22.61
C LEU F 174 -7.57 -4.93 -22.59
N GLN F 175 -6.29 -4.96 -22.92
CA GLN F 175 -5.52 -6.19 -23.00
C GLN F 175 -4.37 -6.15 -22.01
N SER F 176 -3.91 -7.33 -21.60
CA SER F 176 -2.79 -7.42 -20.67
C SER F 176 -2.17 -8.81 -20.78
N GLY F 177 -0.90 -8.89 -20.39
CA GLY F 177 -0.18 -10.14 -20.36
C GLY F 177 0.54 -10.51 -21.64
N ASN F 178 0.37 -9.74 -22.71
CA ASN F 178 0.99 -10.04 -24.00
C ASN F 178 1.68 -8.80 -24.56
N SER F 179 2.47 -8.13 -23.71
CA SER F 179 3.21 -6.95 -24.15
C SER F 179 4.48 -6.84 -23.34
N GLN F 180 5.52 -6.30 -23.97
CA GLN F 180 6.82 -6.14 -23.34
C GLN F 180 7.34 -4.72 -23.61
N GLU F 181 8.20 -4.25 -22.72
CA GLU F 181 8.64 -2.87 -22.73
C GLU F 181 10.17 -2.82 -22.71
N SER F 182 10.74 -1.90 -23.50
CA SER F 182 12.18 -1.72 -23.56
C SER F 182 12.47 -0.24 -23.72
N VAL F 183 13.43 0.28 -22.94
CA VAL F 183 13.73 1.69 -22.89
C VAL F 183 15.23 1.90 -22.94
N THR F 184 15.64 3.07 -23.41
CA THR F 184 17.04 3.47 -23.46
C THR F 184 17.33 4.45 -22.32
N GLU F 185 18.53 5.02 -22.33
CA GLU F 185 18.96 5.97 -21.32
C GLU F 185 19.08 7.36 -21.93
N GLN F 186 18.91 8.38 -21.08
CA GLN F 186 18.91 9.75 -21.57
C GLN F 186 20.24 10.08 -22.25
N ASP F 187 20.14 10.82 -23.35
CA ASP F 187 21.33 11.19 -24.09
C ASP F 187 22.23 12.10 -23.24
N SER F 188 23.53 12.00 -23.47
CA SER F 188 24.49 12.79 -22.70
C SER F 188 24.13 14.27 -22.72
N LYS F 189 24.08 14.85 -23.91
CA LYS F 189 23.71 16.25 -24.06
C LYS F 189 22.20 16.42 -24.19
N ASP F 190 21.47 15.76 -23.29
CA ASP F 190 20.01 15.77 -23.29
C ASP F 190 19.57 15.15 -21.97
N SER F 191 18.25 15.02 -21.80
CA SER F 191 17.71 14.37 -20.62
C SER F 191 16.51 13.48 -20.91
N THR F 192 16.22 13.19 -22.19
CA THR F 192 15.00 12.52 -22.57
C THR F 192 15.23 11.05 -22.85
N TYR F 193 14.34 10.21 -22.34
CA TYR F 193 14.35 8.78 -22.61
C TYR F 193 13.72 8.52 -23.99
N SER F 194 13.41 7.26 -24.26
CA SER F 194 12.67 6.88 -25.46
C SER F 194 12.17 5.45 -25.30
N LEU F 195 10.86 5.25 -25.41
CA LEU F 195 10.24 3.99 -25.02
C LEU F 195 9.54 3.35 -26.22
N SER F 196 9.40 2.03 -26.17
CA SER F 196 8.70 1.29 -27.20
C SER F 196 8.06 0.06 -26.58
N SER F 197 6.89 -0.31 -27.09
CA SER F 197 6.12 -1.43 -26.57
C SER F 197 5.64 -2.31 -27.71
N THR F 198 5.75 -3.62 -27.52
CA THR F 198 5.35 -4.60 -28.52
C THR F 198 4.15 -5.39 -28.02
N LEU F 199 3.28 -5.79 -28.95
CA LEU F 199 2.09 -6.59 -28.64
C LEU F 199 2.15 -7.82 -29.52
N THR F 200 2.70 -8.91 -28.97
CA THR F 200 2.86 -10.14 -29.73
C THR F 200 1.51 -10.85 -29.84
N LEU F 201 1.04 -11.03 -31.06
CA LEU F 201 -0.23 -11.69 -31.34
C LEU F 201 0.03 -12.91 -32.19
N SER F 202 -1.05 -13.56 -32.64
CA SER F 202 -0.95 -14.69 -33.54
C SER F 202 -2.00 -14.56 -34.62
N LYS F 203 -1.68 -15.05 -35.82
CA LYS F 203 -2.68 -15.08 -36.87
C LYS F 203 -3.86 -15.93 -36.43
N ALA F 204 -5.04 -15.58 -36.92
CA ALA F 204 -6.34 -16.05 -36.46
C ALA F 204 -6.78 -15.24 -35.24
N ASP F 205 -5.95 -14.32 -34.75
CA ASP F 205 -6.35 -13.32 -33.79
C ASP F 205 -6.18 -11.91 -34.33
N TYR F 206 -5.10 -11.66 -35.08
CA TYR F 206 -4.97 -10.40 -35.81
C TYR F 206 -5.94 -10.31 -36.97
N GLU F 207 -6.49 -11.45 -37.42
CA GLU F 207 -7.41 -11.45 -38.54
C GLU F 207 -8.75 -10.82 -38.21
N LYS F 208 -9.03 -10.52 -36.95
CA LYS F 208 -10.27 -9.91 -36.52
C LYS F 208 -9.96 -8.62 -35.77
N HIS F 209 -10.97 -8.05 -35.11
CA HIS F 209 -10.80 -6.84 -34.32
C HIS F 209 -10.26 -5.70 -35.19
N LYS F 210 -11.14 -5.25 -36.10
CA LYS F 210 -10.80 -4.20 -37.05
C LYS F 210 -9.95 -3.09 -36.43
N VAL F 211 -10.39 -2.52 -35.32
CA VAL F 211 -9.78 -1.33 -34.77
C VAL F 211 -8.69 -1.72 -33.77
N TYR F 212 -7.49 -1.18 -33.96
CA TYR F 212 -6.38 -1.33 -33.04
C TYR F 212 -5.95 0.05 -32.55
N ALA F 213 -5.52 0.13 -31.30
CA ALA F 213 -5.24 1.42 -30.71
C ALA F 213 -4.09 1.30 -29.70
N CYS F 214 -3.37 2.41 -29.54
CA CYS F 214 -2.33 2.54 -28.53
C CYS F 214 -2.64 3.78 -27.72
N GLU F 215 -2.77 3.61 -26.40
CA GLU F 215 -3.11 4.72 -25.50
C GLU F 215 -1.93 4.96 -24.56
N VAL F 216 -1.53 6.23 -24.45
CA VAL F 216 -0.37 6.62 -23.65
C VAL F 216 -0.80 7.72 -22.70
N THR F 217 -0.39 7.62 -21.43
CA THR F 217 -0.62 8.64 -20.43
C THR F 217 0.72 9.14 -19.92
N HIS F 218 0.80 10.43 -19.64
CA HIS F 218 2.05 11.04 -19.23
C HIS F 218 1.80 12.51 -18.91
N GLN F 219 2.72 13.11 -18.16
CA GLN F 219 2.67 14.54 -17.89
C GLN F 219 2.86 15.30 -19.20
N GLY F 220 2.78 16.62 -19.16
CA GLY F 220 2.92 17.40 -20.37
C GLY F 220 1.68 17.31 -21.23
N LEU F 221 1.28 16.10 -21.60
CA LEU F 221 0.04 15.91 -22.33
C LEU F 221 -1.13 16.39 -21.48
N SER F 222 -1.99 17.22 -22.08
CA SER F 222 -3.18 17.66 -21.37
C SER F 222 -4.09 16.47 -21.04
N SER F 223 -4.29 15.59 -22.01
CA SER F 223 -5.13 14.42 -21.86
C SER F 223 -4.48 13.26 -22.60
N PRO F 224 -4.83 12.03 -22.24
CA PRO F 224 -4.23 10.88 -22.94
C PRO F 224 -4.48 10.95 -24.44
N VAL F 225 -3.48 10.57 -25.22
CA VAL F 225 -3.53 10.61 -26.68
C VAL F 225 -3.55 9.19 -27.20
N THR F 226 -4.43 8.93 -28.17
CA THR F 226 -4.62 7.61 -28.75
C THR F 226 -4.30 7.65 -30.23
N LYS F 227 -3.42 6.76 -30.68
CA LYS F 227 -3.09 6.59 -32.09
C LYS F 227 -3.55 5.21 -32.53
N SER F 228 -4.40 5.18 -33.56
CA SER F 228 -5.05 3.95 -33.99
C SER F 228 -4.85 3.73 -35.49
N PHE F 229 -5.29 2.57 -35.95
CA PHE F 229 -5.22 2.22 -37.37
C PHE F 229 -6.10 1.01 -37.62
N ASN F 230 -6.95 1.11 -38.63
CA ASN F 230 -7.83 -0.01 -38.96
C ASN F 230 -7.01 -1.21 -39.44
N ARG F 231 -7.50 -2.41 -39.12
CA ARG F 231 -6.81 -3.61 -39.59
C ARG F 231 -6.83 -3.68 -41.11
N GLY F 232 -7.96 -3.38 -41.73
CA GLY F 232 -8.03 -3.25 -43.16
C GLY F 232 -7.55 -1.90 -43.62
N GLU F 233 -7.54 -1.72 -44.94
CA GLU F 233 -7.14 -0.44 -45.56
C GLU F 233 -5.88 0.13 -44.91
N CYS F 234 -4.97 -0.76 -44.49
CA CYS F 234 -3.75 -0.34 -43.82
C CYS F 234 -4.07 0.35 -42.50
N ASN G 55 -63.79 15.59 47.25
CA ASN G 55 -63.38 16.83 47.89
C ASN G 55 -62.72 17.78 46.90
N GLY G 56 -62.31 17.26 45.75
CA GLY G 56 -61.60 18.08 44.79
C GLY G 56 -60.21 18.44 45.28
N SER G 57 -59.32 17.45 45.34
CA SER G 57 -57.99 17.66 45.88
C SER G 57 -57.21 18.74 45.15
N TRP G 58 -57.69 19.21 44.00
CA TRP G 58 -57.03 20.29 43.28
C TRP G 58 -57.28 21.61 43.99
N HIS G 59 -56.62 21.81 45.13
CA HIS G 59 -56.82 23.02 45.91
C HIS G 59 -56.42 24.24 45.09
N ILE G 60 -56.73 25.42 45.62
CA ILE G 60 -56.53 26.67 44.91
C ILE G 60 -55.43 27.48 45.60
N ASN G 61 -55.09 28.63 45.02
CA ASN G 61 -53.95 29.42 45.47
C ASN G 61 -54.07 29.93 46.90
N ARG G 62 -55.23 29.76 47.55
CA ARG G 62 -55.43 30.35 48.87
C ARG G 62 -54.42 29.88 49.89
N THR G 63 -53.60 28.87 49.56
CA THR G 63 -52.53 28.47 50.46
C THR G 63 -51.61 29.65 50.74
N ALA G 64 -50.96 29.62 51.90
CA ALA G 64 -50.10 30.72 52.33
C ALA G 64 -48.73 30.59 51.69
N LEU G 65 -48.32 31.62 50.96
CA LEU G 65 -46.98 31.67 50.38
C LEU G 65 -46.09 32.58 51.23
N ASN G 66 -45.80 32.11 52.45
CA ASN G 66 -44.97 32.85 53.40
C ASN G 66 -43.94 31.89 54.00
N CYS G 67 -42.81 31.74 53.32
CA CYS G 67 -41.72 30.91 53.79
C CYS G 67 -40.48 31.76 53.97
N ASN G 68 -39.56 31.28 54.80
CA ASN G 68 -38.35 32.01 55.16
C ASN G 68 -37.16 31.42 54.43
N ASP G 69 -36.38 32.28 53.77
CA ASP G 69 -35.19 31.88 53.05
C ASP G 69 -33.90 32.30 53.73
N SER G 70 -33.99 33.03 54.86
CA SER G 70 -32.77 33.46 55.55
C SER G 70 -31.96 32.26 56.01
N LEU G 71 -32.61 31.24 56.54
CA LEU G 71 -31.91 30.04 56.98
C LEU G 71 -31.28 29.35 55.78
N HIS G 72 -30.07 28.83 55.97
CA HIS G 72 -29.31 28.16 54.92
C HIS G 72 -29.69 26.69 54.77
N THR G 73 -30.63 26.18 55.56
CA THR G 73 -31.01 24.78 55.46
C THR G 73 -31.54 24.44 54.07
N GLY G 74 -32.16 25.40 53.40
CA GLY G 74 -32.66 25.15 52.05
C GLY G 74 -33.74 24.09 51.98
N PHE G 75 -34.66 24.09 52.94
CA PHE G 75 -35.77 23.14 52.90
C PHE G 75 -36.60 23.33 51.64
N LEU G 76 -36.88 24.58 51.26
CA LEU G 76 -37.55 24.84 50.01
C LEU G 76 -36.69 24.41 48.83
N ALA G 77 -35.38 24.72 48.88
CA ALA G 77 -34.48 24.34 47.81
C ALA G 77 -34.42 22.84 47.59
N ALA G 78 -34.74 22.05 48.62
CA ALA G 78 -34.75 20.60 48.51
C ALA G 78 -36.09 20.05 48.05
N LEU G 79 -36.93 20.88 47.44
CA LEU G 79 -38.23 20.40 46.97
C LEU G 79 -38.11 19.59 45.69
N PHE G 80 -37.20 19.99 44.80
CA PHE G 80 -37.10 19.32 43.50
C PHE G 80 -36.76 17.85 43.66
N TYR G 81 -35.80 17.54 44.51
CA TYR G 81 -35.26 16.19 44.59
C TYR G 81 -35.20 15.70 46.03
N THR G 82 -34.58 14.54 46.24
CA THR G 82 -34.34 14.03 47.57
C THR G 82 -33.09 13.17 47.53
N HIS G 83 -32.45 13.01 48.67
CA HIS G 83 -31.20 12.28 48.77
C HIS G 83 -31.46 10.84 49.23
N LYS G 84 -30.43 10.02 49.11
CA LYS G 84 -30.56 8.61 49.46
C LYS G 84 -30.77 8.45 50.96
N PHE G 85 -31.37 7.31 51.33
CA PHE G 85 -31.68 7.06 52.73
C PHE G 85 -30.42 7.09 53.58
N ASN G 86 -29.34 6.48 53.09
CA ASN G 86 -28.08 6.46 53.82
C ASN G 86 -27.29 7.76 53.67
N ALA G 87 -27.65 8.61 52.72
CA ALA G 87 -26.90 9.83 52.46
C ALA G 87 -27.35 11.02 53.31
N SER G 88 -28.49 10.92 53.98
CA SER G 88 -29.03 12.02 54.77
C SER G 88 -28.89 11.79 56.27
N GLY G 89 -28.14 10.77 56.69
CA GLY G 89 -28.01 10.47 58.10
C GLY G 89 -29.33 10.15 58.77
N CYS G 90 -30.29 9.62 58.01
CA CYS G 90 -31.59 9.31 58.58
C CYS G 90 -31.53 8.36 59.76
N PRO G 91 -30.75 7.28 59.74
CA PRO G 91 -30.78 6.33 60.88
C PRO G 91 -30.45 6.98 62.21
N GLU G 92 -29.57 7.99 62.22
CA GLU G 92 -29.23 8.64 63.48
C GLU G 92 -30.47 9.23 64.14
N ARG G 93 -31.31 9.90 63.35
CA ARG G 93 -32.55 10.46 63.88
C ARG G 93 -33.62 9.39 64.11
N MET G 94 -33.63 8.33 63.30
CA MET G 94 -34.66 7.32 63.38
C MET G 94 -34.43 6.32 64.49
N ALA G 95 -33.23 6.28 65.07
CA ALA G 95 -32.93 5.38 66.17
C ALA G 95 -33.41 5.92 67.51
N HIS G 96 -34.33 6.88 67.52
CA HIS G 96 -34.84 7.43 68.76
C HIS G 96 -36.05 6.67 69.30
N CYS G 97 -36.87 6.12 68.41
CA CYS G 97 -38.07 5.39 68.80
C CYS G 97 -37.97 3.95 68.34
N ARG G 98 -38.59 3.05 69.11
CA ARG G 98 -38.59 1.63 68.81
C ARG G 98 -39.23 1.37 67.44
N PRO G 122 -41.77 14.96 63.92
CA PRO G 122 -42.57 13.78 63.54
C PRO G 122 -41.81 12.87 62.56
N TYR G 123 -41.05 11.92 63.10
CA TYR G 123 -40.27 10.98 62.30
C TYR G 123 -40.93 9.61 62.20
N CYS G 124 -41.32 9.04 63.33
CA CYS G 124 -41.93 7.71 63.39
C CYS G 124 -43.36 7.82 63.89
N TRP G 125 -44.05 6.68 63.93
CA TRP G 125 -45.43 6.65 64.38
C TRP G 125 -45.57 6.88 65.89
N HIS G 126 -44.47 6.89 66.63
CA HIS G 126 -44.51 7.15 68.06
C HIS G 126 -44.62 8.66 68.27
N TYR G 127 -45.83 9.15 68.46
CA TYR G 127 -46.06 10.57 68.65
C TYR G 127 -47.31 10.77 69.49
N ALA G 128 -47.39 11.94 70.13
CA ALA G 128 -48.54 12.33 70.94
C ALA G 128 -49.01 13.69 70.46
N PRO G 129 -49.70 13.74 69.32
CA PRO G 129 -50.14 15.03 68.78
C PRO G 129 -51.10 15.73 69.72
N ARG G 130 -51.02 17.07 69.72
CA ARG G 130 -51.87 17.91 70.55
C ARG G 130 -53.04 18.44 69.72
N GLN G 131 -54.11 18.80 70.42
CA GLN G 131 -55.27 19.39 69.76
C GLN G 131 -54.94 20.81 69.32
N CYS G 132 -55.25 21.12 68.06
CA CYS G 132 -55.02 22.45 67.50
C CYS G 132 -56.31 22.96 66.91
N GLY G 133 -56.74 24.14 67.35
CA GLY G 133 -57.98 24.73 66.89
C GLY G 133 -57.77 25.86 65.90
N THR G 134 -56.74 26.67 66.13
CA THR G 134 -56.44 27.80 65.25
C THR G 134 -54.93 27.96 65.14
N ILE G 135 -54.50 28.53 64.02
CA ILE G 135 -53.08 28.76 63.75
C ILE G 135 -52.98 29.93 62.78
N PRO G 136 -52.31 31.03 63.12
CA PRO G 136 -52.16 32.12 62.15
C PRO G 136 -51.43 31.65 60.90
N ALA G 137 -51.85 32.20 59.76
CA ALA G 137 -51.26 31.82 58.49
C ALA G 137 -49.84 32.36 58.31
N SER G 138 -49.39 33.25 59.19
CA SER G 138 -48.04 33.80 59.05
C SER G 138 -46.99 32.71 59.20
N GLN G 139 -47.18 31.80 60.15
CA GLN G 139 -46.23 30.71 60.39
C GLN G 139 -46.42 29.53 59.46
N VAL G 140 -47.43 29.57 58.59
CA VAL G 140 -47.78 28.45 57.72
C VAL G 140 -47.51 28.84 56.28
N CYS G 141 -46.83 27.96 55.54
CA CYS G 141 -46.73 28.10 54.10
C CYS G 141 -46.60 26.73 53.48
N GLY G 142 -47.24 26.55 52.33
CA GLY G 142 -47.39 25.24 51.72
C GLY G 142 -48.76 24.68 52.01
N PRO G 143 -49.36 24.00 51.03
CA PRO G 143 -50.74 23.54 51.22
C PRO G 143 -50.85 22.61 52.42
N VAL G 144 -51.95 22.77 53.16
CA VAL G 144 -52.24 21.93 54.33
C VAL G 144 -53.31 20.93 53.93
N TYR G 145 -52.97 19.65 53.98
CA TYR G 145 -53.88 18.58 53.61
C TYR G 145 -54.20 17.75 54.85
N CYS G 146 -55.46 17.36 54.99
CA CYS G 146 -55.90 16.61 56.16
C CYS G 146 -56.62 15.34 55.73
N PHE G 147 -56.54 14.33 56.59
CA PHE G 147 -56.91 12.96 56.25
C PHE G 147 -58.30 12.65 56.78
N THR G 148 -59.24 12.46 55.87
CA THR G 148 -60.61 12.07 56.19
C THR G 148 -60.79 10.62 56.65
N PRO G 149 -59.91 9.65 56.27
CA PRO G 149 -58.53 9.70 55.77
C PRO G 149 -58.28 10.21 54.35
N SER G 150 -59.24 10.26 53.44
CA SER G 150 -58.93 10.74 52.10
C SER G 150 -58.42 12.17 52.17
N PRO G 151 -57.34 12.50 51.46
CA PRO G 151 -56.71 13.81 51.65
C PRO G 151 -57.69 14.95 51.39
N VAL G 152 -57.64 15.95 52.26
CA VAL G 152 -58.50 17.13 52.17
C VAL G 152 -57.66 18.36 52.46
N VAL G 153 -57.71 19.34 51.58
CA VAL G 153 -56.96 20.59 51.72
C VAL G 153 -57.89 21.66 52.25
N VAL G 154 -57.48 22.30 53.34
CA VAL G 154 -58.28 23.36 53.96
C VAL G 154 -57.58 24.70 53.82
N THR G 164 -60.49 34.82 52.19
CA THR G 164 -59.42 35.80 52.01
C THR G 164 -58.48 35.36 50.89
N TYR G 165 -58.53 36.07 49.76
CA TYR G 165 -57.68 35.76 48.60
C TYR G 165 -56.49 36.71 48.61
N THR G 166 -55.50 36.37 49.43
CA THR G 166 -54.30 37.19 49.55
C THR G 166 -53.02 36.35 49.60
N TRP G 167 -53.09 35.06 49.31
CA TRP G 167 -51.94 34.16 49.39
C TRP G 167 -51.37 34.11 50.80
N GLY G 168 -52.16 34.47 51.80
CA GLY G 168 -51.68 34.54 53.17
C GLY G 168 -50.89 35.79 53.50
N GLU G 169 -50.78 36.74 52.56
CA GLU G 169 -49.99 37.94 52.83
C GLU G 169 -50.59 38.76 53.97
N ASN G 170 -51.91 38.87 54.02
CA ASN G 170 -52.56 39.66 55.05
C ASN G 170 -52.25 39.08 56.43
N GLU G 171 -51.90 39.96 57.37
CA GLU G 171 -51.60 39.51 58.73
C GLU G 171 -52.83 38.91 59.39
N THR G 172 -53.99 39.53 59.18
CA THR G 172 -55.21 39.03 59.81
C THR G 172 -55.64 37.68 59.28
N ASP G 173 -55.10 37.25 58.14
CA ASP G 173 -55.47 35.95 57.58
C ASP G 173 -55.14 34.83 58.55
N VAL G 174 -56.10 33.94 58.78
CA VAL G 174 -55.96 32.83 59.71
C VAL G 174 -56.55 31.58 59.07
N LEU G 175 -56.05 30.43 59.53
CA LEU G 175 -56.58 29.12 59.14
C LEU G 175 -57.34 28.53 60.30
N ILE G 176 -58.60 28.18 60.08
CA ILE G 176 -59.48 27.66 61.12
C ILE G 176 -59.71 26.18 60.86
N LEU G 177 -59.32 25.35 61.81
CA LEU G 177 -59.54 23.91 61.74
C LEU G 177 -59.82 23.40 63.15
N ASN G 178 -60.93 22.69 63.32
CA ASN G 178 -61.31 22.11 64.60
C ASN G 178 -61.24 20.60 64.46
N ASN G 179 -60.13 20.02 64.88
CA ASN G 179 -59.92 18.58 64.73
C ASN G 179 -61.06 17.81 65.40
N THR G 180 -61.64 16.88 64.66
CA THR G 180 -62.72 16.05 65.18
C THR G 180 -62.80 14.80 64.32
N ARG G 181 -63.11 13.68 64.96
CA ARG G 181 -63.14 12.41 64.25
C ARG G 181 -64.25 12.41 63.20
N PRO G 182 -64.07 11.68 62.10
CA PRO G 182 -65.09 11.68 61.03
C PRO G 182 -66.46 11.31 61.55
N PRO G 183 -66.56 10.37 62.50
CA PRO G 183 -67.87 10.12 63.11
C PRO G 183 -68.52 11.36 63.69
N GLN G 184 -67.72 12.28 64.24
CA GLN G 184 -68.20 13.55 64.74
C GLN G 184 -67.91 14.70 63.79
N GLY G 185 -67.51 14.40 62.55
CA GLY G 185 -67.21 15.42 61.57
C GLY G 185 -65.74 15.81 61.57
N ASN G 186 -65.36 16.57 60.54
CA ASN G 186 -64.00 17.04 60.37
C ASN G 186 -63.06 15.87 60.08
N TRP G 187 -61.88 15.85 60.70
CA TRP G 187 -60.88 14.83 60.41
C TRP G 187 -60.08 14.53 61.67
N PHE G 188 -59.38 13.40 61.65
CA PHE G 188 -58.57 13.00 62.79
C PHE G 188 -57.50 14.06 63.10
N GLY G 189 -56.84 14.56 62.07
CA GLY G 189 -55.75 15.50 62.25
C GLY G 189 -54.96 15.62 60.97
N CYS G 190 -53.87 16.38 61.06
CA CYS G 190 -53.01 16.56 59.90
C CYS G 190 -51.75 17.34 60.21
N THR G 191 -50.88 17.47 59.20
CA THR G 191 -49.57 18.08 59.33
C THR G 191 -49.45 19.23 58.34
N TRP G 192 -48.35 19.97 58.47
CA TRP G 192 -48.05 21.08 57.57
C TRP G 192 -46.60 21.47 57.76
N MET G 193 -46.10 22.29 56.83
CA MET G 193 -44.73 22.80 56.87
C MET G 193 -44.77 24.27 57.28
N ASN G 194 -44.11 24.59 58.38
CA ASN G 194 -44.09 25.96 58.89
C ASN G 194 -43.13 26.82 58.07
N SER G 195 -43.24 28.13 58.29
CA SER G 195 -42.36 29.07 57.60
C SER G 195 -40.90 28.84 57.99
N THR G 196 -40.65 28.57 59.28
CA THR G 196 -39.29 28.40 59.75
C THR G 196 -38.58 27.23 59.09
N GLY G 197 -39.32 26.27 58.55
CA GLY G 197 -38.71 25.16 57.82
C GLY G 197 -38.63 23.88 58.62
N PHE G 198 -39.70 23.54 59.34
CA PHE G 198 -39.75 22.31 60.12
C PHE G 198 -41.15 21.73 60.05
N THR G 199 -41.22 20.43 59.85
CA THR G 199 -42.51 19.75 59.76
C THR G 199 -43.22 19.80 61.11
N LYS G 200 -44.54 19.98 61.07
CA LYS G 200 -45.37 20.05 62.27
C LYS G 200 -46.59 19.17 62.09
N THR G 201 -47.03 18.56 63.18
CA THR G 201 -48.15 17.63 63.16
C THR G 201 -49.12 17.96 64.29
N CYS G 202 -50.39 17.62 64.06
CA CYS G 202 -51.44 17.81 65.06
C CYS G 202 -52.59 16.88 64.74
N GLY G 203 -53.26 16.41 65.77
CA GLY G 203 -54.36 15.48 65.58
C GLY G 203 -55.04 15.15 66.88
N GLY G 204 -55.93 14.16 66.81
CA GLY G 204 -56.75 13.78 67.93
C GLY G 204 -55.95 13.17 69.06
N PRO G 205 -56.52 13.17 70.27
CA PRO G 205 -55.78 12.63 71.42
C PRO G 205 -55.57 11.14 71.28
N PRO G 206 -54.48 10.60 71.82
CA PRO G 206 -54.29 9.15 71.81
C PRO G 206 -55.36 8.44 72.62
N CYS G 207 -55.67 7.22 72.20
CA CYS G 207 -56.65 6.40 72.91
C CYS G 207 -55.97 5.51 73.94
N THR G 218 -48.40 4.81 74.82
CA THR G 218 -49.45 5.49 74.06
C THR G 218 -49.67 4.82 72.71
N CYS G 219 -50.91 4.87 72.21
CA CYS G 219 -51.28 4.27 70.94
C CYS G 219 -51.98 5.34 70.10
N PRO G 220 -51.21 6.14 69.36
CA PRO G 220 -51.84 7.13 68.46
C PRO G 220 -52.49 6.51 67.24
N THR G 221 -52.23 5.24 66.95
CA THR G 221 -52.80 4.58 65.78
C THR G 221 -52.50 3.09 65.86
N ASP G 222 -53.25 2.32 65.07
CA ASP G 222 -53.05 0.88 64.97
C ASP G 222 -53.05 0.23 66.35
N CYS G 223 -51.90 -0.28 66.78
CA CYS G 223 -51.79 -1.00 68.05
C CYS G 223 -52.94 -1.97 68.25
N THR G 231 -58.45 0.40 66.25
CA THR G 231 -58.42 0.49 64.80
C THR G 231 -58.14 1.92 64.35
N TYR G 232 -57.92 2.10 63.06
CA TYR G 232 -57.66 3.43 62.53
C TYR G 232 -58.88 4.34 62.71
N THR G 233 -60.06 3.83 62.39
CA THR G 233 -61.27 4.65 62.48
C THR G 233 -61.52 5.15 63.91
N LYS G 234 -60.93 4.50 64.91
CA LYS G 234 -61.13 4.87 66.30
C LYS G 234 -59.98 5.68 66.89
N CYS G 235 -58.73 5.32 66.58
CA CYS G 235 -57.58 5.93 67.23
C CYS G 235 -56.65 6.68 66.29
N GLY G 236 -56.72 6.46 64.98
CA GLY G 236 -55.79 7.10 64.07
C GLY G 236 -55.82 8.61 64.15
N SER G 237 -54.65 9.22 64.24
CA SER G 237 -54.52 10.66 64.33
C SER G 237 -53.75 11.28 63.17
N GLY G 238 -52.63 10.67 62.78
CA GLY G 238 -51.81 11.21 61.71
C GLY G 238 -51.79 10.29 60.49
N PRO G 239 -50.81 10.48 59.61
CA PRO G 239 -50.74 9.65 58.40
C PRO G 239 -50.46 8.19 58.68
N TRP G 240 -50.02 7.84 59.89
CA TRP G 240 -49.64 6.47 60.20
C TRP G 240 -50.85 5.58 60.33
N LEU G 241 -51.33 5.02 59.21
CA LEU G 241 -52.41 4.05 59.28
C LEU G 241 -51.98 2.82 60.05
N THR G 242 -50.75 2.37 59.84
CA THR G 242 -50.13 1.27 60.57
C THR G 242 -48.75 1.73 61.01
N PRO G 243 -48.06 0.92 61.81
CA PRO G 243 -46.71 1.31 62.23
C PRO G 243 -45.74 1.49 61.08
N ARG G 244 -46.00 0.90 59.91
CA ARG G 244 -45.13 0.99 58.75
C ARG G 244 -45.95 1.31 57.50
N CYS G 245 -46.84 2.28 57.60
CA CYS G 245 -47.65 2.71 56.47
C CYS G 245 -48.00 4.18 56.63
N LEU G 246 -47.98 4.92 55.52
CA LEU G 246 -48.29 6.33 55.49
C LEU G 246 -49.33 6.62 54.41
N VAL G 247 -50.04 7.72 54.58
CA VAL G 247 -51.00 8.17 53.58
C VAL G 247 -50.25 8.84 52.44
N ASP G 248 -50.55 8.44 51.21
CA ASP G 248 -49.85 8.93 50.04
C ASP G 248 -50.57 10.15 49.46
N TYR G 249 -49.81 11.22 49.21
CA TYR G 249 -50.34 12.42 48.59
C TYR G 249 -49.17 13.18 47.97
N PRO G 250 -49.45 14.16 47.10
CA PRO G 250 -48.35 14.74 46.29
C PRO G 250 -47.20 15.28 47.12
N TYR G 251 -47.47 15.88 48.27
CA TYR G 251 -46.43 16.47 49.11
C TYR G 251 -45.96 15.52 50.20
N ARG G 252 -46.36 14.25 50.14
CA ARG G 252 -45.93 13.29 51.15
C ARG G 252 -44.41 13.23 51.25
N LEU G 253 -43.72 13.38 50.12
CA LEU G 253 -42.27 13.23 50.12
C LEU G 253 -41.60 14.36 50.87
N TRP G 254 -41.99 15.61 50.59
CA TRP G 254 -41.31 16.75 51.20
C TRP G 254 -41.52 16.76 52.71
N HIS G 255 -42.74 16.50 53.16
CA HIS G 255 -43.00 16.52 54.61
C HIS G 255 -42.27 15.41 55.32
N TYR G 256 -42.10 14.25 54.69
CA TYR G 256 -41.41 13.10 55.27
C TYR G 256 -40.32 12.65 54.31
N PRO G 257 -39.23 13.40 54.22
CA PRO G 257 -38.16 13.03 53.28
C PRO G 257 -37.50 11.70 53.61
N CYS G 258 -37.62 11.20 54.83
CA CYS G 258 -36.99 9.95 55.22
C CYS G 258 -37.82 8.73 54.82
N THR G 259 -38.99 8.93 54.23
CA THR G 259 -39.85 7.83 53.78
C THR G 259 -39.81 7.67 52.27
N VAL G 260 -38.73 8.09 51.61
CA VAL G 260 -38.65 7.97 50.16
C VAL G 260 -38.63 6.51 49.74
N ASN G 261 -37.91 5.67 50.48
CA ASN G 261 -37.77 4.27 50.11
C ASN G 261 -39.08 3.50 50.21
N PHE G 262 -40.12 4.08 50.82
CA PHE G 262 -41.39 3.39 50.95
C PHE G 262 -41.93 3.05 49.56
N THR G 263 -42.47 1.84 49.43
CA THR G 263 -43.04 1.40 48.17
C THR G 263 -44.46 1.95 48.04
N ILE G 264 -45.16 1.56 46.97
CA ILE G 264 -46.50 2.04 46.71
C ILE G 264 -47.50 0.95 47.10
N PHE G 265 -48.76 1.36 47.26
CA PHE G 265 -49.83 0.44 47.61
C PHE G 265 -51.16 1.20 47.63
N ARG G 277 -61.31 4.16 48.69
CA ARG G 277 -60.30 4.01 47.66
C ARG G 277 -59.21 5.06 47.80
N LEU G 278 -58.05 4.63 48.28
CA LEU G 278 -56.92 5.54 48.47
C LEU G 278 -55.63 4.76 48.29
N ASN G 279 -54.55 5.51 48.04
CA ASN G 279 -53.23 4.93 47.83
C ASN G 279 -52.35 5.22 49.03
N ALA G 280 -51.67 4.18 49.53
CA ALA G 280 -50.80 4.30 50.68
C ALA G 280 -49.44 3.68 50.35
N ALA G 281 -48.42 4.10 51.10
CA ALA G 281 -47.05 3.66 50.89
C ALA G 281 -46.58 2.89 52.12
N CYS G 282 -46.04 1.70 51.90
CA CYS G 282 -45.51 0.87 52.98
C CYS G 282 -44.28 0.12 52.48
N ASN G 283 -43.24 0.08 53.31
CA ASN G 283 -42.04 -0.68 52.97
C ASN G 283 -42.24 -2.15 53.28
N ILE G 284 -41.29 -2.96 52.82
CA ILE G 284 -41.33 -4.39 53.05
C ILE G 284 -41.26 -4.69 54.55
N GLU H 31 -34.96 32.94 12.06
CA GLU H 31 -34.52 34.33 12.05
C GLU H 31 -33.45 34.57 13.11
N VAL H 32 -32.34 35.17 12.69
CA VAL H 32 -31.23 35.42 13.59
C VAL H 32 -31.54 36.61 14.47
N LYS H 33 -30.92 36.65 15.65
CA LYS H 33 -31.10 37.73 16.62
C LYS H 33 -29.77 38.46 16.80
N LYS H 34 -29.82 39.78 16.80
CA LYS H 34 -28.62 40.58 16.95
C LYS H 34 -28.07 40.44 18.38
N PRO H 35 -26.76 40.62 18.56
CA PRO H 35 -26.20 40.51 19.91
C PRO H 35 -26.73 41.60 20.82
N GLY H 36 -26.77 41.28 22.12
CA GLY H 36 -27.24 42.21 23.11
C GLY H 36 -28.75 42.31 23.23
N SER H 37 -29.49 41.62 22.37
CA SER H 37 -30.94 41.63 22.44
C SER H 37 -31.40 40.64 23.51
N SER H 38 -32.70 40.35 23.53
CA SER H 38 -33.27 39.40 24.46
C SER H 38 -34.19 38.45 23.71
N VAL H 39 -34.21 37.19 24.16
CA VAL H 39 -35.03 36.16 23.54
C VAL H 39 -35.90 35.51 24.61
N LYS H 40 -36.99 34.91 24.16
CA LYS H 40 -38.05 34.41 25.02
C LYS H 40 -38.41 32.98 24.65
N VAL H 41 -38.57 32.13 25.67
CA VAL H 41 -38.99 30.76 25.50
C VAL H 41 -40.23 30.53 26.35
N SER H 42 -41.26 29.95 25.75
CA SER H 42 -42.55 29.76 26.40
C SER H 42 -42.84 28.28 26.61
N CYS H 43 -43.52 27.99 27.72
CA CYS H 43 -43.91 26.62 28.03
C CYS H 43 -45.22 26.66 28.81
N GLU H 44 -45.95 25.54 28.75
CA GLU H 44 -47.24 25.44 29.42
C GLU H 44 -47.07 25.43 30.94
N ALA H 45 -48.09 25.93 31.62
CA ALA H 45 -48.06 26.00 33.08
C ALA H 45 -49.49 25.89 33.60
N SER H 46 -49.62 25.85 34.93
CA SER H 46 -50.92 25.74 35.55
C SER H 46 -51.69 27.06 35.44
N GLY H 47 -53.01 26.96 35.53
CA GLY H 47 -53.87 28.12 35.46
C GLY H 47 -54.25 28.66 36.83
N GLY H 48 -53.51 28.29 37.85
CA GLY H 48 -53.78 28.74 39.20
C GLY H 48 -54.42 27.67 40.07
N THR H 49 -54.05 26.42 39.83
CA THR H 49 -54.58 25.29 40.58
C THR H 49 -53.42 24.35 40.90
N HIS H 50 -53.73 23.23 41.54
CA HIS H 50 -52.72 22.23 41.85
C HIS H 50 -52.07 21.74 40.57
N SER H 51 -50.74 21.71 40.54
CA SER H 51 -49.98 21.33 39.36
C SER H 51 -49.57 19.86 39.39
N ASN H 52 -48.77 19.48 40.37
CA ASN H 52 -48.14 18.16 40.41
C ASN H 52 -47.19 17.98 39.22
N TYR H 53 -46.30 18.94 39.06
CA TYR H 53 -45.18 18.84 38.13
C TYR H 53 -44.28 20.05 38.32
N VAL H 54 -43.02 19.89 37.95
CA VAL H 54 -42.02 20.95 38.01
C VAL H 54 -41.52 21.21 36.60
N ILE H 55 -41.40 22.48 36.23
CA ILE H 55 -40.99 22.89 34.90
C ILE H 55 -39.52 23.28 34.95
N THR H 56 -38.75 22.80 33.98
CA THR H 56 -37.32 23.06 33.92
C THR H 56 -36.93 23.38 32.48
N TRP H 57 -35.79 24.06 32.33
CA TRP H 57 -35.26 24.45 31.04
C TRP H 57 -33.87 23.87 30.87
N VAL H 58 -33.61 23.35 29.67
CA VAL H 58 -32.32 22.75 29.35
C VAL H 58 -31.92 23.20 27.95
N ARG H 59 -30.63 23.48 27.77
CA ARG H 59 -30.11 23.97 26.51
C ARG H 59 -29.04 23.01 25.99
N GLN H 60 -28.87 22.99 24.67
CA GLN H 60 -27.93 22.07 24.03
C GLN H 60 -27.27 22.80 22.86
N ALA H 61 -26.00 23.15 23.02
CA ALA H 61 -25.23 23.66 21.90
C ALA H 61 -24.97 22.53 20.90
N PRO H 62 -24.75 22.86 19.62
CA PRO H 62 -24.57 21.80 18.62
C PRO H 62 -23.44 20.85 18.98
N GLY H 63 -23.79 19.59 19.25
CA GLY H 63 -22.80 18.58 19.57
C GLY H 63 -22.01 18.87 20.83
N GLN H 64 -22.67 19.35 21.89
CA GLN H 64 -21.99 19.68 23.14
C GLN H 64 -22.73 19.14 24.36
N GLY H 65 -23.66 18.22 24.20
CA GLY H 65 -24.36 17.65 25.33
C GLY H 65 -25.52 18.50 25.81
N LEU H 66 -25.67 18.64 27.13
CA LEU H 66 -26.78 19.36 27.72
C LEU H 66 -26.28 20.29 28.82
N GLU H 67 -27.07 21.32 29.10
CA GLU H 67 -26.79 22.26 30.18
C GLU H 67 -28.09 22.68 30.84
N TRP H 68 -28.00 23.07 32.10
CA TRP H 68 -29.16 23.46 32.88
C TRP H 68 -29.11 24.95 33.18
N MET H 69 -30.29 25.58 33.23
CA MET H 69 -30.41 27.00 33.50
C MET H 69 -31.12 27.28 34.82
N GLY H 70 -32.31 26.75 35.02
CA GLY H 70 -33.04 27.02 36.25
C GLY H 70 -34.30 26.19 36.33
N GLY H 71 -35.01 26.36 37.43
CA GLY H 71 -36.23 25.62 37.67
C GLY H 71 -37.29 26.52 38.26
N PHE H 72 -38.55 26.08 38.10
CA PHE H 72 -39.69 26.85 38.57
C PHE H 72 -40.81 25.89 38.94
N ILE H 73 -41.50 26.19 40.04
CA ILE H 73 -42.61 25.40 40.53
C ILE H 73 -43.89 26.19 40.30
N PRO H 74 -44.87 25.67 39.54
CA PRO H 74 -46.13 26.42 39.41
C PRO H 74 -46.80 26.72 40.73
N ASP H 75 -46.73 25.78 41.69
CA ASP H 75 -47.36 26.00 42.99
C ASP H 75 -46.65 27.10 43.77
N PHE H 76 -45.33 27.00 43.86
CA PHE H 76 -44.52 27.99 44.59
C PHE H 76 -43.92 28.96 43.60
N ARG H 77 -44.29 30.24 43.72
CA ARG H 77 -43.82 31.24 42.78
C ARG H 77 -42.29 31.34 42.77
N THR H 78 -41.63 30.89 43.83
CA THR H 78 -40.17 30.95 43.87
C THR H 78 -39.58 30.12 42.73
N ALA H 79 -38.52 30.65 42.13
CA ALA H 79 -37.79 29.99 41.06
C ALA H 79 -36.38 29.65 41.53
N MET H 80 -35.64 28.97 40.66
CA MET H 80 -34.26 28.60 40.94
C MET H 80 -33.41 28.88 39.71
N TYR H 81 -32.24 29.48 39.93
CA TYR H 81 -31.33 29.85 38.84
C TYR H 81 -29.99 29.18 39.05
N ALA H 82 -29.44 28.62 37.98
CA ALA H 82 -28.12 28.03 38.02
C ALA H 82 -27.05 29.12 38.16
N GLN H 83 -25.86 28.69 38.54
CA GLN H 83 -24.77 29.63 38.74
C GLN H 83 -24.20 30.15 37.42
N GLY H 84 -24.24 29.33 36.37
CA GLY H 84 -23.67 29.74 35.10
C GLY H 84 -24.34 30.96 34.50
N PHE H 85 -25.67 30.99 34.54
CA PHE H 85 -26.46 32.08 33.94
C PHE H 85 -27.22 32.85 35.02
N GLN H 86 -26.55 33.15 36.14
CA GLN H 86 -27.23 33.80 37.25
C GLN H 86 -27.68 35.22 36.89
N GLY H 87 -26.93 35.90 36.04
CA GLY H 87 -27.19 37.31 35.80
C GLY H 87 -27.99 37.59 34.53
N ARG H 88 -28.10 36.59 33.66
CA ARG H 88 -28.77 36.76 32.38
C ARG H 88 -30.06 35.96 32.30
N VAL H 89 -30.55 35.44 33.42
CA VAL H 89 -31.71 34.57 33.45
C VAL H 89 -32.79 35.25 34.27
N THR H 90 -34.02 35.22 33.76
CA THR H 90 -35.19 35.73 34.48
C THR H 90 -36.36 34.81 34.20
N ILE H 91 -37.02 34.36 35.27
CA ILE H 91 -38.13 33.42 35.17
C ILE H 91 -39.36 34.06 35.78
N THR H 92 -40.46 34.03 35.04
CA THR H 92 -41.75 34.48 35.54
C THR H 92 -42.85 33.83 34.72
N ALA H 93 -44.04 33.79 35.29
CA ALA H 93 -45.17 33.13 34.65
C ALA H 93 -46.45 33.87 35.02
N ASP H 94 -47.48 33.67 34.19
CA ASP H 94 -48.79 34.24 34.41
C ASP H 94 -49.83 33.13 34.51
N GLU H 95 -50.73 33.27 35.49
CA GLU H 95 -51.75 32.25 35.69
C GLU H 95 -52.96 32.46 34.77
N SER H 96 -53.21 33.69 34.33
CA SER H 96 -54.36 33.96 33.48
C SER H 96 -54.25 33.19 32.17
N THR H 97 -53.08 33.21 31.55
CA THR H 97 -52.85 32.48 30.31
C THR H 97 -52.32 31.08 30.53
N SER H 98 -52.03 30.70 31.78
CA SER H 98 -51.47 29.39 32.10
C SER H 98 -50.16 29.16 31.35
N LEU H 99 -49.39 30.22 31.15
CA LEU H 99 -48.14 30.17 30.39
C LEU H 99 -46.98 30.59 31.30
N ALA H 100 -45.96 29.74 31.36
CA ALA H 100 -44.73 30.04 32.06
C ALA H 100 -43.60 30.15 31.05
N TYR H 101 -42.69 31.10 31.27
CA TYR H 101 -41.67 31.43 30.28
C TYR H 101 -40.40 31.87 30.97
N MET H 102 -39.30 31.84 30.20
CA MET H 102 -37.99 32.26 30.66
C MET H 102 -37.45 33.34 29.72
N GLU H 103 -36.76 34.32 30.31
CA GLU H 103 -36.21 35.44 29.56
C GLU H 103 -34.69 35.42 29.67
N LEU H 104 -34.02 35.50 28.51
CA LEU H 104 -32.57 35.57 28.44
C LEU H 104 -32.17 36.94 27.92
N THR H 105 -31.21 37.57 28.59
CA THR H 105 -30.78 38.92 28.27
C THR H 105 -29.30 38.93 27.90
N ASN H 106 -28.94 39.85 27.01
CA ASN H 106 -27.55 40.04 26.59
C ASN H 106 -27.01 38.77 25.92
N LEU H 107 -27.66 38.40 24.82
CA LEU H 107 -27.23 37.23 24.07
C LEU H 107 -25.90 37.50 23.36
N ARG H 108 -25.27 36.42 22.92
CA ARG H 108 -23.98 36.50 22.26
C ARG H 108 -23.86 35.32 21.30
N SER H 109 -22.76 35.28 20.56
CA SER H 109 -22.57 34.22 19.58
C SER H 109 -22.49 32.85 20.23
N GLU H 110 -21.87 32.77 21.41
CA GLU H 110 -21.71 31.48 22.08
C GLU H 110 -23.03 30.89 22.55
N ASP H 111 -24.12 31.65 22.52
CA ASP H 111 -25.42 31.16 22.97
C ASP H 111 -26.19 30.44 21.88
N THR H 112 -25.63 30.30 20.68
CA THR H 112 -26.29 29.54 19.63
C THR H 112 -26.55 28.12 20.12
N ALA H 113 -27.81 27.75 20.27
CA ALA H 113 -28.15 26.42 20.79
C ALA H 113 -29.67 26.26 20.74
N VAL H 114 -30.11 25.02 20.92
CA VAL H 114 -31.52 24.68 20.95
C VAL H 114 -31.98 24.61 22.40
N TYR H 115 -33.21 25.06 22.66
CA TYR H 115 -33.75 25.16 24.01
C TYR H 115 -34.92 24.20 24.15
N TYR H 116 -34.91 23.41 25.21
CA TYR H 116 -35.95 22.43 25.50
C TYR H 116 -36.71 22.81 26.76
N CYS H 117 -37.90 22.24 26.89
CA CYS H 117 -38.72 22.38 28.09
C CYS H 117 -39.15 20.99 28.53
N ALA H 118 -38.90 20.67 29.81
CA ALA H 118 -39.19 19.35 30.35
C ALA H 118 -39.95 19.49 31.66
N ARG H 119 -40.76 18.47 31.95
CA ARG H 119 -41.56 18.43 33.17
C ARG H 119 -41.32 17.12 33.89
N GLY H 120 -41.19 17.20 35.22
CA GLY H 120 -40.97 16.02 36.02
C GLY H 120 -41.84 16.00 37.25
N PRO H 121 -41.80 14.90 38.01
CA PRO H 121 -42.60 14.82 39.24
C PRO H 121 -42.21 15.90 40.24
N LEU H 122 -43.04 16.04 41.26
CA LEU H 122 -42.86 17.14 42.21
C LEU H 122 -41.54 17.05 42.94
N SER H 123 -41.19 15.86 43.43
CA SER H 123 -39.98 15.68 44.25
C SER H 123 -39.26 14.41 43.85
N ARG H 124 -39.12 14.16 42.55
CA ARG H 124 -38.45 12.97 42.05
C ARG H 124 -37.08 13.24 41.45
N GLY H 125 -36.85 14.43 40.91
CA GLY H 125 -35.57 14.73 40.29
C GLY H 125 -35.27 13.96 39.04
N TYR H 126 -36.28 13.67 38.22
CA TYR H 126 -36.06 13.09 36.90
C TYR H 126 -37.19 13.58 36.00
N TYR H 127 -36.81 14.11 34.84
CA TYR H 127 -37.74 14.80 33.95
C TYR H 127 -38.10 13.93 32.75
N ASP H 128 -39.39 13.82 32.47
CA ASP H 128 -39.90 13.17 31.27
C ASP H 128 -40.73 14.16 30.47
N TYR H 129 -41.18 13.72 29.30
CA TYR H 129 -41.94 14.58 28.39
C TYR H 129 -41.12 15.83 28.02
N TRP H 130 -40.04 15.58 27.30
CA TRP H 130 -39.23 16.67 26.76
C TRP H 130 -39.91 17.20 25.50
N GLY H 131 -40.38 18.44 25.56
CA GLY H 131 -41.16 18.99 24.49
C GLY H 131 -40.36 19.25 23.24
N PRO H 132 -41.03 19.70 22.18
CA PRO H 132 -40.33 19.96 20.92
C PRO H 132 -39.23 20.99 21.10
N GLY H 133 -38.12 20.77 20.42
CA GLY H 133 -36.99 21.67 20.54
C GLY H 133 -37.22 22.98 19.81
N THR H 134 -36.53 24.01 20.29
CA THR H 134 -36.60 25.34 19.70
C THR H 134 -35.19 25.76 19.28
N LEU H 135 -35.07 26.34 18.08
CA LEU H 135 -33.79 26.71 17.51
C LEU H 135 -33.61 28.22 17.57
N VAL H 136 -32.43 28.66 17.99
CA VAL H 136 -32.10 30.07 18.09
C VAL H 136 -30.69 30.28 17.55
N THR H 137 -30.38 31.53 17.19
CA THR H 137 -29.06 31.86 16.68
C THR H 137 -28.75 33.33 16.96
N VAL H 138 -27.46 33.63 17.11
CA VAL H 138 -26.97 34.98 17.38
C VAL H 138 -25.59 35.14 16.76
N SER H 139 -25.47 36.03 15.77
CA SER H 139 -24.25 36.12 14.98
C SER H 139 -23.59 37.49 15.02
N ALA H 140 -24.34 38.57 14.80
CA ALA H 140 -23.80 39.80 14.23
C ALA H 140 -23.05 40.64 15.28
N SER H 141 -21.85 40.20 15.60
CA SER H 141 -20.89 41.05 16.29
C SER H 141 -20.17 41.91 15.25
N THR H 142 -19.24 42.75 15.71
CA THR H 142 -18.45 43.58 14.81
C THR H 142 -17.04 43.73 15.35
N LYS H 143 -16.11 44.03 14.45
CA LYS H 143 -14.71 44.19 14.82
C LYS H 143 -13.96 44.79 13.63
N GLY H 144 -13.06 45.72 13.92
CA GLY H 144 -12.23 46.31 12.88
C GLY H 144 -11.08 45.40 12.52
N PRO H 145 -10.74 45.30 11.23
CA PRO H 145 -9.72 44.36 10.83
C PRO H 145 -8.36 44.75 11.37
N SER H 146 -7.52 43.74 11.59
CA SER H 146 -6.13 43.93 12.00
C SER H 146 -5.24 43.70 10.79
N VAL H 147 -4.43 44.71 10.45
CA VAL H 147 -3.59 44.68 9.27
C VAL H 147 -2.18 44.32 9.70
N PHE H 148 -1.63 43.24 9.13
CA PHE H 148 -0.25 42.85 9.37
C PHE H 148 0.46 42.72 8.03
N PRO H 149 1.77 42.95 7.99
CA PRO H 149 2.49 42.87 6.73
C PRO H 149 3.10 41.49 6.50
N LEU H 150 3.02 41.03 5.25
CA LEU H 150 3.76 39.86 4.81
C LEU H 150 5.08 40.37 4.27
N ALA H 151 6.14 40.21 5.06
CA ALA H 151 7.41 40.85 4.74
C ALA H 151 7.90 40.38 3.37
N PRO H 152 8.44 41.27 2.55
CA PRO H 152 9.06 40.82 1.30
C PRO H 152 10.20 39.85 1.58
N SER H 153 10.40 38.91 0.67
CA SER H 153 11.46 37.93 0.84
C SER H 153 12.81 38.65 0.91
N SER H 154 13.41 38.67 2.10
CA SER H 154 14.71 39.34 2.24
C SER H 154 15.75 38.70 1.34
N LYS H 155 15.72 37.37 1.21
CA LYS H 155 16.60 36.69 0.28
C LYS H 155 16.40 37.28 -1.11
N SER H 156 17.51 37.58 -1.78
CA SER H 156 17.46 38.19 -3.10
C SER H 156 16.71 37.29 -4.07
N THR H 157 15.53 37.73 -4.51
CA THR H 157 14.74 36.93 -5.43
C THR H 157 15.50 36.72 -6.73
N SER H 158 15.54 35.47 -7.21
CA SER H 158 16.32 35.16 -8.40
C SER H 158 15.76 35.85 -9.63
N GLY H 159 14.44 35.84 -9.80
CA GLY H 159 13.80 36.37 -11.00
C GLY H 159 13.48 37.83 -10.96
N GLY H 160 13.90 38.56 -9.92
CA GLY H 160 13.62 39.97 -9.79
C GLY H 160 12.27 40.26 -9.16
N THR H 161 11.26 39.44 -9.48
CA THR H 161 9.95 39.61 -8.89
C THR H 161 10.00 39.40 -7.39
N ALA H 162 9.34 40.28 -6.65
CA ALA H 162 9.22 40.17 -5.19
C ALA H 162 7.75 40.29 -4.83
N ALA H 163 7.29 39.43 -3.92
CA ALA H 163 5.88 39.33 -3.59
C ALA H 163 5.65 39.92 -2.20
N LEU H 164 5.00 41.08 -2.17
CA LEU H 164 4.62 41.72 -0.91
C LEU H 164 3.24 41.23 -0.50
N GLY H 165 2.66 41.85 0.53
CA GLY H 165 1.30 41.51 0.91
C GLY H 165 0.97 41.89 2.33
N CYS H 166 -0.24 42.40 2.55
CA CYS H 166 -0.72 42.72 3.89
C CYS H 166 -1.93 41.85 4.20
N LEU H 167 -1.84 41.09 5.29
CA LEU H 167 -2.92 40.20 5.69
C LEU H 167 -3.97 40.95 6.47
N VAL H 168 -5.23 40.67 6.16
CA VAL H 168 -6.38 41.22 6.87
C VAL H 168 -7.17 40.05 7.45
N LYS H 169 -7.35 40.04 8.77
CA LYS H 169 -8.07 38.95 9.41
C LYS H 169 -8.73 39.44 10.69
N ASP H 170 -9.66 38.63 11.18
CA ASP H 170 -10.43 38.94 12.40
C ASP H 170 -11.25 40.22 12.20
N TYR H 171 -12.13 40.17 11.21
CA TYR H 171 -13.03 41.29 10.92
C TYR H 171 -14.41 40.73 10.63
N PHE H 172 -15.42 41.57 10.84
CA PHE H 172 -16.80 41.20 10.58
C PHE H 172 -17.69 42.44 10.71
N PRO H 173 -18.72 42.59 9.87
CA PRO H 173 -19.15 41.73 8.76
C PRO H 173 -18.47 42.07 7.44
N GLU H 174 -18.65 41.24 6.42
CA GLU H 174 -18.14 41.55 5.10
C GLU H 174 -18.93 42.72 4.52
N PRO H 175 -18.37 43.40 3.49
CA PRO H 175 -17.09 43.19 2.84
C PRO H 175 -16.04 44.20 3.28
N VAL H 176 -14.80 44.02 2.83
CA VAL H 176 -13.71 44.96 3.06
C VAL H 176 -13.03 45.23 1.73
N THR H 177 -12.45 46.42 1.59
CA THR H 177 -11.79 46.86 0.37
C THR H 177 -10.33 47.17 0.68
N VAL H 178 -9.42 46.60 -0.10
CA VAL H 178 -7.99 46.81 0.05
C VAL H 178 -7.48 47.45 -1.24
N SER H 179 -6.72 48.53 -1.09
CA SER H 179 -6.08 49.19 -2.23
C SER H 179 -4.65 49.52 -1.86
N TRP H 180 -3.79 49.62 -2.88
CA TRP H 180 -2.37 49.82 -2.70
C TRP H 180 -1.96 51.19 -3.21
N ASN H 181 -1.23 51.94 -2.39
CA ASN H 181 -0.73 53.27 -2.75
C ASN H 181 -1.87 54.14 -3.27
N SER H 182 -2.94 54.23 -2.49
CA SER H 182 -4.07 55.10 -2.80
C SER H 182 -4.67 54.78 -4.17
N GLY H 183 -4.56 53.54 -4.59
CA GLY H 183 -5.11 53.11 -5.87
C GLY H 183 -4.27 53.43 -7.08
N ALA H 184 -3.07 53.98 -6.89
CA ALA H 184 -2.20 54.31 -8.01
C ALA H 184 -1.40 53.11 -8.52
N LEU H 185 -1.39 52.00 -7.79
CA LEU H 185 -0.67 50.79 -8.17
C LEU H 185 -1.70 49.68 -8.36
N THR H 186 -1.96 49.32 -9.62
CA THR H 186 -2.93 48.27 -9.92
C THR H 186 -2.45 47.37 -11.04
N SER H 187 -1.14 47.17 -11.15
CA SER H 187 -0.55 46.31 -12.17
C SER H 187 0.09 45.12 -11.46
N GLY H 188 -0.62 43.99 -11.46
CA GLY H 188 -0.16 42.79 -10.80
C GLY H 188 -0.74 42.54 -9.43
N VAL H 189 -1.70 43.33 -9.00
CA VAL H 189 -2.29 43.18 -7.67
C VAL H 189 -3.26 42.01 -7.67
N HIS H 190 -3.38 41.35 -6.53
CA HIS H 190 -4.30 40.24 -6.33
C HIS H 190 -5.04 40.44 -5.01
N THR H 191 -6.32 40.07 -5.00
CA THR H 191 -7.14 40.15 -3.80
C THR H 191 -7.94 38.85 -3.71
N PHE H 192 -7.52 37.97 -2.81
CA PHE H 192 -8.14 36.66 -2.72
C PHE H 192 -9.49 36.75 -2.01
N PRO H 193 -10.43 35.86 -2.32
CA PRO H 193 -11.74 35.91 -1.68
C PRO H 193 -11.64 35.58 -0.20
N ALA H 194 -12.55 36.17 0.57
CA ALA H 194 -12.58 35.95 2.01
C ALA H 194 -12.95 34.51 2.32
N VAL H 195 -12.43 34.01 3.45
CA VAL H 195 -12.67 32.65 3.90
C VAL H 195 -13.15 32.69 5.34
N LEU H 196 -14.11 31.84 5.67
CA LEU H 196 -14.69 31.84 7.01
C LEU H 196 -13.78 31.07 7.96
N GLN H 197 -13.32 31.75 9.01
CA GLN H 197 -12.48 31.09 10.01
C GLN H 197 -13.32 30.15 10.86
N SER H 198 -12.63 29.35 11.67
CA SER H 198 -13.33 28.44 12.58
C SER H 198 -14.11 29.21 13.63
N SER H 199 -13.54 30.31 14.15
CA SER H 199 -14.23 31.08 15.18
C SER H 199 -15.54 31.64 14.66
N GLY H 200 -15.55 32.17 13.43
CA GLY H 200 -16.74 32.75 12.85
C GLY H 200 -16.46 34.03 12.10
N LEU H 201 -15.25 34.55 12.25
CA LEU H 201 -14.86 35.80 11.60
C LEU H 201 -14.38 35.49 10.18
N TYR H 202 -13.74 36.46 9.53
CA TYR H 202 -13.28 36.32 8.16
C TYR H 202 -11.81 36.70 8.07
N SER H 203 -11.14 36.16 7.06
CA SER H 203 -9.74 36.44 6.80
C SER H 203 -9.54 36.62 5.30
N LEU H 204 -8.84 37.68 4.92
CA LEU H 204 -8.61 38.02 3.53
C LEU H 204 -7.14 38.38 3.34
N SER H 205 -6.61 38.07 2.16
CA SER H 205 -5.19 38.27 1.88
C SER H 205 -5.03 39.05 0.58
N SER H 206 -4.13 40.03 0.58
CA SER H 206 -3.82 40.82 -0.59
C SER H 206 -2.33 40.72 -0.86
N VAL H 207 -1.96 40.64 -2.14
CA VAL H 207 -0.58 40.38 -2.54
C VAL H 207 -0.30 41.05 -3.87
N VAL H 208 0.92 41.55 -4.03
CA VAL H 208 1.38 42.17 -5.26
C VAL H 208 2.75 41.60 -5.61
N THR H 209 3.16 41.81 -6.86
CA THR H 209 4.48 41.41 -7.34
C THR H 209 5.12 42.58 -8.06
N VAL H 210 6.34 42.93 -7.64
CA VAL H 210 7.05 44.08 -8.20
C VAL H 210 8.52 43.76 -8.36
N PRO H 211 9.23 44.51 -9.20
CA PRO H 211 10.64 44.22 -9.43
C PRO H 211 11.47 44.35 -8.16
N SER H 212 12.51 43.52 -8.05
CA SER H 212 13.37 43.55 -6.88
C SER H 212 14.10 44.89 -6.77
N SER H 213 14.53 45.46 -7.88
CA SER H 213 15.29 46.70 -7.84
C SER H 213 14.51 47.84 -7.23
N SER H 214 13.18 47.78 -7.25
CA SER H 214 12.32 48.84 -6.72
C SER H 214 11.75 48.49 -5.36
N LEU H 215 12.52 47.78 -4.53
CA LEU H 215 12.03 47.36 -3.22
C LEU H 215 12.40 48.34 -2.10
N GLY H 216 13.39 49.20 -2.32
CA GLY H 216 13.77 50.19 -1.33
C GLY H 216 13.62 51.61 -1.83
N THR H 217 13.63 51.78 -3.15
CA THR H 217 13.49 53.09 -3.77
C THR H 217 12.04 53.51 -3.94
N GLN H 218 11.09 52.67 -3.54
CA GLN H 218 9.68 52.98 -3.64
C GLN H 218 9.01 52.69 -2.31
N THR H 219 7.90 53.36 -2.07
CA THR H 219 7.12 53.19 -0.84
C THR H 219 5.85 52.43 -1.15
N TYR H 220 5.56 51.40 -0.35
CA TYR H 220 4.38 50.57 -0.52
C TYR H 220 3.52 50.68 0.72
N ILE H 221 2.24 51.01 0.53
CA ILE H 221 1.30 51.21 1.62
C ILE H 221 0.01 50.49 1.29
N CYS H 222 -0.52 49.74 2.24
CA CYS H 222 -1.84 49.13 2.09
C CYS H 222 -2.90 50.11 2.56
N ASN H 223 -4.09 50.00 1.98
CA ASN H 223 -5.22 50.85 2.34
C ASN H 223 -6.44 49.95 2.55
N VAL H 224 -6.76 49.68 3.80
CA VAL H 224 -7.90 48.83 4.18
C VAL H 224 -9.00 49.73 4.69
N ASN H 225 -10.21 49.55 4.17
CA ASN H 225 -11.37 50.34 4.57
C ASN H 225 -12.50 49.40 4.96
N HIS H 226 -13.12 49.67 6.12
CA HIS H 226 -14.20 48.85 6.66
C HIS H 226 -15.34 49.79 7.05
N LYS H 227 -16.26 50.02 6.11
CA LYS H 227 -17.36 50.93 6.38
C LYS H 227 -18.25 50.46 7.54
N PRO H 228 -18.64 49.19 7.63
CA PRO H 228 -19.54 48.77 8.72
C PRO H 228 -19.08 49.21 10.10
N SER H 229 -17.78 49.46 10.26
CA SER H 229 -17.25 50.01 11.52
C SER H 229 -16.41 51.25 11.28
N ASN H 230 -16.54 51.87 10.11
CA ASN H 230 -15.83 53.11 9.76
C ASN H 230 -14.38 53.05 10.23
N THR H 231 -13.66 52.06 9.70
CA THR H 231 -12.25 51.85 10.01
C THR H 231 -11.42 52.12 8.77
N LYS H 232 -10.39 52.95 8.92
CA LYS H 232 -9.46 53.28 7.83
C LYS H 232 -8.04 53.20 8.39
N VAL H 233 -7.30 52.17 7.97
CA VAL H 233 -5.96 51.90 8.49
C VAL H 233 -4.99 51.86 7.33
N ASP H 234 -3.88 52.58 7.46
CA ASP H 234 -2.79 52.55 6.51
C ASP H 234 -1.56 51.95 7.18
N LYS H 235 -0.97 50.95 6.54
CA LYS H 235 0.17 50.23 7.09
C LYS H 235 1.27 50.14 6.04
N ARG H 236 2.32 50.93 6.21
CA ARG H 236 3.47 50.85 5.31
C ARG H 236 4.14 49.49 5.44
N VAL H 237 4.47 48.89 4.30
CA VAL H 237 5.12 47.59 4.24
C VAL H 237 6.50 47.78 3.65
N GLU H 238 7.52 47.36 4.39
CA GLU H 238 8.90 47.53 3.99
C GLU H 238 9.65 46.23 4.18
N PRO H 239 10.78 46.04 3.50
CA PRO H 239 11.59 44.85 3.73
C PRO H 239 12.03 44.76 5.18
N LYS H 240 12.11 43.54 5.69
CA LYS H 240 12.50 43.34 7.08
C LYS H 240 13.92 43.84 7.31
N SER H 241 14.26 44.03 8.57
CA SER H 241 15.57 44.55 8.96
C SER H 241 16.60 43.41 8.89
N CYS H 242 17.77 43.64 9.47
CA CYS H 242 18.88 42.68 9.46
C CYS H 242 19.19 42.17 8.05
N ASP H 243 18.84 42.95 7.03
CA ASP H 243 19.08 42.56 5.65
C ASP H 243 18.67 43.68 4.70
N SER I 22 -17.10 23.20 41.71
CA SER I 22 -17.76 22.68 40.49
C SER I 22 -17.86 21.16 40.54
N TYR I 23 -19.00 20.64 40.08
CA TYR I 23 -19.25 19.20 40.04
C TYR I 23 -19.31 18.75 38.59
N VAL I 24 -18.49 17.76 38.25
CA VAL I 24 -18.37 17.28 36.88
C VAL I 24 -18.40 15.76 36.88
N LEU I 25 -19.14 15.18 35.94
CA LEU I 25 -19.18 13.75 35.73
C LEU I 25 -18.50 13.42 34.41
N THR I 26 -18.05 12.16 34.29
CA THR I 26 -17.32 11.71 33.11
C THR I 26 -17.98 10.47 32.54
N GLN I 27 -18.03 10.38 31.23
CA GLN I 27 -18.54 9.23 30.50
C GLN I 27 -17.58 8.90 29.37
N PRO I 28 -17.58 7.65 28.90
CA PRO I 28 -16.76 7.31 27.75
C PRO I 28 -17.24 8.06 26.52
N PRO I 29 -16.33 8.38 25.59
CA PRO I 29 -16.74 9.15 24.41
C PRO I 29 -17.69 8.38 23.50
N SER I 30 -17.32 7.17 23.13
CA SER I 30 -18.13 6.37 22.21
C SER I 30 -17.94 4.89 22.53
N VAL I 31 -18.92 4.09 22.10
CA VAL I 31 -18.92 2.65 22.32
C VAL I 31 -19.40 1.98 21.05
N SER I 32 -18.73 0.89 20.66
CA SER I 32 -19.06 0.13 19.47
C SER I 32 -19.27 -1.32 19.84
N VAL I 33 -20.36 -1.91 19.35
CA VAL I 33 -20.72 -3.29 19.66
C VAL I 33 -21.45 -3.89 18.46
N ALA I 34 -21.18 -5.16 18.20
CA ALA I 34 -21.85 -5.89 17.14
C ALA I 34 -23.21 -6.40 17.61
N PRO I 35 -24.11 -6.73 16.68
CA PRO I 35 -25.47 -7.13 17.09
C PRO I 35 -25.46 -8.42 17.91
N GLY I 36 -26.44 -8.53 18.80
CA GLY I 36 -26.62 -9.73 19.58
C GLY I 36 -25.77 -9.81 20.83
N GLN I 37 -25.10 -8.74 21.22
CA GLN I 37 -24.26 -8.71 22.40
C GLN I 37 -24.81 -7.68 23.40
N THR I 38 -24.12 -7.55 24.52
CA THR I 38 -24.52 -6.64 25.59
C THR I 38 -23.50 -5.51 25.69
N ALA I 39 -24.00 -4.27 25.74
CA ALA I 39 -23.16 -3.09 25.85
C ALA I 39 -23.42 -2.40 27.18
N SER I 40 -22.34 -1.93 27.81
CA SER I 40 -22.41 -1.24 29.09
C SER I 40 -21.78 0.13 28.97
N ILE I 41 -22.49 1.16 29.44
CA ILE I 41 -22.01 2.52 29.43
C ILE I 41 -21.88 2.98 30.88
N THR I 42 -20.74 3.56 31.22
CA THR I 42 -20.40 3.91 32.60
C THR I 42 -20.45 5.42 32.79
N CYS I 43 -21.25 5.86 33.76
CA CYS I 43 -21.27 7.24 34.21
C CYS I 43 -20.53 7.30 35.55
N SER I 44 -19.37 7.94 35.56
CA SER I 44 -18.48 7.94 36.72
C SER I 44 -18.38 9.32 37.32
N GLY I 45 -18.20 9.36 38.63
CA GLY I 45 -18.04 10.61 39.35
C GLY I 45 -17.81 10.39 40.83
N ASP I 46 -17.06 11.29 41.46
CA ASP I 46 -16.79 11.16 42.89
C ASP I 46 -18.11 11.18 43.67
N LYS I 47 -18.26 10.22 44.58
CA LYS I 47 -19.46 10.08 45.40
C LYS I 47 -20.73 9.92 44.55
N LEU I 48 -20.56 9.61 43.26
CA LEU I 48 -21.71 9.61 42.35
C LEU I 48 -22.75 8.59 42.77
N GLY I 49 -22.32 7.37 43.11
CA GLY I 49 -23.27 6.32 43.41
C GLY I 49 -24.10 6.58 44.65
N ASP I 50 -23.69 7.55 45.47
CA ASP I 50 -24.41 7.85 46.70
C ASP I 50 -25.77 8.47 46.46
N LYS I 51 -26.06 8.90 45.24
CA LYS I 51 -27.29 9.62 44.91
C LYS I 51 -28.07 8.87 43.84
N TYR I 52 -29.18 9.48 43.42
CA TYR I 52 -30.04 8.90 42.39
C TYR I 52 -29.68 9.46 41.03
N VAL I 53 -29.69 8.59 40.02
CA VAL I 53 -29.32 8.97 38.67
C VAL I 53 -30.42 8.52 37.71
N SER I 54 -30.50 9.21 36.57
CA SER I 54 -31.43 8.86 35.50
C SER I 54 -30.70 8.98 34.17
N TRP I 55 -31.11 8.16 33.21
CA TRP I 55 -30.47 8.10 31.90
C TRP I 55 -31.42 8.62 30.84
N TYR I 56 -30.90 9.47 29.95
CA TYR I 56 -31.65 10.00 28.83
C TYR I 56 -31.06 9.49 27.53
N GLN I 57 -31.92 9.09 26.60
CA GLN I 57 -31.51 8.66 25.27
C GLN I 57 -32.01 9.68 24.26
N GLN I 58 -31.11 10.20 23.45
CA GLN I 58 -31.43 11.22 22.46
C GLN I 58 -30.99 10.74 21.09
N ARG I 59 -31.93 10.66 20.15
CA ARG I 59 -31.63 10.38 18.77
C ARG I 59 -31.35 11.68 18.03
N PRO I 60 -30.61 11.62 16.91
CA PRO I 60 -30.29 12.85 16.18
C PRO I 60 -31.56 13.59 15.78
N GLY I 61 -31.53 14.91 15.95
CA GLY I 61 -32.66 15.73 15.55
C GLY I 61 -33.96 15.34 16.21
N GLN I 62 -33.95 15.09 17.51
CA GLN I 62 -35.16 14.69 18.21
C GLN I 62 -35.01 15.06 19.68
N SER I 63 -36.15 15.33 20.33
CA SER I 63 -36.14 15.63 21.75
C SER I 63 -35.71 14.40 22.53
N PRO I 64 -34.79 14.54 23.49
CA PRO I 64 -34.38 13.37 24.27
C PRO I 64 -35.56 12.73 24.98
N VAL I 65 -35.38 11.44 25.35
CA VAL I 65 -36.41 10.68 26.03
C VAL I 65 -35.79 9.98 27.24
N LEU I 66 -36.65 9.57 28.16
CA LEU I 66 -36.23 8.92 29.39
C LEU I 66 -36.18 7.40 29.20
N VAL I 67 -35.12 6.79 29.70
CA VAL I 67 -34.94 5.34 29.58
C VAL I 67 -34.76 4.73 30.97
N LEU I 68 -34.28 5.51 31.93
CA LEU I 68 -34.07 5.00 33.27
C LEU I 68 -34.15 6.14 34.28
N TYR I 69 -34.71 5.84 35.45
CA TYR I 69 -34.79 6.78 36.55
C TYR I 69 -34.61 6.01 37.86
N GLN I 70 -33.79 6.55 38.75
CA GLN I 70 -33.51 5.92 40.04
C GLN I 70 -32.77 4.59 39.83
N ASP I 71 -31.66 4.65 39.08
CA ASP I 71 -30.79 3.51 38.87
C ASP I 71 -31.43 2.45 37.99
N SER I 72 -32.36 1.66 38.56
CA SER I 72 -32.88 0.49 37.86
C SER I 72 -34.36 0.57 37.52
N LYS I 73 -35.14 1.40 38.21
CA LYS I 73 -36.54 1.54 37.86
C LYS I 73 -36.69 2.09 36.45
N ARG I 74 -37.62 1.53 35.68
CA ARG I 74 -37.83 1.93 34.30
C ARG I 74 -39.29 2.28 34.08
N PRO I 75 -39.59 3.16 33.11
CA PRO I 75 -40.99 3.54 32.88
C PRO I 75 -41.68 2.63 31.88
N SER I 76 -42.97 2.88 31.64
CA SER I 76 -43.71 2.11 30.66
C SER I 76 -43.28 2.48 29.25
N GLY I 77 -43.40 1.53 28.33
CA GLY I 77 -43.01 1.73 26.96
C GLY I 77 -41.58 1.36 26.65
N ILE I 78 -40.77 1.04 27.65
CA ILE I 78 -39.38 0.63 27.44
C ILE I 78 -39.33 -0.89 27.50
N PRO I 79 -38.66 -1.56 26.55
CA PRO I 79 -38.60 -3.02 26.59
C PRO I 79 -37.75 -3.52 27.75
N GLU I 80 -37.90 -4.81 28.04
CA GLU I 80 -37.17 -5.44 29.13
C GLU I 80 -35.66 -5.47 28.87
N ARG I 81 -35.22 -5.20 27.65
CA ARG I 81 -33.80 -5.22 27.35
C ARG I 81 -33.05 -4.18 28.18
N PHE I 82 -33.60 -2.98 28.28
CA PHE I 82 -32.93 -1.91 29.01
C PHE I 82 -32.80 -2.27 30.49
N SER I 83 -31.62 -2.04 31.04
CA SER I 83 -31.37 -2.28 32.45
C SER I 83 -30.17 -1.46 32.89
N GLY I 84 -30.10 -1.21 34.20
CA GLY I 84 -29.00 -0.42 34.74
C GLY I 84 -28.77 -0.73 36.20
N SER I 85 -27.57 -0.40 36.65
CA SER I 85 -27.18 -0.62 38.05
C SER I 85 -26.36 0.58 38.52
N ASN I 86 -26.41 0.83 39.83
CA ASN I 86 -25.69 1.91 40.46
C ASN I 86 -24.99 1.39 41.70
N SER I 87 -23.72 1.75 41.87
CA SER I 87 -22.95 1.31 43.02
C SER I 87 -21.61 2.04 43.02
N GLY I 88 -21.06 2.22 44.22
CA GLY I 88 -19.73 2.81 44.33
C GLY I 88 -19.67 4.18 43.68
N ASN I 89 -18.67 4.37 42.82
CA ASN I 89 -18.46 5.61 42.09
C ASN I 89 -18.61 5.37 40.60
N THR I 90 -19.61 4.59 40.20
CA THR I 90 -19.83 4.29 38.80
C THR I 90 -21.26 3.77 38.62
N ALA I 91 -21.96 4.30 37.63
CA ALA I 91 -23.30 3.85 37.27
C ALA I 91 -23.25 3.26 35.87
N THR I 92 -23.86 2.09 35.70
CA THR I 92 -23.78 1.33 34.46
C THR I 92 -25.17 1.21 33.84
N LEU I 93 -25.26 1.48 32.54
CA LEU I 93 -26.46 1.25 31.76
C LEU I 93 -26.22 0.02 30.89
N THR I 94 -26.94 -1.06 31.19
CA THR I 94 -26.76 -2.34 30.51
C THR I 94 -27.88 -2.53 29.49
N ILE I 95 -27.51 -2.79 28.25
CA ILE I 95 -28.46 -2.99 27.15
C ILE I 95 -28.24 -4.38 26.59
N SER I 96 -29.33 -5.12 26.40
CA SER I 96 -29.29 -6.47 25.85
C SER I 96 -29.96 -6.49 24.49
N GLY I 97 -29.57 -7.45 23.67
CA GLY I 97 -30.13 -7.55 22.32
C GLY I 97 -29.89 -6.31 21.50
N THR I 98 -28.66 -5.78 21.53
CA THR I 98 -28.36 -4.56 20.81
C THR I 98 -28.67 -4.71 19.32
N GLN I 99 -29.27 -3.68 18.75
CA GLN I 99 -29.65 -3.68 17.34
C GLN I 99 -29.54 -2.26 16.80
N ALA I 100 -29.90 -2.09 15.53
CA ALA I 100 -29.74 -0.81 14.87
C ALA I 100 -30.67 0.26 15.43
N MET I 101 -31.74 -0.13 16.12
CA MET I 101 -32.68 0.83 16.68
C MET I 101 -32.12 1.48 17.94
N ASP I 102 -31.09 0.89 18.55
CA ASP I 102 -30.48 1.44 19.75
C ASP I 102 -29.39 2.47 19.42
N GLU I 103 -29.35 2.97 18.19
CA GLU I 103 -28.38 3.98 17.78
C GLU I 103 -28.85 5.34 18.29
N ALA I 104 -28.14 5.89 19.26
CA ALA I 104 -28.48 7.19 19.83
C ALA I 104 -27.40 7.58 20.83
N ASP I 105 -27.55 8.76 21.43
CA ASP I 105 -26.66 9.25 22.47
C ASP I 105 -27.33 9.11 23.82
N TYR I 106 -26.52 8.83 24.85
CA TYR I 106 -27.02 8.59 26.20
C TYR I 106 -26.37 9.56 27.18
N TYR I 107 -27.19 10.09 28.08
CA TYR I 107 -26.76 11.09 29.05
C TYR I 107 -27.10 10.64 30.47
N CYS I 108 -26.20 10.91 31.40
CA CYS I 108 -26.34 10.54 32.79
C CYS I 108 -26.67 11.77 33.63
N GLN I 109 -27.70 11.66 34.45
CA GLN I 109 -28.19 12.78 35.25
C GLN I 109 -27.89 12.56 36.72
N ALA I 110 -27.63 13.65 37.43
CA ALA I 110 -27.35 13.59 38.86
C ALA I 110 -27.65 14.95 39.48
N TRP I 111 -28.07 14.92 40.74
CA TRP I 111 -28.34 16.11 41.51
C TRP I 111 -27.27 16.30 42.57
N ASP I 112 -26.87 17.55 42.80
CA ASP I 112 -25.88 17.84 43.82
C ASP I 112 -25.83 19.34 44.07
N SER I 113 -25.78 19.72 45.35
CA SER I 113 -25.60 21.11 45.75
C SER I 113 -26.62 22.02 45.08
N SER I 114 -27.87 21.57 45.04
CA SER I 114 -28.97 22.36 44.47
C SER I 114 -28.62 22.81 43.05
N ALA I 115 -28.06 21.90 42.26
CA ALA I 115 -27.70 22.20 40.88
C ALA I 115 -27.66 20.90 40.08
N LEU I 116 -28.25 20.94 38.90
CA LEU I 116 -28.26 19.77 38.01
C LEU I 116 -26.92 19.64 37.30
N VAL I 117 -26.59 18.42 36.91
CA VAL I 117 -25.34 18.15 36.23
C VAL I 117 -25.51 17.03 35.22
N PHE I 118 -25.37 17.35 33.93
CA PHE I 118 -25.46 16.37 32.87
C PHE I 118 -24.06 15.92 32.47
N GLY I 119 -23.89 14.60 32.31
CA GLY I 119 -22.61 14.08 31.88
C GLY I 119 -22.37 14.32 30.40
N GLY I 120 -21.12 14.10 29.99
CA GLY I 120 -20.78 14.23 28.59
C GLY I 120 -21.47 13.18 27.74
N GLY I 121 -21.76 13.54 26.50
CA GLY I 121 -22.47 12.63 25.62
C GLY I 121 -21.66 11.38 25.31
N THR I 122 -22.37 10.27 25.17
CA THR I 122 -21.78 8.99 24.78
C THR I 122 -22.56 8.45 23.59
N LYS I 123 -21.84 8.08 22.54
CA LYS I 123 -22.45 7.64 21.29
C LYS I 123 -22.36 6.13 21.15
N LEU I 124 -23.44 5.52 20.68
CA LEU I 124 -23.53 4.09 20.48
C LEU I 124 -23.49 3.78 18.99
N THR I 125 -22.63 2.84 18.60
CA THR I 125 -22.46 2.43 17.21
C THR I 125 -22.78 0.95 17.09
N VAL I 126 -23.62 0.60 16.11
CA VAL I 126 -24.03 -0.78 15.87
C VAL I 126 -23.72 -1.08 14.41
N LEU I 127 -22.54 -1.65 14.16
CA LEU I 127 -22.16 -2.10 12.84
C LEU I 127 -22.61 -3.55 12.65
N ARG I 128 -22.52 -4.01 11.40
CA ARG I 128 -22.83 -5.39 11.06
C ARG I 128 -21.56 -6.09 10.60
N THR I 129 -21.40 -7.35 10.98
CA THR I 129 -20.20 -8.10 10.63
C THR I 129 -20.08 -8.22 9.12
N VAL I 130 -18.83 -8.14 8.64
CA VAL I 130 -18.59 -8.22 7.20
C VAL I 130 -18.99 -9.59 6.67
N ALA I 131 -19.50 -9.62 5.46
CA ALA I 131 -19.92 -10.85 4.78
C ALA I 131 -19.14 -11.01 3.48
N ALA I 132 -19.24 -12.20 2.91
CA ALA I 132 -18.58 -12.53 1.66
C ALA I 132 -19.62 -12.94 0.63
N PRO I 133 -19.63 -12.33 -0.56
CA PRO I 133 -20.69 -12.62 -1.52
C PRO I 133 -20.57 -14.02 -2.11
N SER I 134 -21.71 -14.56 -2.54
CA SER I 134 -21.76 -15.80 -3.31
C SER I 134 -22.03 -15.43 -4.76
N VAL I 135 -21.13 -15.82 -5.65
CA VAL I 135 -21.12 -15.35 -7.03
C VAL I 135 -21.51 -16.49 -7.96
N PHE I 136 -22.47 -16.23 -8.84
CA PHE I 136 -22.92 -17.19 -9.83
C PHE I 136 -22.84 -16.55 -11.22
N ILE I 137 -22.62 -17.37 -12.24
CA ILE I 137 -22.58 -16.93 -13.63
C ILE I 137 -23.48 -17.84 -14.45
N PHE I 138 -24.38 -17.25 -15.22
CA PHE I 138 -25.34 -18.00 -16.02
C PHE I 138 -25.06 -17.77 -17.50
N PRO I 139 -24.73 -18.81 -18.27
CA PRO I 139 -24.49 -18.62 -19.71
C PRO I 139 -25.68 -17.98 -20.38
N PRO I 140 -25.53 -17.51 -21.62
CA PRO I 140 -26.68 -16.98 -22.36
C PRO I 140 -27.62 -18.09 -22.77
N SER I 141 -28.89 -17.72 -22.94
CA SER I 141 -29.89 -18.70 -23.32
C SER I 141 -29.56 -19.27 -24.70
N ASP I 142 -30.24 -20.36 -25.07
CA ASP I 142 -30.21 -20.86 -26.44
C ASP I 142 -31.40 -20.36 -27.23
N GLU I 143 -32.23 -19.49 -26.64
CA GLU I 143 -33.32 -18.84 -27.32
C GLU I 143 -33.03 -17.39 -27.66
N GLN I 144 -32.05 -16.77 -26.99
CA GLN I 144 -31.62 -15.43 -27.37
C GLN I 144 -30.86 -15.45 -28.68
N LEU I 145 -29.94 -16.41 -28.85
CA LEU I 145 -29.05 -16.40 -30.00
C LEU I 145 -29.84 -16.33 -31.31
N LYS I 146 -31.01 -16.97 -31.36
CA LYS I 146 -31.85 -16.84 -32.53
C LYS I 146 -32.27 -15.39 -32.76
N SER I 147 -32.29 -14.57 -31.72
CA SER I 147 -32.61 -13.16 -31.84
C SER I 147 -31.37 -12.32 -32.13
N GLY I 148 -30.23 -12.94 -32.38
CA GLY I 148 -29.02 -12.21 -32.71
C GLY I 148 -28.48 -11.39 -31.57
N THR I 149 -28.43 -11.96 -30.37
CA THR I 149 -27.84 -11.27 -29.23
C THR I 149 -27.61 -12.28 -28.12
N ALA I 150 -26.61 -12.01 -27.29
CA ALA I 150 -26.30 -12.83 -26.12
C ALA I 150 -26.08 -11.92 -24.92
N SER I 151 -26.32 -12.46 -23.73
CA SER I 151 -26.22 -11.66 -22.51
C SER I 151 -25.80 -12.58 -21.37
N VAL I 152 -24.52 -12.51 -20.99
CA VAL I 152 -24.00 -13.29 -19.87
C VAL I 152 -24.16 -12.47 -18.60
N VAL I 153 -24.74 -13.08 -17.57
CA VAL I 153 -25.10 -12.39 -16.33
C VAL I 153 -24.30 -12.99 -15.19
N CYS I 154 -23.63 -12.13 -14.42
CA CYS I 154 -22.88 -12.50 -13.23
C CYS I 154 -23.59 -11.89 -12.04
N LEU I 155 -23.98 -12.72 -11.08
CA LEU I 155 -24.78 -12.30 -9.94
C LEU I 155 -24.00 -12.44 -8.65
N LEU I 156 -24.07 -11.41 -7.81
CA LEU I 156 -23.49 -11.43 -6.48
C LEU I 156 -24.61 -11.48 -5.46
N ASN I 157 -24.55 -12.45 -4.55
CA ASN I 157 -25.62 -12.68 -3.59
C ASN I 157 -25.36 -11.88 -2.32
N ASN I 158 -26.10 -12.19 -1.26
CA ASN I 158 -26.10 -11.41 -0.03
C ASN I 158 -24.69 -11.02 0.41
N PHE I 159 -24.50 -9.73 0.68
CA PHE I 159 -23.22 -9.21 1.13
C PHE I 159 -23.42 -7.80 1.69
N TYR I 160 -22.96 -7.55 2.92
CA TYR I 160 -23.32 -6.30 3.57
C TYR I 160 -22.54 -5.11 3.02
N PRO I 161 -21.21 -5.11 3.06
CA PRO I 161 -20.47 -3.91 2.63
C PRO I 161 -20.80 -3.58 1.19
N ARG I 162 -21.31 -2.36 0.97
CA ARG I 162 -21.82 -2.00 -0.35
C ARG I 162 -20.72 -2.02 -1.39
N GLU I 163 -19.52 -1.56 -1.03
CA GLU I 163 -18.45 -1.44 -2.01
C GLU I 163 -18.07 -2.78 -2.61
N ALA I 164 -18.38 -2.98 -3.89
CA ALA I 164 -18.05 -4.21 -4.60
C ALA I 164 -17.70 -3.86 -6.03
N LYS I 165 -16.99 -4.78 -6.69
CA LYS I 165 -16.52 -4.55 -8.05
C LYS I 165 -16.61 -5.83 -8.87
N VAL I 166 -16.81 -5.66 -10.17
CA VAL I 166 -16.76 -6.76 -11.12
C VAL I 166 -15.95 -6.29 -12.33
N GLN I 167 -15.36 -7.26 -13.03
CA GLN I 167 -14.51 -6.94 -14.17
C GLN I 167 -14.65 -8.10 -15.17
N TRP I 168 -15.44 -7.87 -16.21
CA TRP I 168 -15.66 -8.90 -17.21
C TRP I 168 -14.41 -9.12 -18.04
N LYS I 169 -13.90 -10.34 -18.02
CA LYS I 169 -12.74 -10.71 -18.83
C LYS I 169 -13.16 -11.83 -19.76
N VAL I 170 -13.10 -11.56 -21.06
CA VAL I 170 -13.46 -12.52 -22.10
C VAL I 170 -12.20 -12.85 -22.88
N ASP I 171 -11.81 -14.12 -22.86
CA ASP I 171 -10.59 -14.56 -23.52
C ASP I 171 -9.36 -13.87 -22.94
N ASN I 172 -9.41 -13.53 -21.65
CA ASN I 172 -8.32 -12.83 -20.97
C ASN I 172 -8.06 -11.47 -21.60
N ALA I 173 -9.12 -10.65 -21.63
CA ALA I 173 -9.05 -9.31 -22.21
C ALA I 173 -10.07 -8.45 -21.47
N LEU I 174 -9.60 -7.69 -20.49
CA LEU I 174 -10.50 -6.89 -19.67
C LEU I 174 -11.35 -5.98 -20.56
N GLN I 175 -12.65 -5.94 -20.29
CA GLN I 175 -13.60 -5.21 -21.10
C GLN I 175 -14.22 -4.07 -20.31
N SER I 176 -14.79 -3.12 -21.04
CA SER I 176 -15.48 -2.00 -20.42
C SER I 176 -16.39 -1.35 -21.45
N GLY I 177 -17.41 -0.65 -20.96
CA GLY I 177 -18.31 0.11 -21.80
C GLY I 177 -19.53 -0.64 -22.28
N ASN I 178 -19.65 -1.93 -22.02
CA ASN I 178 -20.80 -2.73 -22.44
C ASN I 178 -21.29 -3.61 -21.31
N SER I 179 -21.47 -3.03 -20.13
CA SER I 179 -22.00 -3.76 -18.99
C SER I 179 -22.60 -2.78 -18.00
N GLN I 180 -23.70 -3.17 -17.36
CA GLN I 180 -24.39 -2.32 -16.40
C GLN I 180 -24.63 -3.09 -15.11
N GLU I 181 -24.76 -2.35 -14.02
CA GLU I 181 -24.95 -2.92 -12.69
C GLU I 181 -26.24 -2.40 -12.08
N SER I 182 -26.99 -3.30 -11.44
CA SER I 182 -28.21 -2.95 -10.74
C SER I 182 -28.19 -3.58 -9.37
N VAL I 183 -28.71 -2.87 -8.38
CA VAL I 183 -28.62 -3.28 -6.98
C VAL I 183 -29.93 -2.95 -6.27
N THR I 184 -30.32 -3.83 -5.36
CA THR I 184 -31.50 -3.63 -4.54
C THR I 184 -31.10 -3.09 -3.17
N GLU I 185 -32.08 -2.89 -2.30
CA GLU I 185 -31.86 -2.39 -0.96
C GLU I 185 -31.89 -3.53 0.05
N GLN I 186 -31.27 -3.28 1.19
CA GLN I 186 -31.17 -4.32 2.21
C GLN I 186 -32.55 -4.73 2.71
N ASP I 187 -32.69 -6.00 3.04
CA ASP I 187 -33.96 -6.53 3.52
C ASP I 187 -34.27 -5.97 4.90
N SER I 188 -35.55 -6.10 5.29
CA SER I 188 -35.98 -5.60 6.59
C SER I 188 -35.17 -6.23 7.71
N LYS I 189 -35.24 -7.55 7.84
CA LYS I 189 -34.51 -8.28 8.89
C LYS I 189 -33.13 -8.72 8.40
N ASP I 190 -32.38 -7.78 7.83
CA ASP I 190 -31.03 -8.04 7.34
C ASP I 190 -30.47 -6.72 6.84
N SER I 191 -29.18 -6.76 6.46
CA SER I 191 -28.49 -5.58 5.97
C SER I 191 -27.64 -5.93 4.75
N THR I 192 -28.14 -6.84 3.91
CA THR I 192 -27.38 -7.37 2.79
C THR I 192 -27.96 -6.88 1.47
N TYR I 193 -27.08 -6.43 0.57
CA TYR I 193 -27.48 -6.00 -0.75
C TYR I 193 -27.49 -7.21 -1.70
N SER I 194 -27.59 -6.95 -3.00
CA SER I 194 -27.50 -7.99 -4.01
C SER I 194 -27.27 -7.32 -5.36
N LEU I 195 -26.15 -7.63 -6.00
CA LEU I 195 -25.74 -6.94 -7.21
C LEU I 195 -25.71 -7.90 -8.39
N SER I 196 -26.18 -7.44 -9.54
CA SER I 196 -26.17 -8.21 -10.77
C SER I 196 -25.51 -7.39 -11.87
N SER I 197 -24.64 -8.03 -12.65
CA SER I 197 -23.91 -7.37 -13.72
C SER I 197 -24.16 -8.12 -15.02
N THR I 198 -24.61 -7.41 -16.04
CA THR I 198 -24.97 -7.99 -17.33
C THR I 198 -24.02 -7.49 -18.41
N LEU I 199 -23.55 -8.41 -19.25
CA LEU I 199 -22.65 -8.10 -20.36
C LEU I 199 -23.37 -8.44 -21.65
N THR I 200 -23.72 -7.43 -22.43
CA THR I 200 -24.44 -7.61 -23.68
C THR I 200 -23.45 -7.62 -24.84
N LEU I 201 -23.51 -8.67 -25.66
CA LEU I 201 -22.58 -8.87 -26.77
C LEU I 201 -23.36 -9.03 -28.06
N SER I 202 -22.79 -8.52 -29.14
CA SER I 202 -23.36 -8.74 -30.46
C SER I 202 -23.29 -10.22 -30.82
N LYS I 203 -24.17 -10.64 -31.73
CA LYS I 203 -24.25 -12.05 -32.06
C LYS I 203 -22.92 -12.57 -32.60
N ALA I 204 -22.32 -11.82 -33.52
CA ALA I 204 -21.07 -12.28 -34.14
C ALA I 204 -19.94 -12.34 -33.11
N ASP I 205 -19.85 -11.34 -32.23
CA ASP I 205 -18.76 -11.31 -31.27
C ASP I 205 -18.80 -12.51 -30.33
N TYR I 206 -20.00 -13.00 -30.01
CA TYR I 206 -20.09 -14.14 -29.10
C TYR I 206 -19.60 -15.43 -29.75
N GLU I 207 -19.57 -15.50 -31.08
CA GLU I 207 -19.17 -16.73 -31.75
C GLU I 207 -17.68 -17.02 -31.60
N LYS I 208 -16.92 -16.07 -31.07
CA LYS I 208 -15.49 -16.22 -30.85
C LYS I 208 -15.22 -16.14 -29.34
N HIS I 209 -13.94 -16.06 -28.98
CA HIS I 209 -13.53 -15.91 -27.59
C HIS I 209 -14.05 -17.07 -26.74
N LYS I 210 -13.49 -18.25 -27.02
CA LYS I 210 -13.84 -19.47 -26.30
C LYS I 210 -14.09 -19.23 -24.82
N VAL I 211 -13.13 -18.64 -24.12
CA VAL I 211 -13.20 -18.52 -22.67
C VAL I 211 -14.05 -17.31 -22.28
N TYR I 212 -14.72 -17.41 -21.14
CA TYR I 212 -15.41 -16.28 -20.53
C TYR I 212 -15.20 -16.33 -19.02
N ALA I 213 -15.22 -15.16 -18.40
CA ALA I 213 -14.89 -15.07 -16.98
C ALA I 213 -15.62 -13.90 -16.34
N CYS I 214 -15.71 -13.94 -15.02
CA CYS I 214 -16.26 -12.86 -14.23
C CYS I 214 -15.48 -12.79 -12.92
N GLU I 215 -14.82 -11.67 -12.68
CA GLU I 215 -13.99 -11.48 -11.49
C GLU I 215 -14.67 -10.51 -10.54
N VAL I 216 -14.51 -10.74 -9.24
CA VAL I 216 -15.16 -9.92 -8.21
C VAL I 216 -14.17 -9.67 -7.09
N THR I 217 -14.18 -8.46 -6.56
CA THR I 217 -13.34 -8.07 -5.43
C THR I 217 -14.21 -7.42 -4.37
N HIS I 218 -13.90 -7.71 -3.11
CA HIS I 218 -14.75 -7.25 -2.01
C HIS I 218 -14.08 -7.60 -0.69
N GLN I 219 -14.40 -6.84 0.34
CA GLN I 219 -13.91 -7.17 1.68
C GLN I 219 -14.50 -8.50 2.13
N GLY I 220 -13.73 -9.21 2.96
CA GLY I 220 -14.10 -10.54 3.37
C GLY I 220 -13.62 -11.64 2.45
N LEU I 221 -13.07 -11.30 1.29
CA LEU I 221 -12.44 -12.24 0.38
C LEU I 221 -10.94 -12.09 0.49
N SER I 222 -10.25 -13.16 0.84
CA SER I 222 -8.79 -13.10 0.96
C SER I 222 -8.16 -12.71 -0.37
N SER I 223 -8.64 -13.30 -1.46
CA SER I 223 -8.16 -12.97 -2.80
C SER I 223 -9.36 -12.93 -3.73
N PRO I 224 -9.27 -12.19 -4.84
CA PRO I 224 -10.40 -12.12 -5.76
C PRO I 224 -10.78 -13.50 -6.26
N VAL I 225 -12.09 -13.73 -6.40
CA VAL I 225 -12.63 -15.02 -6.84
C VAL I 225 -13.22 -14.82 -8.23
N THR I 226 -12.90 -15.73 -9.15
CA THR I 226 -13.36 -15.67 -10.52
C THR I 226 -14.12 -16.94 -10.85
N LYS I 227 -15.29 -16.79 -11.48
CA LYS I 227 -16.08 -17.91 -11.96
C LYS I 227 -16.18 -17.81 -13.48
N SER I 228 -15.75 -18.86 -14.17
CA SER I 228 -15.64 -18.86 -15.62
C SER I 228 -16.38 -20.05 -16.20
N PHE I 229 -16.80 -19.91 -17.45
CA PHE I 229 -17.46 -20.99 -18.17
C PHE I 229 -17.06 -20.91 -19.64
N ASN I 230 -16.61 -22.03 -20.19
CA ASN I 230 -16.21 -22.06 -21.59
C ASN I 230 -17.42 -21.90 -22.50
N ARG I 231 -17.20 -21.29 -23.66
CA ARG I 231 -18.30 -21.06 -24.59
C ARG I 231 -18.89 -22.35 -25.12
N GLY I 232 -18.14 -23.45 -25.08
CA GLY I 232 -18.64 -24.71 -25.61
C GLY I 232 -19.79 -25.31 -24.84
N GLU I 233 -20.13 -24.73 -23.68
CA GLU I 233 -21.22 -25.25 -22.85
C GLU I 233 -20.93 -26.67 -22.40
N CYS I 234 -19.66 -26.99 -22.19
CA CYS I 234 -19.25 -28.33 -21.79
C CYS I 234 -19.89 -28.72 -20.46
N VAL J 32 -43.82 15.39 -24.57
CA VAL J 32 -43.42 14.35 -25.50
C VAL J 32 -44.59 14.01 -26.43
N LYS J 33 -44.42 14.29 -27.72
CA LYS J 33 -45.46 13.99 -28.68
C LYS J 33 -45.64 12.48 -28.85
N LYS J 34 -46.87 12.07 -29.07
CA LYS J 34 -47.15 10.66 -29.28
C LYS J 34 -46.52 10.19 -30.58
N PRO J 35 -45.90 9.02 -30.61
CA PRO J 35 -45.32 8.51 -31.87
C PRO J 35 -46.41 8.31 -32.92
N GLY J 36 -46.02 8.53 -34.18
CA GLY J 36 -46.93 8.38 -35.29
C GLY J 36 -47.87 9.54 -35.51
N SER J 37 -47.81 10.57 -34.68
CA SER J 37 -48.66 11.74 -34.82
C SER J 37 -48.06 12.67 -35.87
N SER J 38 -48.55 13.91 -35.94
CA SER J 38 -48.04 14.91 -36.87
C SER J 38 -47.79 16.20 -36.11
N VAL J 39 -46.71 16.89 -36.49
CA VAL J 39 -46.35 18.18 -35.92
C VAL J 39 -46.01 19.13 -37.06
N LYS J 40 -46.13 20.42 -36.79
CA LYS J 40 -45.91 21.46 -37.78
C LYS J 40 -44.89 22.46 -37.25
N VAL J 41 -44.15 23.07 -38.18
CA VAL J 41 -43.15 24.09 -37.87
C VAL J 41 -43.47 25.32 -38.69
N SER J 42 -43.53 26.47 -38.03
CA SER J 42 -43.83 27.74 -38.68
C SER J 42 -42.59 28.63 -38.66
N CYS J 43 -42.23 29.15 -39.83
CA CYS J 43 -41.08 30.04 -39.94
C CYS J 43 -41.54 31.46 -40.24
N TYR J 53 -36.21 36.29 -51.15
CA TYR J 53 -35.71 35.37 -50.14
C TYR J 53 -36.31 33.99 -50.29
N VAL J 54 -35.58 32.98 -49.83
CA VAL J 54 -36.03 31.58 -49.87
C VAL J 54 -36.00 31.05 -48.44
N ILE J 55 -37.07 30.36 -48.05
CA ILE J 55 -37.20 29.81 -46.71
C ILE J 55 -36.97 28.30 -46.78
N THR J 56 -36.08 27.80 -45.93
CA THR J 56 -35.76 26.38 -45.86
C THR J 56 -35.77 25.94 -44.40
N TRP J 57 -35.72 24.63 -44.21
CA TRP J 57 -35.75 24.04 -42.88
C TRP J 57 -34.63 23.01 -42.75
N VAL J 58 -34.07 22.91 -41.55
CA VAL J 58 -32.98 21.99 -41.26
C VAL J 58 -33.23 21.36 -39.91
N ARG J 59 -32.97 20.05 -39.81
CA ARG J 59 -33.13 19.29 -38.58
C ARG J 59 -31.76 18.84 -38.08
N GLN J 60 -31.57 18.90 -36.77
CA GLN J 60 -30.29 18.55 -36.15
C GLN J 60 -30.56 17.65 -34.94
N ALA J 61 -30.32 16.35 -35.11
CA ALA J 61 -30.40 15.44 -33.99
C ALA J 61 -29.25 15.72 -33.01
N PRO J 62 -29.44 15.44 -31.73
CA PRO J 62 -28.40 15.78 -30.74
C PRO J 62 -27.05 15.17 -31.08
N GLY J 63 -26.07 16.02 -31.38
CA GLY J 63 -24.73 15.55 -31.66
C GLY J 63 -24.65 14.62 -32.87
N GLN J 64 -25.38 14.94 -33.93
CA GLN J 64 -25.37 14.13 -35.14
C GLN J 64 -25.08 14.91 -36.42
N GLY J 65 -25.34 16.20 -36.44
CA GLY J 65 -25.14 17.02 -37.63
C GLY J 65 -26.43 17.69 -38.06
N LEU J 66 -26.34 18.36 -39.22
CA LEU J 66 -27.46 19.09 -39.80
C LEU J 66 -28.08 18.26 -40.93
N GLU J 67 -29.40 18.24 -40.97
CA GLU J 67 -30.15 17.52 -41.99
C GLU J 67 -31.11 18.46 -42.69
N TRP J 68 -31.09 18.45 -44.02
CA TRP J 68 -31.95 19.30 -44.83
C TRP J 68 -33.07 18.48 -45.44
N MET J 69 -34.25 19.08 -45.52
CA MET J 69 -35.43 18.40 -46.06
C MET J 69 -36.00 19.08 -47.29
N GLY J 70 -35.98 20.40 -47.34
CA GLY J 70 -36.55 21.10 -48.47
C GLY J 70 -36.54 22.60 -48.25
N GLY J 71 -37.13 23.29 -49.23
CA GLY J 71 -37.24 24.74 -49.18
C GLY J 71 -38.53 25.19 -49.84
N PHE J 72 -38.77 26.50 -49.76
CA PHE J 72 -39.99 27.07 -50.32
C PHE J 72 -39.72 28.52 -50.71
N ILE J 73 -40.21 28.91 -51.88
CA ILE J 73 -40.05 30.25 -52.42
C ILE J 73 -41.40 30.95 -52.31
N PRO J 74 -41.54 31.98 -51.45
CA PRO J 74 -42.83 32.68 -51.33
C PRO J 74 -43.35 33.20 -52.67
N ALA J 79 -42.76 23.85 -54.27
CA ALA J 79 -41.91 23.48 -53.13
C ALA J 79 -40.98 22.33 -53.51
N MET J 80 -39.88 22.21 -52.79
CA MET J 80 -38.89 21.18 -53.02
C MET J 80 -38.74 20.33 -51.76
N TYR J 81 -38.70 19.01 -51.94
CA TYR J 81 -38.60 18.07 -50.83
C TYR J 81 -37.37 17.19 -51.02
N ALA J 82 -36.76 16.80 -49.90
CA ALA J 82 -35.61 15.91 -49.94
C ALA J 82 -36.06 14.48 -50.23
N GLN J 83 -35.14 13.70 -50.81
CA GLN J 83 -35.46 12.31 -51.14
C GLN J 83 -35.75 11.49 -49.89
N GLY J 84 -35.01 11.73 -48.82
CA GLY J 84 -35.19 10.93 -47.61
C GLY J 84 -36.56 11.07 -47.00
N PHE J 85 -37.09 12.30 -46.99
CA PHE J 85 -38.37 12.61 -46.36
C PHE J 85 -39.39 13.08 -47.38
N GLN J 86 -39.39 12.45 -48.56
CA GLN J 86 -40.32 12.87 -49.61
C GLN J 86 -41.76 12.67 -49.20
N GLY J 87 -42.07 11.55 -48.53
CA GLY J 87 -43.44 11.20 -48.23
C GLY J 87 -43.98 11.67 -46.90
N ARG J 88 -43.12 12.18 -46.01
CA ARG J 88 -43.53 12.57 -44.67
C ARG J 88 -43.48 14.07 -44.43
N VAL J 89 -43.23 14.87 -45.47
CA VAL J 89 -43.10 16.31 -45.35
C VAL J 89 -44.11 16.98 -46.27
N THR J 90 -44.81 17.98 -45.74
CA THR J 90 -45.74 18.79 -46.51
C THR J 90 -45.44 20.25 -46.22
N ILE J 91 -45.34 21.05 -47.28
CA ILE J 91 -45.04 22.47 -47.18
C ILE J 91 -46.27 23.24 -47.62
N THR J 92 -46.73 24.17 -46.78
CA THR J 92 -47.90 24.99 -47.08
C THR J 92 -47.65 26.40 -46.56
N ALA J 93 -48.35 27.35 -47.17
CA ALA J 93 -48.24 28.76 -46.77
C ALA J 93 -49.48 29.54 -47.19
N ALA J 100 -45.84 30.98 -43.65
CA ALA J 100 -45.47 29.67 -44.19
C ALA J 100 -45.18 28.68 -43.08
N TYR J 101 -45.52 27.42 -43.32
CA TYR J 101 -45.29 26.37 -42.33
C TYR J 101 -45.13 25.04 -43.04
N MET J 102 -44.55 24.07 -42.32
CA MET J 102 -44.34 22.73 -42.84
C MET J 102 -44.83 21.74 -41.79
N GLU J 103 -45.33 20.59 -42.26
CA GLU J 103 -45.93 19.59 -41.40
C GLU J 103 -45.20 18.25 -41.58
N LEU J 104 -44.88 17.62 -40.46
CA LEU J 104 -44.30 16.28 -40.45
C LEU J 104 -45.33 15.28 -39.97
N THR J 105 -45.34 14.11 -40.58
CA THR J 105 -46.30 13.06 -40.26
C THR J 105 -45.55 11.75 -40.01
N ASN J 106 -46.21 10.86 -39.26
CA ASN J 106 -45.67 9.54 -38.94
C ASN J 106 -44.32 9.68 -38.23
N LEU J 107 -44.41 10.24 -37.03
CA LEU J 107 -43.22 10.40 -36.19
C LEU J 107 -42.77 9.05 -35.63
N ARG J 108 -41.47 8.83 -35.62
CA ARG J 108 -40.90 7.60 -35.09
C ARG J 108 -39.74 7.92 -34.14
N SER J 109 -39.01 6.90 -33.73
CA SER J 109 -37.99 7.09 -32.69
C SER J 109 -36.93 8.08 -33.12
N GLU J 110 -36.53 8.06 -34.40
CA GLU J 110 -35.38 8.83 -34.85
C GLU J 110 -35.70 10.28 -35.15
N ASP J 111 -36.95 10.71 -34.99
CA ASP J 111 -37.31 12.10 -35.31
C ASP J 111 -37.02 13.08 -34.19
N THR J 112 -36.55 12.61 -33.04
CA THR J 112 -36.17 13.53 -31.96
C THR J 112 -34.98 14.36 -32.41
N ALA J 113 -35.17 15.66 -32.48
CA ALA J 113 -34.14 16.59 -32.96
C ALA J 113 -34.64 18.00 -32.71
N VAL J 114 -33.88 18.99 -33.17
CA VAL J 114 -34.23 20.40 -33.06
C VAL J 114 -34.26 20.98 -34.47
N TYR J 115 -35.37 21.64 -34.82
CA TYR J 115 -35.52 22.27 -36.11
C TYR J 115 -35.12 23.74 -36.03
N TYR J 116 -34.64 24.27 -37.16
CA TYR J 116 -34.24 25.65 -37.28
C TYR J 116 -34.84 26.25 -38.54
N CYS J 117 -35.25 27.52 -38.46
CA CYS J 117 -35.81 28.25 -39.59
C CYS J 117 -34.71 29.12 -40.18
N ALA J 118 -34.19 28.72 -41.33
CA ALA J 118 -33.11 29.42 -42.00
C ALA J 118 -33.63 30.03 -43.30
N ARG J 119 -33.15 31.25 -43.58
CA ARG J 119 -33.57 32.01 -44.75
C ARG J 119 -32.35 32.50 -45.50
N GLY J 120 -32.39 32.42 -46.83
CA GLY J 120 -31.30 32.87 -47.66
C GLY J 120 -31.79 33.69 -48.84
N PRO J 121 -30.85 34.31 -49.58
CA PRO J 121 -31.25 35.12 -50.73
C PRO J 121 -31.94 34.31 -51.81
N LEU J 122 -32.41 34.99 -52.86
CA LEU J 122 -33.18 34.31 -53.90
C LEU J 122 -32.33 33.28 -54.64
N SER J 123 -31.15 33.69 -55.12
CA SER J 123 -30.30 32.83 -55.93
C SER J 123 -28.84 32.98 -55.51
N ARG J 124 -28.59 32.98 -54.20
CA ARG J 124 -27.22 33.10 -53.70
C ARG J 124 -26.58 31.75 -53.36
N GLY J 125 -27.38 30.72 -53.11
CA GLY J 125 -26.84 29.42 -52.76
C GLY J 125 -26.42 29.27 -51.32
N TYR J 126 -26.66 30.27 -50.48
CA TYR J 126 -26.29 30.23 -49.07
C TYR J 126 -27.45 30.75 -48.23
N TYR J 127 -27.45 30.35 -46.96
CA TYR J 127 -28.51 30.72 -46.02
C TYR J 127 -27.92 31.43 -44.82
N ASP J 128 -28.60 32.48 -44.37
CA ASP J 128 -28.20 33.26 -43.21
C ASP J 128 -29.40 33.43 -42.29
N TYR J 129 -29.20 34.15 -41.19
CA TYR J 129 -30.27 34.42 -40.22
C TYR J 129 -30.92 33.10 -39.78
N TRP J 130 -30.11 32.30 -39.07
CA TRP J 130 -30.59 31.05 -38.50
C TRP J 130 -31.43 31.38 -37.27
N GLY J 131 -32.75 31.17 -37.37
CA GLY J 131 -33.65 31.55 -36.33
C GLY J 131 -33.56 30.61 -35.14
N PRO J 132 -34.34 30.91 -34.10
CA PRO J 132 -34.32 30.07 -32.90
C PRO J 132 -34.72 28.64 -33.22
N GLY J 133 -34.10 27.69 -32.52
CA GLY J 133 -34.36 26.29 -32.74
C GLY J 133 -35.56 25.81 -31.94
N THR J 134 -36.34 24.92 -32.56
CA THR J 134 -37.50 24.32 -31.94
C THR J 134 -37.23 22.84 -31.70
N LEU J 135 -37.40 22.41 -30.45
CA LEU J 135 -37.06 21.05 -30.04
C LEU J 135 -38.29 20.17 -30.03
N VAL J 136 -38.11 18.91 -30.41
CA VAL J 136 -39.16 17.90 -30.38
C VAL J 136 -38.62 16.68 -29.65
N THR J 137 -39.53 15.82 -29.20
CA THR J 137 -39.13 14.63 -28.45
C THR J 137 -40.18 13.54 -28.67
N VAL J 138 -39.86 12.57 -29.52
CA VAL J 138 -40.57 11.30 -29.53
C VAL J 138 -40.09 10.46 -28.34
N SER J 139 -40.88 9.46 -27.96
CA SER J 139 -40.52 8.62 -26.83
C SER J 139 -40.23 7.19 -27.26
N ALA J 140 -41.22 6.46 -27.77
CA ALA J 140 -41.00 5.11 -28.29
C ALA J 140 -42.31 4.46 -28.70
N SER J 141 -42.25 3.32 -29.36
CA SER J 141 -43.40 2.44 -29.44
C SER J 141 -43.45 1.55 -28.22
N THR J 142 -44.66 1.13 -27.84
CA THR J 142 -44.86 0.29 -26.67
C THR J 142 -44.77 -1.17 -27.08
N LYS J 143 -43.78 -1.87 -26.54
CA LYS J 143 -43.49 -3.25 -26.89
C LYS J 143 -43.48 -4.12 -25.65
N GLY J 144 -44.03 -5.32 -25.77
CA GLY J 144 -44.06 -6.26 -24.67
C GLY J 144 -42.73 -6.93 -24.47
N PRO J 145 -42.60 -7.65 -23.35
CA PRO J 145 -41.33 -8.28 -23.01
C PRO J 145 -41.16 -9.65 -23.67
N SER J 146 -39.92 -10.13 -23.66
CA SER J 146 -39.58 -11.48 -24.08
C SER J 146 -38.79 -12.14 -22.97
N VAL J 147 -39.18 -13.36 -22.61
CA VAL J 147 -38.65 -14.06 -21.44
C VAL J 147 -37.65 -15.11 -21.91
N PHE J 148 -36.47 -15.11 -21.29
CA PHE J 148 -35.45 -16.12 -21.54
C PHE J 148 -35.03 -16.77 -20.22
N PRO J 149 -34.66 -18.04 -20.22
CA PRO J 149 -34.27 -18.70 -18.98
C PRO J 149 -32.79 -18.57 -18.69
N LEU J 150 -32.48 -18.58 -17.39
CA LEU J 150 -31.09 -18.61 -16.90
C LEU J 150 -30.89 -19.98 -16.26
N ALA J 151 -30.31 -20.89 -17.02
CA ALA J 151 -30.23 -22.27 -16.57
C ALA J 151 -29.44 -22.35 -15.26
N PRO J 152 -29.87 -23.18 -14.31
CA PRO J 152 -29.08 -23.37 -13.09
C PRO J 152 -27.78 -24.11 -13.40
N SER J 153 -26.81 -23.90 -12.53
CA SER J 153 -25.50 -24.51 -12.73
C SER J 153 -25.63 -26.02 -12.89
N SER J 154 -24.97 -26.57 -13.90
CA SER J 154 -25.02 -27.99 -14.18
C SER J 154 -24.03 -28.79 -13.36
N LYS J 155 -23.24 -28.14 -12.51
CA LYS J 155 -22.26 -28.80 -11.67
C LYS J 155 -22.75 -28.79 -10.23
N SER J 156 -22.68 -29.95 -9.58
CA SER J 156 -23.08 -30.04 -8.18
C SER J 156 -22.15 -29.22 -7.30
N THR J 157 -22.72 -28.62 -6.26
CA THR J 157 -21.99 -27.76 -5.34
C THR J 157 -22.04 -28.33 -3.94
N SER J 158 -20.93 -28.23 -3.22
CA SER J 158 -20.88 -28.73 -1.85
C SER J 158 -21.86 -27.99 -0.95
N GLY J 159 -22.08 -26.70 -1.21
CA GLY J 159 -23.00 -25.92 -0.42
C GLY J 159 -24.46 -26.32 -0.58
N GLY J 160 -24.78 -27.15 -1.57
CA GLY J 160 -26.15 -27.57 -1.77
C GLY J 160 -27.09 -26.44 -2.09
N THR J 161 -26.60 -25.43 -2.82
CA THR J 161 -27.39 -24.28 -3.21
C THR J 161 -27.17 -23.98 -4.68
N ALA J 162 -28.25 -23.71 -5.39
CA ALA J 162 -28.20 -23.33 -6.80
C ALA J 162 -29.10 -22.14 -7.03
N ALA J 163 -28.81 -21.38 -8.07
CA ALA J 163 -29.53 -20.15 -8.39
C ALA J 163 -30.22 -20.31 -9.74
N LEU J 164 -31.49 -19.91 -9.79
CA LEU J 164 -32.27 -19.91 -11.02
C LEU J 164 -32.71 -18.48 -11.33
N GLY J 165 -33.33 -18.30 -12.49
CA GLY J 165 -33.84 -16.98 -12.84
C GLY J 165 -34.29 -16.86 -14.28
N CYS J 166 -35.23 -15.94 -14.53
CA CYS J 166 -35.73 -15.65 -15.86
C CYS J 166 -35.43 -14.18 -16.18
N LEU J 167 -34.94 -13.94 -17.40
CA LEU J 167 -34.50 -12.61 -17.80
C LEU J 167 -35.55 -11.97 -18.70
N VAL J 168 -35.95 -10.76 -18.34
CA VAL J 168 -36.95 -9.99 -19.08
C VAL J 168 -36.27 -8.78 -19.67
N LYS J 169 -36.44 -8.57 -20.98
CA LYS J 169 -35.83 -7.43 -21.64
C LYS J 169 -36.60 -7.10 -22.90
N ASP J 170 -36.36 -5.91 -23.43
CA ASP J 170 -37.10 -5.35 -24.55
C ASP J 170 -38.58 -5.16 -24.20
N TYR J 171 -38.81 -4.31 -23.18
CA TYR J 171 -40.17 -3.98 -22.78
C TYR J 171 -40.26 -2.48 -22.53
N PHE J 172 -41.35 -1.88 -23.02
CA PHE J 172 -41.60 -0.46 -22.83
C PHE J 172 -43.10 -0.24 -22.86
N PRO J 173 -43.67 0.57 -21.94
CA PRO J 173 -43.04 1.30 -20.83
C PRO J 173 -43.03 0.51 -19.53
N GLU J 174 -42.39 1.07 -18.50
CA GLU J 174 -42.39 0.44 -17.18
C GLU J 174 -43.79 0.48 -16.59
N PRO J 175 -44.07 -0.36 -15.58
CA PRO J 175 -43.23 -1.39 -14.96
C PRO J 175 -43.70 -2.80 -15.32
N VAL J 176 -43.04 -3.82 -14.80
CA VAL J 176 -43.45 -5.21 -14.98
C VAL J 176 -43.37 -5.91 -13.64
N THR J 177 -44.13 -7.00 -13.52
CA THR J 177 -44.18 -7.80 -12.31
C THR J 177 -43.90 -9.25 -12.64
N VAL J 178 -43.19 -9.94 -11.75
CA VAL J 178 -42.82 -11.34 -11.94
C VAL J 178 -43.21 -12.12 -10.70
N SER J 179 -43.81 -13.29 -10.91
CA SER J 179 -44.18 -14.20 -9.83
C SER J 179 -43.72 -15.60 -10.20
N TRP J 180 -43.34 -16.37 -9.17
CA TRP J 180 -42.83 -17.71 -9.34
C TRP J 180 -43.88 -18.72 -8.86
N ASN J 181 -44.22 -19.68 -9.71
CA ASN J 181 -45.18 -20.72 -9.38
C ASN J 181 -46.50 -20.12 -8.91
N SER J 182 -46.98 -19.12 -9.65
CA SER J 182 -48.25 -18.48 -9.36
C SER J 182 -48.27 -17.92 -7.94
N GLY J 183 -47.14 -17.39 -7.50
CA GLY J 183 -47.03 -16.84 -6.17
C GLY J 183 -46.85 -17.84 -5.07
N ALA J 184 -46.71 -19.13 -5.39
CA ALA J 184 -46.53 -20.15 -4.36
C ALA J 184 -45.14 -20.11 -3.74
N LEU J 185 -44.15 -19.56 -4.45
CA LEU J 185 -42.78 -19.48 -3.96
C LEU J 185 -42.43 -18.01 -3.76
N THR J 186 -42.15 -17.64 -2.51
CA THR J 186 -41.78 -16.26 -2.19
C THR J 186 -40.65 -16.21 -1.16
N SER J 187 -39.82 -17.26 -1.10
CA SER J 187 -38.69 -17.32 -0.19
C SER J 187 -37.41 -17.15 -1.00
N GLY J 188 -36.59 -16.18 -0.62
CA GLY J 188 -35.36 -15.92 -1.33
C GLY J 188 -35.59 -15.48 -2.77
N VAL J 189 -36.51 -14.55 -2.98
CA VAL J 189 -36.83 -14.03 -4.30
C VAL J 189 -36.32 -12.60 -4.40
N HIS J 190 -35.59 -12.31 -5.48
CA HIS J 190 -35.07 -10.99 -5.75
C HIS J 190 -35.57 -10.51 -7.09
N THR J 191 -35.95 -9.23 -7.17
CA THR J 191 -36.41 -8.61 -8.41
C THR J 191 -35.64 -7.29 -8.55
N PHE J 192 -34.55 -7.33 -9.31
CA PHE J 192 -33.70 -6.15 -9.43
C PHE J 192 -34.43 -5.02 -10.15
N PRO J 193 -34.12 -3.77 -9.81
CA PRO J 193 -34.81 -2.65 -10.46
C PRO J 193 -34.48 -2.57 -11.94
N ALA J 194 -35.43 -2.04 -12.70
CA ALA J 194 -35.27 -1.91 -14.14
C ALA J 194 -34.13 -0.97 -14.48
N VAL J 195 -33.43 -1.28 -15.57
CA VAL J 195 -32.30 -0.49 -16.04
C VAL J 195 -32.60 -0.02 -17.46
N LEU J 196 -32.37 1.26 -17.71
CA LEU J 196 -32.62 1.83 -19.03
C LEU J 196 -31.55 1.39 -20.00
N GLN J 197 -31.94 0.60 -21.01
CA GLN J 197 -30.98 0.14 -21.99
C GLN J 197 -30.59 1.28 -22.93
N SER J 198 -29.50 1.05 -23.68
CA SER J 198 -28.98 2.10 -24.55
C SER J 198 -29.98 2.47 -25.63
N SER J 199 -30.65 1.48 -26.23
CA SER J 199 -31.54 1.76 -27.33
C SER J 199 -32.70 2.66 -26.91
N GLY J 200 -33.26 2.41 -25.72
CA GLY J 200 -34.40 3.17 -25.25
C GLY J 200 -35.42 2.30 -24.55
N LEU J 201 -35.18 1.00 -24.51
CA LEU J 201 -36.07 0.06 -23.85
C LEU J 201 -35.55 -0.20 -22.43
N TYR J 202 -36.12 -1.21 -21.77
CA TYR J 202 -35.76 -1.54 -20.40
C TYR J 202 -35.36 -3.00 -20.31
N SER J 203 -34.89 -3.39 -19.12
CA SER J 203 -34.57 -4.77 -18.82
C SER J 203 -34.76 -5.01 -17.33
N LEU J 204 -34.99 -6.27 -16.97
CA LEU J 204 -35.28 -6.64 -15.60
C LEU J 204 -34.92 -8.10 -15.41
N SER J 205 -34.50 -8.44 -14.19
CA SER J 205 -34.05 -9.79 -13.87
C SER J 205 -34.67 -10.23 -12.55
N SER J 206 -34.85 -11.55 -12.43
CA SER J 206 -35.36 -12.15 -11.20
C SER J 206 -34.55 -13.41 -10.93
N VAL J 207 -34.26 -13.67 -9.65
CA VAL J 207 -33.39 -14.78 -9.28
C VAL J 207 -33.87 -15.36 -7.96
N VAL J 208 -33.81 -16.68 -7.86
CA VAL J 208 -34.20 -17.42 -6.66
C VAL J 208 -33.17 -18.50 -6.40
N THR J 209 -32.81 -18.68 -5.13
CA THR J 209 -31.87 -19.71 -4.72
C THR J 209 -32.62 -20.81 -4.00
N VAL J 210 -32.39 -22.06 -4.40
CA VAL J 210 -33.13 -23.20 -3.86
C VAL J 210 -32.16 -24.35 -3.63
N PRO J 211 -32.55 -25.31 -2.80
CA PRO J 211 -31.66 -26.45 -2.53
C PRO J 211 -31.30 -27.21 -3.80
N SER J 212 -30.07 -27.71 -3.85
CA SER J 212 -29.60 -28.40 -5.04
C SER J 212 -30.44 -29.63 -5.33
N SER J 213 -30.79 -30.39 -4.30
CA SER J 213 -31.56 -31.62 -4.50
C SER J 213 -32.96 -31.36 -5.05
N SER J 214 -33.44 -30.11 -5.01
CA SER J 214 -34.77 -29.76 -5.47
C SER J 214 -34.75 -29.17 -6.88
N LEU J 215 -33.83 -29.64 -7.73
CA LEU J 215 -33.67 -29.10 -9.08
C LEU J 215 -34.50 -29.88 -10.09
N GLY J 216 -34.25 -31.18 -10.22
CA GLY J 216 -34.91 -32.03 -11.18
C GLY J 216 -36.18 -32.70 -10.69
N THR J 217 -36.63 -32.40 -9.48
CA THR J 217 -37.80 -33.04 -8.90
C THR J 217 -38.97 -32.08 -8.70
N GLN J 218 -38.84 -30.83 -9.14
CA GLN J 218 -39.90 -29.84 -9.00
C GLN J 218 -40.01 -29.04 -10.28
N THR J 219 -41.18 -28.45 -10.50
CA THR J 219 -41.45 -27.63 -11.67
C THR J 219 -41.30 -26.16 -11.29
N TYR J 220 -40.37 -25.47 -11.93
CA TYR J 220 -40.16 -24.05 -11.73
C TYR J 220 -40.57 -23.30 -12.98
N ILE J 221 -41.47 -22.33 -12.83
CA ILE J 221 -42.00 -21.57 -13.95
C ILE J 221 -41.91 -20.08 -13.61
N CYS J 222 -41.45 -19.29 -14.56
CA CYS J 222 -41.39 -17.84 -14.40
C CYS J 222 -42.66 -17.24 -14.97
N ASN J 223 -43.45 -16.58 -14.12
CA ASN J 223 -44.71 -15.96 -14.52
C ASN J 223 -44.49 -14.46 -14.69
N VAL J 224 -44.72 -13.97 -15.90
CA VAL J 224 -44.50 -12.57 -16.24
C VAL J 224 -45.78 -12.02 -16.86
N ASN J 225 -46.19 -10.84 -16.41
CA ASN J 225 -47.36 -10.15 -16.96
C ASN J 225 -47.00 -8.71 -17.26
N HIS J 226 -47.57 -8.17 -18.34
CA HIS J 226 -47.32 -6.79 -18.76
C HIS J 226 -48.67 -6.22 -19.19
N LYS J 227 -49.33 -5.51 -18.27
CA LYS J 227 -50.64 -4.95 -18.59
C LYS J 227 -50.61 -3.98 -19.76
N PRO J 228 -49.66 -3.05 -19.86
CA PRO J 228 -49.71 -2.07 -20.96
C PRO J 228 -49.77 -2.71 -22.33
N SER J 229 -49.24 -3.91 -22.50
CA SER J 229 -49.34 -4.65 -23.75
C SER J 229 -50.22 -5.89 -23.63
N ASN J 230 -50.99 -6.00 -22.54
CA ASN J 230 -51.84 -7.16 -22.26
C ASN J 230 -51.12 -8.46 -22.61
N THR J 231 -49.97 -8.63 -21.99
CA THR J 231 -49.08 -9.77 -22.25
C THR J 231 -48.90 -10.57 -20.98
N LYS J 232 -48.97 -11.90 -21.13
CA LYS J 232 -48.71 -12.82 -20.02
C LYS J 232 -48.00 -14.04 -20.59
N VAL J 233 -46.79 -14.30 -20.12
CA VAL J 233 -45.95 -15.37 -20.65
C VAL J 233 -45.43 -16.20 -19.48
N ASP J 234 -45.49 -17.52 -19.62
CA ASP J 234 -44.93 -18.46 -18.66
C ASP J 234 -43.81 -19.23 -19.34
N LYS J 235 -42.63 -19.22 -18.71
CA LYS J 235 -41.46 -19.89 -19.26
C LYS J 235 -40.88 -20.83 -18.21
N ARG J 236 -40.74 -22.10 -18.57
CA ARG J 236 -40.14 -23.09 -17.68
C ARG J 236 -38.63 -22.85 -17.59
N VAL J 237 -38.09 -23.13 -16.41
CA VAL J 237 -36.65 -23.03 -16.16
C VAL J 237 -36.17 -24.41 -15.71
N GLU J 238 -35.26 -24.99 -16.48
CA GLU J 238 -34.74 -26.33 -16.22
C GLU J 238 -33.26 -26.36 -16.56
N PRO J 239 -32.51 -27.28 -15.95
CA PRO J 239 -31.08 -27.36 -16.26
C PRO J 239 -30.84 -27.78 -17.71
N LYS J 240 -29.73 -27.29 -18.27
CA LYS J 240 -29.39 -27.62 -19.64
C LYS J 240 -29.11 -29.11 -19.78
N SER J 241 -29.62 -29.69 -20.87
CA SER J 241 -29.34 -31.10 -21.16
C SER J 241 -27.88 -31.27 -21.56
N CYS J 242 -27.27 -32.35 -21.07
CA CYS J 242 -25.89 -32.64 -21.39
C CYS J 242 -25.62 -34.14 -21.32
N THR K 26 -16.94 15.28 -46.31
CA THR K 26 -16.11 14.63 -45.30
C THR K 26 -15.15 15.62 -44.65
N GLN K 27 -15.21 15.72 -43.33
CA GLN K 27 -14.38 16.63 -42.56
C GLN K 27 -13.68 15.88 -41.44
N PRO K 28 -12.54 16.37 -40.96
CA PRO K 28 -11.89 15.73 -39.84
C PRO K 28 -12.77 15.77 -38.61
N PRO K 29 -12.71 14.75 -37.76
CA PRO K 29 -13.60 14.74 -36.58
C PRO K 29 -13.34 15.91 -35.63
N SER K 30 -12.08 16.15 -35.27
CA SER K 30 -11.76 17.20 -34.33
C SER K 30 -10.42 17.81 -34.70
N VAL K 31 -10.23 19.07 -34.30
CA VAL K 31 -8.98 19.80 -34.52
C VAL K 31 -8.63 20.52 -33.23
N SER K 32 -7.36 20.43 -32.84
CA SER K 32 -6.87 21.00 -31.58
C SER K 32 -5.67 21.88 -31.88
N VAL K 33 -5.71 23.12 -31.40
CA VAL K 33 -4.66 24.09 -31.67
C VAL K 33 -4.52 25.01 -30.47
N ALA K 34 -3.31 25.55 -30.30
CA ALA K 34 -3.03 26.48 -29.22
C ALA K 34 -3.45 27.90 -29.61
N PRO K 35 -3.71 28.75 -28.62
CA PRO K 35 -4.13 30.13 -28.93
C PRO K 35 -3.07 30.87 -29.72
N GLY K 36 -3.53 31.73 -30.62
CA GLY K 36 -2.65 32.53 -31.45
C GLY K 36 -2.07 31.81 -32.64
N GLN K 37 -2.40 30.54 -32.83
CA GLN K 37 -1.87 29.74 -33.91
C GLN K 37 -2.86 29.69 -35.08
N THR K 38 -2.39 29.18 -36.21
CA THR K 38 -3.20 29.05 -37.42
C THR K 38 -3.77 27.65 -37.50
N ALA K 39 -5.08 27.56 -37.69
CA ALA K 39 -5.78 26.29 -37.81
C ALA K 39 -6.50 26.24 -39.14
N SER K 40 -6.50 25.06 -39.76
CA SER K 40 -7.13 24.84 -41.06
C SER K 40 -8.17 23.73 -40.94
N ILE K 41 -9.37 24.01 -41.46
CA ILE K 41 -10.46 23.04 -41.49
C ILE K 41 -10.70 22.69 -42.95
N THR K 42 -10.65 21.40 -43.27
CA THR K 42 -10.69 20.92 -44.64
C THR K 42 -12.03 20.24 -44.92
N CYS K 43 -12.71 20.68 -45.97
CA CYS K 43 -13.92 20.04 -46.47
C CYS K 43 -13.60 19.42 -47.82
N SER K 44 -13.68 18.10 -47.90
CA SER K 44 -13.26 17.36 -49.09
C SER K 44 -14.48 16.88 -49.87
N GLY K 45 -14.31 16.77 -51.19
CA GLY K 45 -15.36 16.29 -52.06
C GLY K 45 -15.02 16.44 -53.53
N ASP K 46 -15.34 15.42 -54.33
CA ASP K 46 -15.10 15.51 -55.76
C ASP K 46 -15.92 16.63 -56.38
N LYS K 47 -15.28 17.41 -57.25
CA LYS K 47 -15.88 18.58 -57.90
C LYS K 47 -16.14 19.71 -56.92
N LEU K 48 -15.68 19.58 -55.67
CA LEU K 48 -15.86 20.67 -54.71
C LEU K 48 -15.09 21.91 -55.15
N GLY K 49 -13.88 21.72 -55.69
CA GLY K 49 -13.14 22.86 -56.22
C GLY K 49 -13.90 23.57 -57.32
N ASP K 50 -14.55 22.82 -58.19
CA ASP K 50 -15.38 23.43 -59.23
C ASP K 50 -16.54 24.19 -58.59
N LYS K 51 -17.18 23.59 -57.58
CA LYS K 51 -18.29 24.24 -56.90
C LYS K 51 -17.78 25.21 -55.84
N TYR K 52 -18.71 25.91 -55.21
CA TYR K 52 -18.39 26.82 -54.13
C TYR K 52 -18.67 26.14 -52.78
N VAL K 53 -18.42 26.88 -51.71
CA VAL K 53 -18.59 26.34 -50.36
C VAL K 53 -18.98 27.47 -49.42
N SER K 54 -19.80 27.14 -48.42
CA SER K 54 -20.17 28.07 -47.36
C SER K 54 -19.89 27.41 -46.02
N TRP K 55 -19.52 28.23 -45.03
CA TRP K 55 -19.15 27.75 -43.71
C TRP K 55 -20.05 28.39 -42.66
N TYR K 56 -20.50 27.58 -41.71
CA TYR K 56 -21.34 28.04 -40.61
C TYR K 56 -20.70 27.65 -39.29
N GLN K 57 -20.83 28.54 -38.30
CA GLN K 57 -20.33 28.29 -36.96
C GLN K 57 -21.51 28.22 -35.99
N GLN K 58 -21.53 27.17 -35.17
CA GLN K 58 -22.62 26.95 -34.21
C GLN K 58 -22.01 26.68 -32.84
N ARG K 59 -22.25 27.58 -31.89
CA ARG K 59 -21.82 27.36 -30.53
C ARG K 59 -22.76 26.39 -29.83
N PRO K 60 -22.30 25.74 -28.76
CA PRO K 60 -23.17 24.77 -28.07
C PRO K 60 -24.46 25.43 -27.61
N GLY K 61 -25.58 24.85 -28.02
CA GLY K 61 -26.89 25.37 -27.65
C GLY K 61 -27.29 26.63 -28.40
N GLN K 62 -26.56 27.01 -29.44
CA GLN K 62 -26.84 28.21 -30.20
C GLN K 62 -27.00 27.87 -31.67
N SER K 63 -27.85 28.64 -32.36
CA SER K 63 -28.07 28.39 -33.77
C SER K 63 -26.80 28.68 -34.57
N PRO K 64 -26.53 27.92 -35.63
CA PRO K 64 -25.32 28.19 -36.43
C PRO K 64 -25.36 29.57 -37.06
N VAL K 65 -24.18 30.17 -37.20
CA VAL K 65 -24.02 31.48 -37.83
C VAL K 65 -23.00 31.34 -38.95
N LEU K 66 -23.30 31.96 -40.10
CA LEU K 66 -22.39 31.90 -41.23
C LEU K 66 -21.06 32.55 -40.88
N VAL K 67 -19.98 31.99 -41.42
CA VAL K 67 -18.64 32.53 -41.20
C VAL K 67 -17.99 32.87 -42.52
N LEU K 68 -18.41 32.20 -43.59
CA LEU K 68 -17.84 32.43 -44.91
C LEU K 68 -18.76 31.86 -45.98
N TYR K 69 -18.84 32.56 -47.10
CA TYR K 69 -19.64 32.12 -48.24
C TYR K 69 -18.86 32.39 -49.52
N GLN K 70 -19.18 31.61 -50.55
CA GLN K 70 -18.54 31.73 -51.87
C GLN K 70 -17.01 31.68 -51.72
N ASP K 71 -16.54 30.60 -51.11
CA ASP K 71 -15.11 30.36 -50.95
C ASP K 71 -14.47 31.39 -50.02
N SER K 72 -14.30 32.63 -50.50
CA SER K 72 -13.63 33.67 -49.73
C SER K 72 -14.53 34.83 -49.35
N LYS K 73 -15.71 34.94 -49.96
CA LYS K 73 -16.61 36.04 -49.65
C LYS K 73 -16.99 36.00 -48.17
N ARG K 74 -16.91 37.16 -47.51
CA ARG K 74 -17.23 37.27 -46.10
C ARG K 74 -18.21 38.41 -45.88
N PRO K 75 -19.14 38.27 -44.93
CA PRO K 75 -20.11 39.36 -44.66
C PRO K 75 -19.51 40.47 -43.81
N PRO K 79 -14.64 39.67 -37.23
CA PRO K 79 -13.26 40.10 -37.49
C PRO K 79 -12.70 39.53 -38.79
N GLU K 80 -11.44 39.84 -39.08
CA GLU K 80 -10.78 39.35 -40.29
C GLU K 80 -10.00 38.07 -40.06
N ARG K 81 -10.06 37.49 -38.86
CA ARG K 81 -9.33 36.26 -38.59
C ARG K 81 -9.80 35.11 -39.47
N PHE K 82 -11.01 35.19 -40.02
CA PHE K 82 -11.53 34.15 -40.87
C PHE K 82 -10.86 34.22 -42.25
N SER K 83 -10.64 33.06 -42.84
CA SER K 83 -10.05 32.97 -44.17
C SER K 83 -10.34 31.60 -44.74
N GLY K 84 -10.79 31.56 -45.99
CA GLY K 84 -11.17 30.30 -46.61
C GLY K 84 -10.76 30.28 -48.08
N SER K 85 -10.63 29.06 -48.60
CA SER K 85 -10.28 28.84 -49.98
C SER K 85 -10.93 27.55 -50.47
N ASN K 86 -11.07 27.44 -51.78
CA ASN K 86 -11.69 26.26 -52.38
C ASN K 86 -11.06 26.01 -53.74
N SER K 87 -10.41 24.86 -53.89
CA SER K 87 -9.78 24.50 -55.15
C SER K 87 -9.60 22.99 -55.19
N GLY K 88 -9.41 22.47 -56.40
CA GLY K 88 -9.21 21.04 -56.59
C GLY K 88 -10.31 20.21 -55.98
N ASN K 89 -9.98 19.43 -54.95
CA ASN K 89 -10.95 18.59 -54.27
C ASN K 89 -10.99 18.89 -52.76
N THR K 90 -10.53 20.06 -52.35
CA THR K 90 -10.50 20.41 -50.93
C THR K 90 -10.68 21.91 -50.77
N ALA K 91 -11.47 22.29 -49.77
CA ALA K 91 -11.63 23.69 -49.37
C ALA K 91 -11.17 23.82 -47.93
N THR K 92 -10.26 24.76 -47.68
CA THR K 92 -9.64 24.92 -46.37
C THR K 92 -10.20 26.16 -45.68
N LEU K 93 -10.65 25.99 -44.45
CA LEU K 93 -11.09 27.09 -43.61
C LEU K 93 -9.96 27.42 -42.64
N THR K 94 -9.28 28.54 -42.90
CA THR K 94 -8.11 28.93 -42.14
C THR K 94 -8.47 30.04 -41.17
N ILE K 95 -8.03 29.90 -39.92
CA ILE K 95 -8.25 30.89 -38.87
C ILE K 95 -6.89 31.35 -38.37
N SER K 96 -6.77 32.65 -38.11
CA SER K 96 -5.55 33.26 -37.63
C SER K 96 -5.78 33.93 -36.28
N GLY K 97 -4.80 33.82 -35.40
CA GLY K 97 -4.92 34.39 -34.07
C GLY K 97 -6.01 33.75 -33.25
N THR K 98 -6.05 32.41 -33.25
CA THR K 98 -7.10 31.70 -32.52
C THR K 98 -7.07 32.09 -31.05
N GLN K 99 -8.26 32.30 -30.48
CA GLN K 99 -8.41 32.70 -29.09
C GLN K 99 -9.55 31.89 -28.46
N ALA K 100 -9.78 32.13 -27.17
CA ALA K 100 -10.67 31.28 -26.40
C ALA K 100 -12.12 31.31 -26.89
N MET K 101 -12.49 32.32 -27.67
CA MET K 101 -13.88 32.47 -28.12
C MET K 101 -14.07 31.95 -29.54
N ASP K 102 -13.07 31.28 -30.12
CA ASP K 102 -13.18 30.71 -31.45
C ASP K 102 -13.62 29.25 -31.44
N GLU K 103 -13.84 28.66 -30.28
CA GLU K 103 -14.24 27.25 -30.23
C GLU K 103 -15.70 27.09 -30.65
N ALA K 104 -15.94 26.14 -31.55
CA ALA K 104 -17.29 25.87 -32.04
C ALA K 104 -17.28 24.68 -32.99
N ASP K 105 -18.46 24.30 -33.49
CA ASP K 105 -18.58 23.26 -34.49
C ASP K 105 -18.85 23.89 -35.85
N TYR K 106 -18.01 23.55 -36.82
CA TYR K 106 -18.07 24.13 -38.16
C TYR K 106 -18.62 23.11 -39.15
N TYR K 107 -19.33 23.62 -40.15
CA TYR K 107 -19.93 22.78 -41.18
C TYR K 107 -19.62 23.33 -42.56
N CYS K 108 -19.57 22.43 -43.54
CA CYS K 108 -19.27 22.77 -44.92
C CYS K 108 -20.50 22.53 -45.78
N GLN K 109 -20.94 23.56 -46.49
CA GLN K 109 -22.17 23.52 -47.26
C GLN K 109 -21.85 23.53 -48.75
N ALA K 110 -22.53 22.67 -49.51
CA ALA K 110 -22.35 22.60 -50.95
C ALA K 110 -23.64 22.08 -51.56
N TRP K 111 -23.79 22.33 -52.86
CA TRP K 111 -24.96 21.92 -53.62
C TRP K 111 -24.60 20.85 -54.62
N ASP K 112 -25.47 19.87 -54.78
CA ASP K 112 -25.25 18.77 -55.72
C ASP K 112 -26.54 18.05 -56.04
N ALA K 115 -29.51 19.24 -54.84
CA ALA K 115 -29.81 18.94 -53.44
C ALA K 115 -28.77 19.58 -52.53
N LEU K 116 -29.19 19.92 -51.31
CA LEU K 116 -28.31 20.50 -50.31
C LEU K 116 -27.65 19.38 -49.51
N VAL K 117 -26.32 19.37 -49.49
CA VAL K 117 -25.55 18.35 -48.80
C VAL K 117 -24.72 19.03 -47.72
N PHE K 118 -24.85 18.54 -46.49
CA PHE K 118 -24.12 19.06 -45.35
C PHE K 118 -23.15 18.00 -44.84
N GLY K 119 -21.87 18.35 -44.76
CA GLY K 119 -20.86 17.42 -44.30
C GLY K 119 -20.84 17.30 -42.79
N GLY K 120 -20.12 16.27 -42.32
CA GLY K 120 -19.95 16.07 -40.90
C GLY K 120 -19.27 17.24 -40.23
N GLY K 121 -19.81 17.70 -39.10
CA GLY K 121 -19.24 18.84 -38.43
C GLY K 121 -17.86 18.56 -37.85
N THR K 122 -17.10 19.64 -37.68
CA THR K 122 -15.76 19.57 -37.12
C THR K 122 -15.70 20.44 -35.87
N LYS K 123 -15.03 19.94 -34.83
CA LYS K 123 -14.94 20.60 -33.55
C LYS K 123 -13.54 21.18 -33.37
N LEU K 124 -13.48 22.44 -32.94
CA LEU K 124 -12.22 23.14 -32.71
C LEU K 124 -12.13 23.54 -31.25
N THR K 125 -10.95 23.35 -30.65
CA THR K 125 -10.74 23.60 -29.24
C THR K 125 -9.54 24.53 -29.05
N VAL K 126 -9.61 25.33 -28.00
CA VAL K 126 -8.56 26.29 -27.64
C VAL K 126 -7.88 25.75 -26.38
N LEU K 127 -6.68 25.21 -26.54
CA LEU K 127 -6.06 24.45 -25.46
C LEU K 127 -5.60 25.36 -24.32
N ARG K 128 -4.66 26.27 -24.62
CA ARG K 128 -3.82 26.92 -23.63
C ARG K 128 -2.80 25.90 -23.12
N THR K 129 -1.62 26.37 -22.75
CA THR K 129 -0.50 25.50 -22.42
C THR K 129 -0.26 25.47 -20.91
N VAL K 130 0.38 24.40 -20.46
CA VAL K 130 0.71 24.28 -19.04
C VAL K 130 1.63 25.43 -18.64
N ALA K 131 1.70 25.68 -17.33
CA ALA K 131 2.56 26.71 -16.78
C ALA K 131 2.90 26.36 -15.35
N ALA K 132 4.16 26.53 -14.98
CA ALA K 132 4.58 26.25 -13.62
C ALA K 132 4.16 27.37 -12.67
N PRO K 133 3.85 27.05 -11.42
CA PRO K 133 3.52 28.11 -10.46
C PRO K 133 4.73 28.61 -9.70
N SER K 134 4.82 29.93 -9.57
CA SER K 134 5.89 30.56 -8.78
C SER K 134 5.46 30.55 -7.32
N VAL K 135 6.17 29.79 -6.50
CA VAL K 135 5.78 29.55 -5.11
C VAL K 135 6.56 30.50 -4.20
N PHE K 136 5.85 31.15 -3.28
CA PHE K 136 6.44 32.05 -2.31
C PHE K 136 6.02 31.63 -0.91
N ILE K 137 6.88 31.92 0.06
CA ILE K 137 6.57 31.68 1.47
C ILE K 137 6.95 32.91 2.26
N PHE K 138 6.04 33.39 3.11
CA PHE K 138 6.27 34.56 3.94
C PHE K 138 6.21 34.18 5.41
N PRO K 139 7.14 34.65 6.23
CA PRO K 139 7.11 34.30 7.66
C PRO K 139 5.93 34.96 8.35
N PRO K 140 5.72 34.66 9.63
CA PRO K 140 4.67 35.36 10.38
C PRO K 140 5.19 36.70 10.90
N SER K 141 4.36 37.73 10.74
CA SER K 141 4.78 39.06 11.14
C SER K 141 5.27 39.07 12.57
N ASP K 142 6.04 40.10 12.91
CA ASP K 142 6.62 40.23 14.24
C ASP K 142 5.68 40.94 15.23
N GLU K 143 4.48 41.30 14.80
CA GLU K 143 3.49 41.90 15.67
C GLU K 143 2.45 40.87 16.13
N GLN K 144 2.00 40.01 15.21
CA GLN K 144 1.05 38.97 15.55
C GLN K 144 1.53 38.18 16.76
N LEU K 145 2.84 37.93 16.83
CA LEU K 145 3.38 37.16 17.95
C LEU K 145 2.99 37.80 19.29
N LYS K 146 3.01 39.12 19.35
CA LYS K 146 2.54 39.80 20.57
C LYS K 146 1.08 39.51 20.85
N SER K 147 0.31 39.10 19.84
CA SER K 147 -1.07 38.69 20.03
C SER K 147 -1.21 37.19 20.27
N GLY K 148 -0.10 36.46 20.37
CA GLY K 148 -0.14 35.04 20.64
C GLY K 148 -0.80 34.23 19.54
N THR K 149 -0.42 34.49 18.29
CA THR K 149 -0.93 33.71 17.17
C THR K 149 -0.05 33.97 15.96
N ALA K 150 0.33 32.90 15.26
CA ALA K 150 1.20 32.99 14.09
C ALA K 150 0.45 32.50 12.86
N SER K 151 0.78 33.08 11.71
CA SER K 151 0.15 32.71 10.44
C SER K 151 1.22 32.66 9.37
N VAL K 152 1.57 31.46 8.95
CA VAL K 152 2.52 31.25 7.85
C VAL K 152 1.73 31.05 6.57
N VAL K 153 2.05 31.83 5.55
CA VAL K 153 1.28 31.84 4.29
C VAL K 153 2.21 31.45 3.15
N CYS K 154 1.78 30.47 2.34
CA CYS K 154 2.51 30.01 1.18
C CYS K 154 1.65 30.30 -0.04
N LEU K 155 2.17 31.10 -0.97
CA LEU K 155 1.40 31.64 -2.08
C LEU K 155 1.85 31.04 -3.40
N LEU K 156 0.89 30.77 -4.28
CA LEU K 156 1.16 30.25 -5.61
C LEU K 156 0.70 31.26 -6.65
N ASN K 157 1.58 31.61 -7.57
CA ASN K 157 1.30 32.65 -8.55
C ASN K 157 0.70 32.02 -9.81
N ASN K 158 0.65 32.79 -10.90
CA ASN K 158 -0.08 32.37 -12.10
C ASN K 158 0.30 30.96 -12.53
N PHE K 159 -0.71 30.13 -12.74
CA PHE K 159 -0.55 28.79 -13.29
C PHE K 159 -1.89 28.35 -13.86
N TYR K 160 -1.86 27.77 -15.06
CA TYR K 160 -3.11 27.49 -15.75
C TYR K 160 -3.84 26.28 -15.16
N PRO K 161 -3.23 25.09 -15.14
CA PRO K 161 -3.97 23.91 -14.67
C PRO K 161 -4.40 24.08 -13.22
N ARG K 162 -5.72 24.11 -13.01
CA ARG K 162 -6.24 24.44 -11.69
C ARG K 162 -5.73 23.46 -10.63
N GLU K 163 -5.67 22.18 -10.97
CA GLU K 163 -5.28 21.16 -10.00
C GLU K 163 -3.91 21.48 -9.41
N ALA K 164 -3.87 21.72 -8.11
CA ALA K 164 -2.62 22.01 -7.40
C ALA K 164 -2.74 21.47 -5.98
N LYS K 165 -1.60 21.28 -5.34
CA LYS K 165 -1.57 20.65 -4.02
C LYS K 165 -0.39 21.19 -3.22
N VAL K 166 -0.66 21.66 -2.01
CA VAL K 166 0.37 22.19 -1.12
C VAL K 166 0.37 21.36 0.16
N GLN K 167 1.53 21.23 0.78
CA GLN K 167 1.68 20.44 2.01
C GLN K 167 2.55 21.20 2.99
N TRP K 168 2.02 21.44 4.19
CA TRP K 168 2.76 22.12 5.24
C TRP K 168 3.41 21.08 6.15
N LYS K 169 4.73 20.92 6.03
CA LYS K 169 5.49 20.02 6.88
C LYS K 169 6.43 20.85 7.72
N VAL K 170 6.17 20.92 9.02
CA VAL K 170 6.96 21.71 9.95
C VAL K 170 7.94 20.77 10.65
N ASP K 171 9.23 21.06 10.52
CA ASP K 171 10.28 20.23 11.10
C ASP K 171 10.17 18.79 10.63
N ASN K 172 9.91 18.61 9.33
CA ASN K 172 9.82 17.28 8.72
C ASN K 172 8.77 16.42 9.42
N ALA K 173 7.52 16.90 9.37
CA ALA K 173 6.40 16.16 9.90
C ALA K 173 5.14 16.72 9.27
N LEU K 174 4.49 15.94 8.40
CA LEU K 174 3.31 16.42 7.70
C LEU K 174 2.27 16.93 8.67
N GLN K 175 1.31 17.71 8.19
CA GLN K 175 0.29 18.29 9.05
C GLN K 175 -1.04 18.32 8.30
N SER K 176 -2.12 18.41 9.06
CA SER K 176 -3.45 18.42 8.46
C SER K 176 -4.45 19.00 9.44
N GLY K 177 -5.50 19.62 8.89
CA GLY K 177 -6.59 20.15 9.69
C GLY K 177 -6.43 21.58 10.13
N ASN K 178 -5.31 22.24 9.83
CA ASN K 178 -5.07 23.61 10.24
C ASN K 178 -4.50 24.43 9.09
N SER K 179 -5.16 24.35 7.93
CA SER K 179 -4.74 25.15 6.78
C SER K 179 -5.92 25.32 5.85
N GLN K 180 -6.06 26.52 5.29
CA GLN K 180 -7.18 26.87 4.43
C GLN K 180 -6.67 27.42 3.11
N GLU K 181 -7.33 27.05 2.02
CA GLU K 181 -6.95 27.47 0.67
C GLU K 181 -8.04 28.36 0.09
N SER K 182 -7.64 29.49 -0.48
CA SER K 182 -8.53 30.37 -1.20
C SER K 182 -7.94 30.66 -2.57
N VAL K 183 -8.79 30.65 -3.59
CA VAL K 183 -8.34 30.77 -4.97
C VAL K 183 -9.22 31.76 -5.71
N THR K 184 -8.63 32.45 -6.68
CA THR K 184 -9.35 33.43 -7.49
C THR K 184 -9.70 32.82 -8.84
N GLU K 185 -10.28 33.63 -9.72
CA GLU K 185 -10.65 33.20 -11.06
C GLU K 185 -9.65 33.75 -12.07
N GLN K 186 -9.51 33.04 -13.18
CA GLN K 186 -8.53 33.44 -14.19
C GLN K 186 -8.84 34.82 -14.73
N ASP K 187 -7.78 35.57 -15.03
CA ASP K 187 -7.95 36.90 -15.58
C ASP K 187 -8.61 36.86 -16.94
N SER K 188 -9.18 37.99 -17.35
CA SER K 188 -9.84 38.06 -18.65
C SER K 188 -8.90 37.65 -19.77
N LYS K 189 -7.82 38.39 -19.95
CA LYS K 189 -6.82 38.07 -20.98
C LYS K 189 -5.77 37.11 -20.46
N ASP K 190 -6.21 35.99 -19.89
CA ASP K 190 -5.32 34.98 -19.34
C ASP K 190 -6.18 33.81 -18.88
N SER K 191 -5.51 32.74 -18.46
CA SER K 191 -6.20 31.54 -17.98
C SER K 191 -5.49 30.95 -16.77
N THR K 192 -4.85 31.78 -15.95
CA THR K 192 -4.04 31.34 -14.84
C THR K 192 -4.73 31.68 -13.52
N TYR K 193 -4.74 30.72 -12.60
CA TYR K 193 -5.34 30.91 -11.29
C TYR K 193 -4.28 31.45 -10.31
N SER K 194 -4.61 31.45 -9.03
CA SER K 194 -3.66 31.84 -7.98
C SER K 194 -4.20 31.34 -6.65
N LEU K 195 -3.34 30.74 -5.84
CA LEU K 195 -3.75 30.04 -4.64
C LEU K 195 -2.93 30.53 -3.45
N SER K 196 -3.59 30.66 -2.30
CA SER K 196 -2.93 31.04 -1.06
C SER K 196 -3.35 30.07 0.03
N SER K 197 -2.37 29.47 0.70
CA SER K 197 -2.62 28.51 1.77
C SER K 197 -2.12 29.11 3.08
N THR K 198 -3.05 29.36 4.00
CA THR K 198 -2.73 29.98 5.28
C THR K 198 -2.69 28.91 6.36
N LEU K 199 -1.57 28.84 7.08
CA LEU K 199 -1.39 27.89 8.17
C LEU K 199 -1.35 28.65 9.48
N THR K 200 -2.32 28.38 10.35
CA THR K 200 -2.46 29.09 11.62
C THR K 200 -1.87 28.25 12.73
N LEU K 201 -0.87 28.79 13.41
CA LEU K 201 -0.17 28.12 14.50
C LEU K 201 -0.46 28.85 15.81
N SER K 202 -0.94 28.11 16.80
CA SER K 202 -1.19 28.72 18.10
C SER K 202 0.13 29.17 18.73
N LYS K 203 0.04 30.22 19.53
CA LYS K 203 1.23 30.71 20.21
C LYS K 203 1.79 29.64 21.13
N ALA K 204 3.11 29.65 21.29
CA ALA K 204 3.89 28.67 22.03
C ALA K 204 4.05 27.39 21.23
N ASP K 205 3.43 27.26 20.06
CA ASP K 205 3.73 26.19 19.13
C ASP K 205 4.71 26.62 18.05
N TYR K 206 4.58 27.85 17.55
CA TYR K 206 5.55 28.41 16.64
C TYR K 206 6.86 28.73 17.32
N GLU K 207 6.90 28.73 18.66
CA GLU K 207 8.13 28.99 19.39
C GLU K 207 9.13 27.84 19.30
N LYS K 208 8.73 26.70 18.72
CA LYS K 208 9.58 25.55 18.52
C LYS K 208 9.60 25.22 17.02
N HIS K 209 10.15 24.06 16.69
CA HIS K 209 10.18 23.60 15.30
C HIS K 209 10.95 24.60 14.42
N LYS K 210 12.25 24.65 14.67
CA LYS K 210 13.16 25.55 13.97
C LYS K 210 12.82 25.70 12.48
N VAL K 211 12.53 24.61 11.79
CA VAL K 211 12.45 24.59 10.33
C VAL K 211 10.99 24.50 9.90
N TYR K 212 10.60 25.38 8.97
CA TYR K 212 9.29 25.35 8.35
C TYR K 212 9.44 25.21 6.84
N ALA K 213 8.43 24.68 6.17
CA ALA K 213 8.54 24.43 4.74
C ALA K 213 7.15 24.32 4.13
N CYS K 214 7.12 24.46 2.80
CA CYS K 214 5.91 24.38 2.01
C CYS K 214 6.22 23.62 0.73
N GLU K 215 5.60 22.46 0.56
CA GLU K 215 5.87 21.58 -0.57
C GLU K 215 4.68 21.55 -1.51
N VAL K 216 4.94 21.78 -2.81
CA VAL K 216 3.89 21.91 -3.80
C VAL K 216 4.14 20.91 -4.93
N THR K 217 3.06 20.34 -5.46
CA THR K 217 3.11 19.45 -6.60
C THR K 217 2.12 19.93 -7.66
N HIS K 218 2.50 19.77 -8.92
CA HIS K 218 1.69 20.27 -10.03
C HIS K 218 2.35 19.82 -11.33
N GLN K 219 1.56 19.79 -12.40
CA GLN K 219 2.11 19.52 -13.71
C GLN K 219 3.15 20.58 -14.07
N GLY K 220 3.93 20.31 -15.09
CA GLY K 220 4.98 21.24 -15.48
C GLY K 220 6.21 21.16 -14.62
N LEU K 221 6.05 21.10 -13.30
CA LEU K 221 7.18 20.91 -12.42
C LEU K 221 7.74 19.51 -12.61
N SER K 222 9.05 19.42 -12.87
CA SER K 222 9.68 18.12 -13.04
C SER K 222 9.56 17.29 -11.77
N SER K 223 9.80 17.90 -10.62
CA SER K 223 9.68 17.24 -9.33
C SER K 223 9.12 18.25 -8.33
N PRO K 224 8.59 17.78 -7.21
CA PRO K 224 8.03 18.72 -6.22
C PRO K 224 9.09 19.72 -5.76
N VAL K 225 8.64 20.96 -5.59
CA VAL K 225 9.52 22.06 -5.17
C VAL K 225 9.07 22.53 -3.80
N THR K 226 9.99 22.57 -2.84
CA THR K 226 9.71 22.96 -1.48
C THR K 226 10.51 24.21 -1.15
N LYS K 227 9.82 25.22 -0.61
CA LYS K 227 10.45 26.45 -0.17
C LYS K 227 10.36 26.50 1.36
N SER K 228 11.51 26.62 2.01
CA SER K 228 11.60 26.50 3.47
C SER K 228 12.38 27.66 4.04
N PHE K 229 12.00 28.06 5.26
CA PHE K 229 12.66 29.16 5.96
C PHE K 229 12.86 28.78 7.41
N ASN K 230 14.06 29.05 7.93
CA ASN K 230 14.33 28.79 9.33
C ASN K 230 13.58 29.80 10.20
N ARG K 231 13.32 29.41 11.45
CA ARG K 231 12.54 30.27 12.33
C ARG K 231 13.20 31.63 12.51
N GLY K 232 14.39 31.64 13.09
CA GLY K 232 15.06 32.90 13.42
C GLY K 232 16.34 33.13 12.64
N GLU K 233 16.32 32.83 11.34
CA GLU K 233 17.51 33.04 10.52
C GLU K 233 17.93 34.50 10.52
N CYS K 234 16.97 35.41 10.41
CA CYS K 234 17.25 36.84 10.47
C CYS K 234 16.38 37.51 11.53
#